data_8JUB
#
_entry.id   8JUB
#
_cell.length_a   49.479
_cell.length_b   138.710
_cell.length_c   178.425
_cell.angle_alpha   90.00
_cell.angle_beta   93.09
_cell.angle_gamma   90.00
#
_symmetry.space_group_name_H-M   'P 1 21 1'
#
loop_
_entity.id
_entity.type
_entity.pdbx_description
1 polymer 'Glutaminase kidney isoform, mitochondrial'
2 non-polymer '3-[2-oxidanylidene-2-[[5-[[(3R)-1-pyridazin-3-ylpyrrolidin-3-yl]amino]-1,3,4-thiadiazol-2-yl]amino]ethyl]benzoic acid'
3 water water
#
_entity_poly.entity_id   1
_entity_poly.type   'polypeptide(L)'
_entity_poly.pdbx_seq_one_letter_code
;MGHHHHHHGLSSSPSEILQELGKGSTHPQPGVSPPAAPAAPGPKDGPGETDAFGNSEGKELVASGENKIKQGLLPSLEDL
LFYTIAEGQEKIPVHKFITALKSTGLRTSDPRLKECMDMLRLTLQTTSDGVMLDKDLFKKCVQSNIVLLTQAFRRKFVIP
DFMSFTSHIDELYESAKKQSGGKVADYIPQLAKFSPDLWGVSVCTVDGQRHSTGDTKVPFCLQSCVKPLKYAIAVNDLGT
EYVHRYVGKEPSGLRFNKLFLNEDDKPHNPMVNAGAIVVTSLIKQGVNNAEKFDYVMQFLNKMAGNEYVGFSNATFQSER
ESGDRNFAIGYYLKEKKCFPEGTDMVGILDFYFQLCSIEVTCESASVMAATLANGGFCPITGERVLSPEAVRNTLSLMHS
CGMYDFSGQFAFHVGLPAKSGVAGGILLVVPNVMGMMCWSPPLDKMGNSVKGIHFCHDLVSLCNFHNYDNLRHFAKKLDP
RREGGDQRHSFGPLDYESLQQELALKETVWKKVSPESNEDISTTVVYRMESLG
;
_entity_poly.pdbx_strand_id   A,B,C,D
#
# COMPACT_ATOMS: atom_id res chain seq x y z
N LEU A 77 62.99 17.33 3.66
CA LEU A 77 63.91 18.46 3.93
C LEU A 77 63.79 19.55 2.84
N GLU A 78 64.11 20.76 3.27
CA GLU A 78 64.01 22.00 2.50
C GLU A 78 65.02 21.98 1.35
N ASP A 79 66.20 21.37 1.60
CA ASP A 79 67.27 21.27 0.64
C ASP A 79 66.89 20.32 -0.49
N LEU A 80 66.48 19.10 -0.11
CA LEU A 80 65.96 18.12 -1.04
C LEU A 80 64.97 18.79 -2.00
N LEU A 81 63.98 19.49 -1.42
CA LEU A 81 62.94 20.16 -2.19
C LEU A 81 63.55 21.28 -3.03
N PHE A 82 64.56 21.98 -2.48
CA PHE A 82 65.25 23.02 -3.23
C PHE A 82 65.80 22.46 -4.55
N TYR A 83 66.46 21.29 -4.48
CA TYR A 83 67.11 20.69 -5.64
C TYR A 83 66.09 20.26 -6.70
N THR A 84 64.98 19.68 -6.25
CA THR A 84 63.87 19.26 -7.11
C THR A 84 63.39 20.41 -7.99
N ILE A 85 63.24 21.60 -7.40
CA ILE A 85 62.69 22.73 -8.14
C ILE A 85 63.82 23.47 -8.85
N ALA A 86 65.03 23.40 -8.31
CA ALA A 86 66.18 24.09 -8.89
C ALA A 86 66.69 23.33 -10.12
N GLU A 90 70.71 26.85 -9.49
CA GLU A 90 71.49 27.61 -8.46
C GLU A 90 70.55 28.46 -7.61
N LYS A 91 69.59 29.14 -8.27
CA LYS A 91 68.55 29.94 -7.64
C LYS A 91 67.22 29.70 -8.34
N ILE A 92 66.11 29.81 -7.59
CA ILE A 92 64.76 29.56 -8.08
C ILE A 92 64.04 30.90 -8.23
N PRO A 93 63.57 31.30 -9.44
CA PRO A 93 62.72 32.50 -9.54
C PRO A 93 61.42 32.20 -8.77
N VAL A 94 60.86 33.24 -8.12
CA VAL A 94 59.68 33.10 -7.27
C VAL A 94 58.50 32.61 -8.11
N HIS A 95 58.29 33.22 -9.28
CA HIS A 95 57.22 32.88 -10.20
C HIS A 95 57.26 31.38 -10.56
N LYS A 96 58.47 30.80 -10.66
CA LYS A 96 58.63 29.40 -11.03
C LYS A 96 58.18 28.49 -9.88
N PHE A 97 58.45 28.91 -8.64
CA PHE A 97 58.01 28.17 -7.46
C PHE A 97 56.48 28.19 -7.37
N ILE A 98 55.88 29.37 -7.62
CA ILE A 98 54.45 29.58 -7.53
C ILE A 98 53.72 28.78 -8.62
N THR A 99 54.20 28.84 -9.86
CA THR A 99 53.56 28.09 -10.94
C THR A 99 53.65 26.58 -10.71
N ALA A 100 54.79 26.07 -10.23
CA ALA A 100 54.91 24.65 -9.91
C ALA A 100 53.92 24.25 -8.79
N LEU A 101 53.79 25.11 -7.77
CA LEU A 101 52.90 24.87 -6.64
C LEU A 101 51.44 24.79 -7.12
N LYS A 102 51.01 25.74 -7.95
CA LYS A 102 49.65 25.78 -8.48
C LYS A 102 49.36 24.58 -9.37
N SER A 103 50.37 24.03 -10.04
CA SER A 103 50.12 22.92 -10.95
C SER A 103 49.82 21.63 -10.19
N THR A 104 50.17 21.58 -8.89
CA THR A 104 49.82 20.43 -8.05
C THR A 104 48.32 20.48 -7.71
N GLY A 105 47.66 21.63 -7.93
CA GLY A 105 46.27 21.83 -7.58
C GLY A 105 46.03 22.65 -6.32
N LEU A 106 47.05 22.90 -5.48
CA LEU A 106 46.85 23.75 -4.32
C LEU A 106 46.68 25.20 -4.77
N ARG A 107 45.92 25.98 -4.00
CA ARG A 107 45.83 27.42 -4.23
C ARG A 107 46.79 28.12 -3.27
N THR A 108 47.32 29.27 -3.70
CA THR A 108 48.29 30.02 -2.89
C THR A 108 47.65 30.53 -1.60
N SER A 109 46.31 30.67 -1.60
CA SER A 109 45.56 31.09 -0.42
C SER A 109 45.27 29.94 0.54
N ASP A 110 45.70 28.72 0.25
CA ASP A 110 45.39 27.58 1.12
C ASP A 110 45.80 27.91 2.57
N PRO A 111 44.89 27.83 3.57
CA PRO A 111 45.26 28.11 4.96
C PRO A 111 46.49 27.37 5.49
N ARG A 112 46.79 26.19 4.94
CA ARG A 112 47.93 25.43 5.44
C ARG A 112 49.25 25.94 4.86
N LEU A 113 49.20 26.86 3.87
CA LEU A 113 50.39 27.47 3.28
C LEU A 113 50.58 28.92 3.76
N LYS A 114 49.84 29.34 4.79
CA LYS A 114 49.85 30.74 5.21
C LYS A 114 51.27 31.25 5.55
N GLU A 115 52.01 30.51 6.39
CA GLU A 115 53.35 30.92 6.82
C GLU A 115 54.31 31.05 5.62
N CYS A 116 54.34 30.02 4.75
CA CYS A 116 55.15 30.05 3.53
C CYS A 116 54.81 31.28 2.67
N MET A 117 53.53 31.57 2.44
CA MET A 117 53.17 32.65 1.53
C MET A 117 53.43 33.99 2.19
N ASP A 118 53.25 34.10 3.53
CA ASP A 118 53.60 35.30 4.26
C ASP A 118 55.09 35.62 4.09
N MET A 119 55.94 34.58 4.29
CA MET A 119 57.39 34.71 4.14
C MET A 119 57.76 35.15 2.73
N LEU A 120 57.13 34.58 1.69
CA LEU A 120 57.40 35.01 0.31
C LEU A 120 57.04 36.49 0.10
N ARG A 121 55.91 36.92 0.64
CA ARG A 121 55.49 38.32 0.48
C ARG A 121 56.49 39.25 1.19
N LEU A 122 56.95 38.86 2.39
CA LEU A 122 57.90 39.65 3.15
C LEU A 122 59.22 39.75 2.38
N THR A 123 59.61 38.67 1.68
CA THR A 123 60.85 38.63 0.91
C THR A 123 60.77 39.58 -0.29
N LEU A 124 59.63 39.60 -1.00
CA LEU A 124 59.46 40.52 -2.11
C LEU A 124 59.45 41.98 -1.62
N GLN A 125 59.33 42.21 -0.30
CA GLN A 125 59.39 43.57 0.24
C GLN A 125 60.83 43.95 0.60
N THR A 126 61.51 43.08 1.37
CA THR A 126 62.89 43.25 1.78
C THR A 126 63.74 42.97 0.54
N THR A 127 65.06 42.93 0.66
CA THR A 127 65.90 42.66 -0.51
C THR A 127 65.51 43.60 -1.65
N VAL A 131 63.61 39.00 -7.26
CA VAL A 131 62.56 37.98 -7.60
C VAL A 131 63.21 36.60 -7.65
N MET A 132 64.34 36.41 -6.93
CA MET A 132 65.19 35.23 -7.02
C MET A 132 65.50 34.67 -5.64
N LEU A 133 65.45 33.33 -5.51
CA LEU A 133 65.52 32.61 -4.24
C LEU A 133 66.74 31.68 -4.25
N ASP A 134 67.71 31.94 -3.38
CA ASP A 134 68.83 31.01 -3.21
C ASP A 134 68.40 29.91 -2.25
N LYS A 135 69.28 28.93 -2.04
CA LYS A 135 69.00 27.79 -1.16
C LYS A 135 68.52 28.29 0.20
N ASP A 136 69.16 29.36 0.68
CA ASP A 136 69.04 29.78 2.06
C ASP A 136 67.71 30.52 2.28
N LEU A 137 67.38 31.42 1.36
CA LEU A 137 66.14 32.19 1.37
C LEU A 137 64.95 31.22 1.22
N PHE A 138 65.08 30.27 0.28
CA PHE A 138 64.06 29.27 0.02
C PHE A 138 63.74 28.51 1.31
N LYS A 139 64.76 27.98 1.97
CA LYS A 139 64.60 27.25 3.22
C LYS A 139 63.86 28.10 4.26
N LYS A 140 64.17 29.40 4.31
CA LYS A 140 63.55 30.30 5.28
C LYS A 140 62.04 30.41 5.00
N CYS A 141 61.67 30.40 3.72
CA CYS A 141 60.29 30.54 3.28
C CYS A 141 59.46 29.27 3.50
N VAL A 142 60.01 28.10 3.20
CA VAL A 142 59.17 26.92 3.08
C VAL A 142 59.23 26.09 4.35
N GLN A 143 60.10 26.48 5.30
CA GLN A 143 60.44 25.58 6.41
C GLN A 143 59.22 25.25 7.27
N SER A 144 58.36 26.24 7.52
CA SER A 144 57.20 26.05 8.39
C SER A 144 56.18 25.09 7.78
N ASN A 145 56.12 25.00 6.44
CA ASN A 145 55.09 24.25 5.73
C ASN A 145 55.68 23.08 4.93
N ILE A 146 56.84 22.59 5.36
CA ILE A 146 57.68 21.72 4.53
C ILE A 146 57.05 20.35 4.29
N VAL A 147 56.31 19.82 5.27
CA VAL A 147 55.69 18.50 5.13
C VAL A 147 54.70 18.53 3.96
N LEU A 148 53.79 19.52 3.95
CA LEU A 148 52.77 19.63 2.92
C LEU A 148 53.39 19.88 1.55
N LEU A 149 54.40 20.78 1.49
CA LEU A 149 55.02 21.14 0.22
C LEU A 149 55.75 19.95 -0.37
N THR A 150 56.31 19.09 0.49
CA THR A 150 57.04 17.90 0.07
C THR A 150 56.07 16.89 -0.57
N GLN A 151 54.95 16.62 0.12
CA GLN A 151 53.93 15.76 -0.45
C GLN A 151 53.46 16.28 -1.80
N ALA A 152 53.27 17.60 -1.90
CA ALA A 152 52.79 18.23 -3.13
C ALA A 152 53.75 17.96 -4.29
N PHE A 153 55.04 18.25 -4.06
CA PHE A 153 56.06 18.21 -5.11
C PHE A 153 56.54 16.79 -5.40
N ARG A 154 56.38 15.89 -4.45
CA ARG A 154 56.74 14.47 -4.68
C ARG A 154 55.55 13.70 -5.26
N ARG A 155 54.56 14.42 -5.80
CA ARG A 155 53.38 13.76 -6.43
C ARG A 155 52.80 12.71 -5.48
N LYS A 156 52.57 13.09 -4.21
CA LYS A 156 52.00 12.16 -3.22
C LYS A 156 50.53 12.49 -2.95
N PHE A 157 49.98 13.49 -3.65
CA PHE A 157 48.58 13.82 -3.42
C PHE A 157 47.70 12.72 -4.02
N VAL A 158 46.43 12.65 -3.60
CA VAL A 158 45.56 11.56 -3.99
C VAL A 158 45.43 11.50 -5.52
N ILE A 159 45.40 12.66 -6.18
CA ILE A 159 45.40 12.72 -7.64
C ILE A 159 46.72 13.35 -8.08
N PRO A 160 47.76 12.55 -8.43
CA PRO A 160 49.08 13.12 -8.71
C PRO A 160 49.15 13.98 -9.97
N ASP A 161 48.50 13.56 -11.06
CA ASP A 161 48.46 14.36 -12.28
C ASP A 161 47.16 15.17 -12.33
N PHE A 162 47.13 16.25 -11.52
CA PHE A 162 45.91 16.99 -11.27
C PHE A 162 45.51 17.78 -12.52
N MET A 163 46.52 18.30 -13.24
CA MET A 163 46.27 19.08 -14.45
C MET A 163 45.54 18.23 -15.47
N SER A 164 45.98 16.98 -15.65
CA SER A 164 45.33 16.10 -16.60
C SER A 164 43.90 15.77 -16.15
N PHE A 165 43.71 15.55 -14.84
CA PHE A 165 42.40 15.32 -14.27
C PHE A 165 41.45 16.50 -14.51
N THR A 166 41.90 17.74 -14.26
CA THR A 166 40.99 18.88 -14.42
C THR A 166 40.63 19.09 -15.88
N SER A 167 41.52 18.70 -16.80
CA SER A 167 41.22 18.75 -18.22
C SER A 167 40.04 17.82 -18.55
N HIS A 168 39.99 16.64 -17.95
CA HIS A 168 38.84 15.74 -18.09
C HIS A 168 37.57 16.33 -17.47
N ILE A 169 37.68 16.92 -16.27
CA ILE A 169 36.55 17.58 -15.63
C ILE A 169 35.96 18.63 -16.56
N ASP A 170 36.84 19.43 -17.20
CA ASP A 170 36.37 20.52 -18.08
C ASP A 170 35.62 19.95 -19.28
N GLU A 171 36.09 18.83 -19.84
CA GLU A 171 35.42 18.20 -20.98
C GLU A 171 34.04 17.69 -20.57
N LEU A 172 33.93 17.07 -19.38
CA LEU A 172 32.64 16.59 -18.91
C LEU A 172 31.70 17.77 -18.67
N TYR A 173 32.23 18.85 -18.10
CA TYR A 173 31.47 20.07 -17.89
C TYR A 173 30.86 20.57 -19.21
N GLU A 174 31.67 20.64 -20.28
CA GLU A 174 31.25 21.20 -21.57
C GLU A 174 30.19 20.30 -22.21
N SER A 175 30.36 19.00 -22.03
CA SER A 175 29.41 18.04 -22.56
C SER A 175 28.04 18.13 -21.85
N ALA A 176 28.03 18.28 -20.52
CA ALA A 176 26.78 18.44 -19.78
C ALA A 176 26.11 19.78 -20.13
N LYS A 177 26.93 20.80 -20.44
CA LYS A 177 26.46 22.14 -20.76
C LYS A 177 25.48 22.12 -21.92
N LYS A 178 25.62 21.14 -22.83
CA LYS A 178 24.74 21.04 -23.99
C LYS A 178 23.37 20.47 -23.65
N GLN A 179 23.18 19.92 -22.45
CA GLN A 179 21.91 19.30 -22.08
C GLN A 179 21.03 20.31 -21.34
N SER A 180 20.24 21.10 -22.07
CA SER A 180 19.61 22.27 -21.47
C SER A 180 18.12 22.07 -21.19
N GLY A 181 17.63 20.82 -21.17
CA GLY A 181 16.28 20.49 -20.74
C GLY A 181 16.02 20.70 -19.23
N GLY A 182 14.81 20.39 -18.77
CA GLY A 182 14.44 20.46 -17.35
C GLY A 182 13.73 21.77 -17.04
N LYS A 183 13.21 21.91 -15.83
CA LYS A 183 12.45 23.10 -15.44
C LYS A 183 13.02 23.67 -14.15
N VAL A 184 13.28 24.98 -14.13
CA VAL A 184 13.71 25.66 -12.92
C VAL A 184 12.57 25.60 -11.90
N ALA A 185 12.89 25.40 -10.62
CA ALA A 185 11.84 25.36 -9.60
C ALA A 185 11.22 26.74 -9.48
N ASP A 186 9.90 26.82 -9.31
CA ASP A 186 9.28 28.15 -9.38
C ASP A 186 8.39 28.40 -8.16
N TYR A 187 8.24 27.39 -7.30
CA TYR A 187 7.24 27.39 -6.24
C TYR A 187 7.41 28.57 -5.28
N ILE A 188 8.63 29.14 -5.19
CA ILE A 188 8.81 30.43 -4.52
C ILE A 188 9.57 31.38 -5.46
N PRO A 189 9.37 32.71 -5.38
CA PRO A 189 10.05 33.67 -6.25
C PRO A 189 11.58 33.64 -6.29
N GLN A 190 12.21 33.18 -5.20
CA GLN A 190 13.67 33.15 -5.05
C GLN A 190 14.30 32.02 -5.88
N LEU A 191 13.54 30.92 -6.07
CA LEU A 191 13.97 29.81 -6.92
C LEU A 191 13.69 30.15 -8.39
N ALA A 192 12.46 30.60 -8.66
CA ALA A 192 11.95 30.95 -9.99
C ALA A 192 12.87 31.94 -10.70
N LYS A 193 13.62 32.74 -9.92
CA LYS A 193 14.45 33.84 -10.41
C LYS A 193 15.68 33.35 -11.19
N PHE A 194 16.24 32.17 -10.83
CA PHE A 194 17.58 31.79 -11.29
C PHE A 194 17.57 31.45 -12.79
N SER A 195 18.56 31.97 -13.51
CA SER A 195 18.75 31.71 -14.94
C SER A 195 18.89 30.20 -15.15
N PRO A 196 18.14 29.58 -16.08
CA PRO A 196 18.32 28.17 -16.41
C PRO A 196 19.74 27.80 -16.88
N ASP A 197 20.51 28.81 -17.28
CA ASP A 197 21.76 28.57 -17.99
C ASP A 197 22.96 28.61 -17.04
N LEU A 198 22.74 28.95 -15.77
CA LEU A 198 23.81 28.85 -14.78
C LEU A 198 24.20 27.38 -14.61
N TRP A 199 25.52 27.10 -14.59
CA TRP A 199 26.06 25.75 -14.52
C TRP A 199 27.48 25.81 -13.99
N GLY A 200 27.70 25.24 -12.79
CA GLY A 200 29.05 25.22 -12.24
C GLY A 200 29.39 23.87 -11.60
N VAL A 201 30.67 23.52 -11.62
CA VAL A 201 31.20 22.33 -10.98
C VAL A 201 32.49 22.72 -10.26
N SER A 202 32.59 22.36 -8.97
CA SER A 202 33.83 22.57 -8.20
C SER A 202 34.26 21.25 -7.57
N VAL A 203 35.58 21.06 -7.55
CA VAL A 203 36.26 19.88 -7.04
C VAL A 203 37.16 20.32 -5.89
N CYS A 204 37.14 19.56 -4.79
CA CYS A 204 38.16 19.71 -3.75
C CYS A 204 38.60 18.31 -3.35
N THR A 205 39.89 17.97 -3.57
CA THR A 205 40.34 16.63 -3.20
C THR A 205 40.54 16.55 -1.68
N VAL A 206 40.76 15.33 -1.18
CA VAL A 206 41.04 15.13 0.24
C VAL A 206 42.39 15.73 0.62
N ASP A 207 43.19 16.17 -0.37
CA ASP A 207 44.45 16.85 -0.08
C ASP A 207 44.34 18.35 -0.29
N GLY A 208 43.13 18.87 -0.60
CA GLY A 208 42.96 20.30 -0.75
C GLY A 208 43.28 20.82 -2.17
N GLN A 209 43.41 19.94 -3.17
CA GLN A 209 43.58 20.35 -4.56
C GLN A 209 42.23 20.85 -5.08
N ARG A 210 42.21 21.99 -5.79
CA ARG A 210 40.96 22.68 -6.10
C ARG A 210 40.83 22.86 -7.61
N HIS A 211 39.60 22.76 -8.13
CA HIS A 211 39.36 23.16 -9.51
C HIS A 211 37.88 23.54 -9.64
N SER A 212 37.61 24.61 -10.40
CA SER A 212 36.26 25.07 -10.69
C SER A 212 36.10 25.30 -12.18
N THR A 213 34.92 25.00 -12.74
CA THR A 213 34.57 25.43 -14.08
C THR A 213 33.14 25.96 -14.04
N GLY A 214 32.92 27.07 -14.75
CA GLY A 214 31.60 27.67 -14.91
C GLY A 214 31.23 28.53 -13.72
N ASP A 215 29.95 28.54 -13.35
CA ASP A 215 29.39 29.52 -12.41
C ASP A 215 29.52 29.04 -10.96
N THR A 216 30.74 29.09 -10.41
CA THR A 216 31.05 28.42 -9.16
C THR A 216 31.17 29.41 -8.01
N LYS A 217 30.95 30.71 -8.30
CA LYS A 217 31.02 31.72 -7.24
C LYS A 217 29.67 32.43 -7.09
N VAL A 218 28.60 31.78 -7.55
CA VAL A 218 27.25 32.33 -7.44
C VAL A 218 26.58 31.68 -6.23
N PRO A 219 26.11 32.46 -5.23
CA PRO A 219 25.42 31.87 -4.06
C PRO A 219 24.07 31.28 -4.42
N PHE A 220 23.74 30.10 -3.84
CA PHE A 220 22.44 29.48 -4.02
C PHE A 220 22.14 28.75 -2.71
N CYS A 221 20.86 28.44 -2.45
CA CYS A 221 20.50 27.82 -1.18
C CYS A 221 20.75 26.32 -1.27
N LEU A 222 21.24 25.75 -0.16
CA LEU A 222 21.44 24.31 -0.02
C LEU A 222 20.12 23.57 -0.23
N GLN A 223 19.03 24.05 0.39
CA GLN A 223 17.75 23.35 0.41
C GLN A 223 18.01 21.94 0.94
N SER A 224 17.55 20.89 0.23
CA SER A 224 17.74 19.52 0.72
C SER A 224 19.21 19.09 0.77
N CYS A 225 20.12 19.79 0.07
CA CYS A 225 21.53 19.46 0.23
C CYS A 225 22.01 19.62 1.69
N VAL A 226 21.28 20.39 2.53
CA VAL A 226 21.69 20.57 3.92
C VAL A 226 21.34 19.32 4.76
N LYS A 227 20.44 18.46 4.28
CA LYS A 227 19.97 17.34 5.09
C LYS A 227 21.10 16.42 5.59
N PRO A 228 22.06 15.97 4.75
CA PRO A 228 23.16 15.14 5.24
C PRO A 228 24.05 15.88 6.26
N LEU A 229 24.19 17.20 6.07
CA LEU A 229 25.06 18.01 6.90
C LEU A 229 24.51 18.12 8.32
N LYS A 230 23.19 18.36 8.44
CA LYS A 230 22.65 18.48 9.79
C LYS A 230 22.50 17.09 10.43
N TYR A 231 22.30 16.05 9.64
CA TYR A 231 22.30 14.68 10.15
C TYR A 231 23.69 14.36 10.73
N ALA A 232 24.75 14.71 10.00
CA ALA A 232 26.12 14.50 10.46
C ALA A 232 26.37 15.22 11.79
N ILE A 233 25.89 16.47 11.92
CA ILE A 233 26.02 17.24 13.15
C ILE A 233 25.33 16.52 14.30
N ALA A 234 24.08 16.09 14.09
CA ALA A 234 23.31 15.35 15.10
C ALA A 234 24.06 14.10 15.54
N VAL A 235 24.55 13.29 14.59
CA VAL A 235 25.26 12.07 14.95
C VAL A 235 26.57 12.42 15.66
N ASN A 236 27.25 13.46 15.17
CA ASN A 236 28.51 13.91 15.78
C ASN A 236 28.28 14.21 17.27
N ASP A 237 27.22 14.96 17.60
CA ASP A 237 27.01 15.46 18.96
C ASP A 237 26.34 14.41 19.84
N LEU A 238 25.49 13.54 19.27
CA LEU A 238 24.58 12.70 20.07
C LEU A 238 24.84 11.21 19.89
N GLY A 239 25.56 10.80 18.83
CA GLY A 239 25.78 9.37 18.57
C GLY A 239 24.67 8.71 17.76
N THR A 240 24.98 7.59 17.12
CA THR A 240 24.12 6.87 16.20
C THR A 240 22.86 6.36 16.91
N GLU A 241 23.02 5.80 18.13
CA GLU A 241 21.92 5.14 18.80
C GLU A 241 20.85 6.15 19.18
N TYR A 242 21.23 7.32 19.71
CA TYR A 242 20.24 8.32 20.05
C TYR A 242 19.50 8.79 18.79
N VAL A 243 20.24 9.14 17.73
CA VAL A 243 19.61 9.72 16.55
C VAL A 243 18.60 8.73 15.96
N HIS A 244 18.99 7.45 15.85
CA HIS A 244 18.16 6.45 15.21
C HIS A 244 17.06 5.90 16.13
N ARG A 245 16.98 6.41 17.35
CA ARG A 245 15.73 6.23 18.10
C ARG A 245 14.60 7.08 17.49
N TYR A 246 14.94 8.16 16.76
CA TYR A 246 13.94 9.08 16.23
C TYR A 246 13.75 8.97 14.72
N VAL A 247 14.77 8.51 13.98
CA VAL A 247 14.66 8.40 12.53
C VAL A 247 15.20 7.04 12.09
N GLY A 248 14.65 6.50 11.00
CA GLY A 248 15.09 5.20 10.48
C GLY A 248 16.34 5.31 9.61
N LYS A 249 16.67 4.22 8.90
CA LYS A 249 17.99 4.07 8.30
C LYS A 249 17.87 3.51 6.89
N GLU A 250 16.69 3.59 6.25
CA GLU A 250 16.51 2.89 5.00
C GLU A 250 15.61 3.68 4.08
N PRO A 251 15.73 3.49 2.74
CA PRO A 251 14.78 4.07 1.79
C PRO A 251 13.37 3.53 2.02
N SER A 252 12.34 4.37 1.82
CA SER A 252 10.97 3.89 1.98
C SER A 252 10.57 2.87 0.91
N GLY A 253 11.23 2.88 -0.24
CA GLY A 253 10.75 2.08 -1.36
C GLY A 253 9.74 2.88 -2.18
N LEU A 254 9.74 2.61 -3.50
CA LEU A 254 9.17 3.43 -4.55
C LEU A 254 7.72 3.77 -4.25
N ARG A 255 7.24 3.39 -3.06
CA ARG A 255 6.02 3.97 -2.52
C ARG A 255 6.08 5.49 -2.61
N PHE A 256 7.17 6.04 -3.20
CA PHE A 256 7.45 7.46 -3.20
C PHE A 256 7.48 7.94 -1.75
N ASN A 257 7.36 9.25 -1.56
CA ASN A 257 7.38 9.81 -0.21
C ASN A 257 6.01 10.37 0.17
N LYS A 258 5.02 9.52 -0.07
CA LYS A 258 3.68 9.85 0.35
C LYS A 258 3.51 9.54 1.83
N LEU A 259 4.22 8.54 2.36
CA LEU A 259 4.07 8.18 3.77
C LEU A 259 5.12 8.91 4.60
N PHE A 260 4.73 9.50 5.72
CA PHE A 260 5.66 10.23 6.57
C PHE A 260 6.40 9.28 7.53
N LEU A 261 5.80 8.13 7.89
CA LEU A 261 6.34 7.27 8.94
C LEU A 261 6.45 5.85 8.44
N ASN A 262 7.51 5.15 8.86
CA ASN A 262 7.69 3.74 8.59
C ASN A 262 6.79 2.96 9.55
N GLU A 263 6.88 1.62 9.52
CA GLU A 263 6.01 0.76 10.31
C GLU A 263 6.30 0.90 11.82
N ASP A 264 7.49 1.38 12.18
CA ASP A 264 7.78 1.61 13.59
C ASP A 264 7.47 3.06 14.00
N ASP A 265 6.68 3.79 13.19
CA ASP A 265 6.26 5.15 13.51
C ASP A 265 7.45 6.10 13.63
N LYS A 266 8.49 5.87 12.82
CA LYS A 266 9.60 6.80 12.68
C LYS A 266 9.68 7.21 11.21
N PRO A 267 10.12 8.45 10.93
CA PRO A 267 10.39 8.85 9.54
C PRO A 267 11.42 7.86 8.97
N HIS A 268 11.28 7.56 7.68
CA HIS A 268 12.01 6.46 7.06
C HIS A 268 13.53 6.64 7.18
N ASN A 269 14.01 7.89 7.02
CA ASN A 269 15.45 8.14 7.02
C ASN A 269 15.65 9.66 7.12
N PRO A 270 16.88 10.14 7.37
CA PRO A 270 17.14 11.58 7.53
C PRO A 270 17.10 12.41 6.23
N MET A 271 17.00 11.74 5.07
CA MET A 271 17.11 12.43 3.78
C MET A 271 15.72 12.80 3.23
N VAL A 272 14.62 12.35 3.86
CA VAL A 272 13.27 12.76 3.44
C VAL A 272 12.80 13.88 4.36
N ASN A 273 11.82 14.70 3.95
CA ASN A 273 11.44 15.89 4.72
C ASN A 273 11.07 15.58 6.18
N ALA A 274 10.24 14.55 6.42
CA ALA A 274 9.83 14.21 7.78
C ALA A 274 11.03 13.79 8.63
N GLY A 275 11.99 13.06 8.03
CA GLY A 275 13.19 12.67 8.77
C GLY A 275 14.08 13.88 9.07
N ALA A 276 14.18 14.83 8.12
CA ALA A 276 15.01 16.01 8.33
C ALA A 276 14.39 16.93 9.39
N ILE A 277 13.05 17.00 9.43
CA ILE A 277 12.34 17.74 10.46
C ILE A 277 12.65 17.15 11.85
N VAL A 278 12.59 15.82 11.97
CA VAL A 278 12.92 15.20 13.26
C VAL A 278 14.38 15.44 13.60
N VAL A 279 15.30 15.26 12.63
CA VAL A 279 16.72 15.52 12.88
C VAL A 279 16.92 16.95 13.39
N THR A 280 16.24 17.92 12.76
CA THR A 280 16.33 19.31 13.17
C THR A 280 15.97 19.48 14.67
N SER A 281 14.98 18.74 15.14
CA SER A 281 14.54 18.80 16.54
C SER A 281 15.57 18.21 17.51
N LEU A 282 16.61 17.52 17.02
CA LEU A 282 17.54 16.86 17.92
C LEU A 282 18.73 17.77 18.24
N ILE A 283 18.97 18.78 17.40
CA ILE A 283 20.22 19.54 17.44
C ILE A 283 20.13 20.63 18.52
N LYS A 284 21.15 20.68 19.38
CA LYS A 284 21.33 21.76 20.35
C LYS A 284 20.04 22.04 21.13
N GLN A 285 19.44 21.00 21.72
CA GLN A 285 18.14 21.16 22.34
C GLN A 285 18.25 22.07 23.57
N GLY A 286 17.19 22.79 23.90
CA GLY A 286 17.19 23.57 25.13
C GLY A 286 17.65 25.02 24.99
N VAL A 287 18.27 25.41 23.85
CA VAL A 287 18.57 26.82 23.62
C VAL A 287 17.56 27.38 22.61
N ASN A 288 17.53 28.71 22.41
CA ASN A 288 16.60 29.29 21.46
C ASN A 288 17.11 29.11 20.02
N ASN A 289 16.25 29.42 19.05
CA ASN A 289 16.51 29.22 17.62
C ASN A 289 17.72 30.02 17.14
N ALA A 290 17.90 31.24 17.66
CA ALA A 290 19.01 32.08 17.24
C ALA A 290 20.35 31.39 17.55
N GLU A 291 20.45 30.77 18.73
CA GLU A 291 21.66 30.09 19.16
C GLU A 291 21.81 28.73 18.45
N LYS A 292 20.71 28.03 18.19
CA LYS A 292 20.76 26.78 17.43
C LYS A 292 21.32 27.06 16.03
N PHE A 293 20.80 28.11 15.37
CA PHE A 293 21.21 28.54 14.05
C PHE A 293 22.70 28.91 14.02
N ASP A 294 23.14 29.73 14.99
CA ASP A 294 24.55 30.15 15.07
C ASP A 294 25.45 28.94 15.21
N TYR A 295 25.06 27.99 16.07
CA TYR A 295 25.81 26.76 16.25
C TYR A 295 25.95 26.00 14.92
N VAL A 296 24.83 25.81 14.21
CA VAL A 296 24.91 25.09 12.93
C VAL A 296 25.79 25.86 11.92
N MET A 297 25.63 27.18 11.87
CA MET A 297 26.40 28.01 10.94
C MET A 297 27.89 27.90 11.23
N GLN A 298 28.30 27.86 12.51
CA GLN A 298 29.71 27.72 12.86
C GLN A 298 30.21 26.35 12.44
N PHE A 299 29.36 25.35 12.57
CA PHE A 299 29.75 24.00 12.18
C PHE A 299 29.94 23.93 10.65
N LEU A 300 29.02 24.54 9.89
CA LEU A 300 29.17 24.57 8.44
C LEU A 300 30.42 25.34 8.02
N ASN A 301 30.74 26.44 8.73
CA ASN A 301 31.94 27.22 8.42
C ASN A 301 33.19 26.33 8.50
N LYS A 302 33.27 25.50 9.55
CA LYS A 302 34.40 24.58 9.69
C LYS A 302 34.41 23.54 8.57
N MET A 303 33.24 22.97 8.21
CA MET A 303 33.20 21.98 7.14
C MET A 303 33.69 22.59 5.82
N ALA A 304 33.40 23.88 5.62
CA ALA A 304 33.73 24.60 4.38
C ALA A 304 35.12 25.25 4.47
N GLY A 305 35.88 24.97 5.53
CA GLY A 305 37.20 25.56 5.73
C GLY A 305 37.15 27.09 5.71
N ASN A 306 36.02 27.65 6.17
CA ASN A 306 35.77 29.08 6.34
C ASN A 306 35.48 29.79 5.02
N GLU A 307 35.17 29.04 3.95
CA GLU A 307 34.69 29.69 2.72
C GLU A 307 33.21 30.02 2.89
N TYR A 308 32.60 30.58 1.83
CA TYR A 308 31.33 31.25 1.92
C TYR A 308 30.20 30.34 2.40
N VAL A 309 29.59 30.74 3.51
CA VAL A 309 28.34 30.18 4.01
C VAL A 309 27.50 31.38 4.43
N GLY A 310 26.32 31.52 3.84
CA GLY A 310 25.47 32.68 4.03
C GLY A 310 24.03 32.26 4.33
N PHE A 311 23.12 33.21 4.15
CA PHE A 311 21.73 32.98 4.51
C PHE A 311 20.84 33.85 3.64
N SER A 312 19.77 33.26 3.08
CA SER A 312 18.85 33.99 2.23
C SER A 312 17.54 34.22 2.98
N ASN A 313 17.39 35.43 3.54
CA ASN A 313 16.20 35.75 4.31
C ASN A 313 14.97 35.72 3.40
N ALA A 314 15.15 36.07 2.13
CA ALA A 314 14.03 36.08 1.19
C ALA A 314 13.53 34.64 0.94
N THR A 315 14.46 33.68 0.81
CA THR A 315 14.07 32.28 0.66
C THR A 315 13.38 31.79 1.94
N PHE A 316 13.91 32.17 3.10
CA PHE A 316 13.32 31.77 4.36
C PHE A 316 11.86 32.25 4.49
N GLN A 317 11.62 33.54 4.21
CA GLN A 317 10.27 34.12 4.28
C GLN A 317 9.32 33.36 3.36
N SER A 318 9.77 33.04 2.13
CA SER A 318 8.94 32.34 1.17
C SER A 318 8.67 30.89 1.57
N GLU A 319 9.69 30.17 2.05
CA GLU A 319 9.51 28.79 2.52
C GLU A 319 8.45 28.74 3.62
N ARG A 320 8.56 29.67 4.57
CA ARG A 320 7.68 29.67 5.74
C ARG A 320 6.24 30.03 5.39
N GLU A 321 6.01 30.82 4.32
CA GLU A 321 4.67 31.28 3.98
C GLU A 321 3.97 30.27 3.07
N SER A 322 4.74 29.42 2.39
CA SER A 322 4.15 28.37 1.59
C SER A 322 4.56 26.99 2.12
N GLY A 323 4.77 26.84 3.44
CA GLY A 323 5.22 25.55 3.91
C GLY A 323 4.10 24.61 4.40
N ASP A 324 2.97 24.60 3.70
CA ASP A 324 1.79 23.83 4.11
C ASP A 324 2.13 22.35 4.32
N ARG A 325 2.89 21.77 3.37
CA ARG A 325 3.21 20.35 3.44
C ARG A 325 4.05 20.07 4.70
N ASN A 326 4.95 21.01 5.03
CA ASN A 326 5.83 20.84 6.18
C ASN A 326 5.09 20.99 7.51
N PHE A 327 4.11 21.91 7.55
CA PHE A 327 3.19 21.99 8.68
C PHE A 327 2.39 20.70 8.85
N ALA A 328 1.93 20.11 7.75
CA ALA A 328 1.24 18.83 7.82
C ALA A 328 2.11 17.76 8.47
N ILE A 329 3.38 17.70 8.04
CA ILE A 329 4.34 16.75 8.59
C ILE A 329 4.53 17.06 10.07
N GLY A 330 4.73 18.33 10.41
CA GLY A 330 5.02 18.69 11.79
C GLY A 330 3.90 18.27 12.75
N TYR A 331 2.64 18.56 12.37
CA TYR A 331 1.51 18.15 13.21
C TYR A 331 1.39 16.63 13.28
N TYR A 332 1.67 15.96 12.16
CA TYR A 332 1.57 14.50 12.12
C TYR A 332 2.59 13.86 13.08
N LEU A 333 3.84 14.34 13.03
CA LEU A 333 4.91 13.86 13.90
C LEU A 333 4.59 14.16 15.36
N LYS A 334 4.05 15.35 15.63
CA LYS A 334 3.68 15.70 16.99
C LYS A 334 2.64 14.72 17.53
N GLU A 335 1.59 14.48 16.75
CA GLU A 335 0.52 13.56 17.13
C GLU A 335 1.07 12.15 17.41
N LYS A 336 2.01 11.68 16.59
CA LYS A 336 2.57 10.35 16.72
C LYS A 336 3.75 10.32 17.69
N LYS A 337 4.02 11.42 18.40
CA LYS A 337 5.03 11.54 19.46
C LYS A 337 6.44 11.23 18.94
N CYS A 338 6.80 11.82 17.79
CA CYS A 338 8.03 11.47 17.12
C CYS A 338 9.18 12.37 17.56
N PHE A 339 8.88 13.42 18.33
CA PHE A 339 9.84 14.43 18.73
C PHE A 339 10.42 14.14 20.11
N PRO A 340 11.64 14.61 20.45
CA PRO A 340 12.14 14.51 21.83
C PRO A 340 11.18 15.27 22.77
N GLU A 341 11.06 14.76 23.99
CA GLU A 341 10.16 15.35 24.99
C GLU A 341 10.48 16.84 25.13
N GLY A 342 9.45 17.67 25.22
CA GLY A 342 9.64 19.11 25.43
C GLY A 342 9.92 19.90 24.14
N THR A 343 9.67 19.28 22.97
CA THR A 343 9.89 19.95 21.69
C THR A 343 8.79 20.95 21.44
N ASP A 344 9.17 22.15 20.97
CA ASP A 344 8.24 23.14 20.47
C ASP A 344 8.15 22.98 18.95
N MET A 345 7.09 22.30 18.47
CA MET A 345 7.08 21.80 17.11
C MET A 345 7.07 22.97 16.11
N VAL A 346 6.30 24.03 16.38
CA VAL A 346 6.22 25.17 15.49
C VAL A 346 7.55 25.92 15.44
N GLY A 347 8.29 25.97 16.57
CA GLY A 347 9.64 26.52 16.62
C GLY A 347 10.64 25.72 15.78
N ILE A 348 10.54 24.39 15.83
CA ILE A 348 11.36 23.48 15.03
C ILE A 348 11.13 23.69 13.53
N LEU A 349 9.86 23.87 13.12
CA LEU A 349 9.55 24.12 11.71
C LEU A 349 10.24 25.40 11.24
N ASP A 350 10.25 26.43 12.10
CA ASP A 350 10.88 27.69 11.77
C ASP A 350 12.39 27.49 11.56
N PHE A 351 13.04 26.76 12.47
CA PHE A 351 14.45 26.43 12.37
C PHE A 351 14.74 25.61 11.10
N TYR A 352 13.86 24.63 10.79
CA TYR A 352 13.96 23.83 9.57
C TYR A 352 14.00 24.72 8.33
N PHE A 353 13.06 25.67 8.20
CA PHE A 353 13.03 26.58 7.06
C PHE A 353 14.29 27.45 6.98
N GLN A 354 14.85 27.84 8.13
CA GLN A 354 16.10 28.59 8.17
C GLN A 354 17.24 27.76 7.60
N LEU A 355 17.36 26.50 8.01
CA LEU A 355 18.45 25.63 7.56
C LEU A 355 18.37 25.39 6.05
N CYS A 356 17.15 25.26 5.49
CA CYS A 356 16.96 25.10 4.05
C CYS A 356 17.40 26.35 3.27
N SER A 357 17.46 27.50 3.95
CA SER A 357 17.75 28.79 3.32
C SER A 357 19.22 29.21 3.45
N ILE A 358 20.05 28.35 4.04
CA ILE A 358 21.49 28.57 4.08
C ILE A 358 22.06 28.56 2.66
N GLU A 359 22.94 29.54 2.35
CA GLU A 359 23.52 29.71 1.01
C GLU A 359 24.97 29.25 1.01
N VAL A 360 25.41 28.70 -0.14
CA VAL A 360 26.79 28.32 -0.40
C VAL A 360 27.13 28.75 -1.82
N THR A 361 28.40 28.58 -2.24
CA THR A 361 28.76 28.58 -3.66
C THR A 361 29.19 27.15 -4.00
N CYS A 362 29.34 26.82 -5.29
CA CYS A 362 29.91 25.54 -5.67
C CYS A 362 31.28 25.37 -4.99
N GLU A 363 32.06 26.45 -4.94
CA GLU A 363 33.41 26.37 -4.36
C GLU A 363 33.35 26.01 -2.88
N SER A 364 32.54 26.73 -2.08
CA SER A 364 32.54 26.45 -0.65
C SER A 364 31.88 25.09 -0.35
N ALA A 365 30.81 24.73 -1.09
CA ALA A 365 30.16 23.44 -0.87
C ALA A 365 31.06 22.26 -1.28
N SER A 366 31.95 22.44 -2.26
CA SER A 366 32.84 21.32 -2.62
C SER A 366 33.77 20.99 -1.45
N VAL A 367 34.15 22.00 -0.66
CA VAL A 367 35.01 21.78 0.50
C VAL A 367 34.23 21.02 1.58
N MET A 368 32.96 21.36 1.79
CA MET A 368 32.12 20.62 2.72
C MET A 368 32.04 19.14 2.29
N ALA A 369 31.84 18.89 0.99
CA ALA A 369 31.79 17.52 0.48
C ALA A 369 33.13 16.82 0.66
N ALA A 370 34.24 17.58 0.55
CA ALA A 370 35.57 16.99 0.71
C ALA A 370 35.84 16.62 2.18
N THR A 371 35.24 17.37 3.13
CA THR A 371 35.31 17.01 4.54
C THR A 371 34.69 15.62 4.77
N LEU A 372 33.54 15.36 4.09
CA LEU A 372 32.92 14.05 4.16
C LEU A 372 33.76 12.98 3.45
N ALA A 373 34.44 13.35 2.34
CA ALA A 373 35.32 12.41 1.63
C ALA A 373 36.57 12.06 2.45
N ASN A 374 36.92 12.94 3.39
CA ASN A 374 38.19 12.89 4.10
C ASN A 374 37.98 12.45 5.55
N GLY A 375 36.93 11.67 5.82
CA GLY A 375 36.75 11.06 7.14
C GLY A 375 36.46 12.09 8.24
N GLY A 376 35.97 13.27 7.84
CA GLY A 376 35.56 14.27 8.82
C GLY A 376 36.62 15.34 9.11
N PHE A 377 37.78 15.26 8.45
CA PHE A 377 38.79 16.32 8.54
C PHE A 377 38.64 17.24 7.34
N CYS A 378 38.60 18.56 7.60
CA CYS A 378 38.51 19.51 6.51
C CYS A 378 39.86 19.53 5.78
N PRO A 379 39.89 19.26 4.45
CA PRO A 379 41.15 19.12 3.74
C PRO A 379 42.00 20.39 3.63
N ILE A 380 41.37 21.58 3.64
CA ILE A 380 42.15 22.80 3.42
C ILE A 380 42.59 23.45 4.75
N THR A 381 42.16 22.87 5.89
CA THR A 381 42.61 23.40 7.18
C THR A 381 43.26 22.33 8.04
N GLY A 382 42.99 21.04 7.76
CA GLY A 382 43.43 19.96 8.63
C GLY A 382 42.62 19.79 9.92
N GLU A 383 41.59 20.61 10.09
CA GLU A 383 40.72 20.50 11.29
C GLU A 383 39.81 19.28 11.12
N ARG A 384 39.38 18.66 12.23
CA ARG A 384 38.41 17.55 12.13
C ARG A 384 37.02 18.11 12.50
N VAL A 385 36.11 18.18 11.53
CA VAL A 385 34.78 18.80 11.78
C VAL A 385 33.82 17.74 12.34
N LEU A 386 33.92 16.47 11.90
CA LEU A 386 32.93 15.46 12.33
C LEU A 386 33.61 14.15 12.73
N SER A 387 32.98 13.38 13.64
CA SER A 387 33.52 12.09 14.06
C SER A 387 33.48 11.11 12.89
N PRO A 388 34.33 10.06 12.85
CA PRO A 388 34.26 9.05 11.79
C PRO A 388 32.89 8.37 11.66
N GLU A 389 32.25 8.10 12.82
CA GLU A 389 30.90 7.54 12.85
C GLU A 389 29.87 8.44 12.13
N ALA A 390 29.90 9.75 12.42
CA ALA A 390 28.98 10.69 11.79
C ALA A 390 29.14 10.66 10.25
N VAL A 391 30.39 10.65 9.78
CA VAL A 391 30.67 10.69 8.35
C VAL A 391 30.23 9.40 7.67
N ARG A 392 30.61 8.24 8.26
CA ARG A 392 30.24 6.97 7.68
C ARG A 392 28.73 6.80 7.54
N ASN A 393 27.98 7.12 8.60
CA ASN A 393 26.53 7.01 8.58
C ASN A 393 25.93 7.96 7.53
N THR A 394 26.46 9.19 7.43
CA THR A 394 25.94 10.19 6.49
C THR A 394 26.12 9.70 5.05
N LEU A 395 27.30 9.20 4.72
CA LEU A 395 27.61 8.68 3.40
C LEU A 395 26.75 7.45 3.07
N SER A 396 26.52 6.56 4.03
CA SER A 396 25.68 5.38 3.83
C SER A 396 24.27 5.79 3.41
N LEU A 397 23.71 6.81 4.09
CA LEU A 397 22.34 7.22 3.82
C LEU A 397 22.24 8.10 2.56
N MET A 398 23.31 8.85 2.24
CA MET A 398 23.33 9.60 1.00
C MET A 398 23.34 8.60 -0.17
N HIS A 399 24.08 7.50 0.00
CA HIS A 399 24.17 6.48 -1.03
C HIS A 399 22.78 5.95 -1.40
N SER A 400 21.98 5.57 -0.40
CA SER A 400 20.73 4.88 -0.65
C SER A 400 19.50 5.82 -0.73
N CYS A 401 19.58 7.04 -0.17
CA CYS A 401 18.39 7.86 0.05
C CYS A 401 18.52 9.29 -0.49
N GLY A 402 19.61 9.63 -1.19
CA GLY A 402 19.97 11.04 -1.34
C GLY A 402 19.45 11.72 -2.62
N MET A 403 18.86 10.97 -3.54
CA MET A 403 18.51 11.54 -4.84
C MET A 403 17.01 11.36 -5.14
N TYR A 404 16.20 11.51 -4.08
CA TYR A 404 14.73 11.40 -4.14
C TYR A 404 14.36 10.02 -4.72
N ASP A 405 13.35 9.96 -5.60
CA ASP A 405 12.91 8.69 -6.19
C ASP A 405 13.93 8.11 -7.18
N PHE A 406 14.97 8.88 -7.55
CA PHE A 406 16.02 8.38 -8.42
C PHE A 406 17.12 7.70 -7.62
N SER A 407 16.98 7.59 -6.28
CA SER A 407 18.07 7.12 -5.43
C SER A 407 18.56 5.73 -5.82
N GLY A 408 17.63 4.79 -6.07
CA GLY A 408 18.00 3.43 -6.39
C GLY A 408 18.75 3.32 -7.74
N GLN A 409 18.28 4.09 -8.75
CA GLN A 409 18.91 4.10 -10.06
C GLN A 409 20.31 4.71 -9.96
N PHE A 410 20.40 5.81 -9.18
CA PHE A 410 21.65 6.51 -9.00
C PHE A 410 22.66 5.62 -8.29
N ALA A 411 22.25 4.94 -7.21
CA ALA A 411 23.14 4.03 -6.49
C ALA A 411 23.67 2.95 -7.44
N PHE A 412 22.80 2.42 -8.30
CA PHE A 412 23.19 1.33 -9.21
C PHE A 412 24.16 1.83 -10.29
N HIS A 413 23.82 2.93 -10.98
CA HIS A 413 24.62 3.35 -12.13
C HIS A 413 25.81 4.22 -11.71
N VAL A 414 25.63 5.12 -10.75
CA VAL A 414 26.70 6.06 -10.41
C VAL A 414 27.50 5.51 -9.22
N GLY A 415 26.82 5.02 -8.19
CA GLY A 415 27.47 4.32 -7.08
C GLY A 415 28.30 5.22 -6.17
N LEU A 416 27.85 6.47 -6.00
CA LEU A 416 28.54 7.47 -5.18
C LEU A 416 27.52 8.08 -4.22
N PRO A 417 27.90 8.39 -2.96
CA PRO A 417 27.01 9.12 -2.07
C PRO A 417 26.78 10.54 -2.62
N ALA A 418 25.51 10.92 -2.82
CA ALA A 418 25.22 12.26 -3.34
C ALA A 418 23.92 12.74 -2.69
N LYS A 419 23.72 14.07 -2.67
CA LYS A 419 22.47 14.63 -2.19
C LYS A 419 22.07 15.79 -3.10
N SER A 420 20.83 15.75 -3.61
CA SER A 420 20.33 16.79 -4.49
C SER A 420 19.46 17.77 -3.70
N GLY A 421 19.18 18.93 -4.31
CA GLY A 421 18.34 19.97 -3.72
C GLY A 421 17.62 20.75 -4.82
N VAL A 422 16.52 21.43 -4.45
CA VAL A 422 15.60 21.99 -5.42
C VAL A 422 16.20 23.24 -6.09
N ALA A 423 17.28 23.80 -5.53
CA ALA A 423 17.96 24.92 -6.16
C ALA A 423 18.83 24.45 -7.34
N GLY A 424 18.98 23.12 -7.49
CA GLY A 424 19.75 22.56 -8.59
C GLY A 424 21.13 22.06 -8.14
N GLY A 425 21.35 22.01 -6.80
CA GLY A 425 22.64 21.56 -6.31
C GLY A 425 22.70 20.03 -6.24
N ILE A 426 23.88 19.46 -6.51
CA ILE A 426 24.16 18.06 -6.19
C ILE A 426 25.48 18.05 -5.43
N LEU A 427 25.41 17.75 -4.13
CA LEU A 427 26.59 17.55 -3.30
C LEU A 427 27.07 16.10 -3.50
N LEU A 428 28.32 15.93 -3.97
CA LEU A 428 28.79 14.61 -4.39
C LEU A 428 30.08 14.26 -3.65
N VAL A 429 30.16 13.02 -3.15
CA VAL A 429 31.34 12.59 -2.41
C VAL A 429 31.95 11.39 -3.11
N VAL A 430 33.27 11.44 -3.40
CA VAL A 430 34.01 10.26 -3.80
C VAL A 430 34.90 9.88 -2.61
N PRO A 431 34.50 8.90 -1.77
CA PRO A 431 35.18 8.70 -0.48
C PRO A 431 36.67 8.44 -0.75
N ASN A 432 37.53 9.01 0.12
CA ASN A 432 38.97 8.83 0.03
C ASN A 432 39.58 9.62 -1.13
N VAL A 433 38.78 10.33 -1.93
CA VAL A 433 39.31 10.99 -3.12
C VAL A 433 38.94 12.48 -3.14
N MET A 434 37.64 12.82 -3.18
CA MET A 434 37.33 14.24 -3.34
C MET A 434 35.87 14.51 -3.02
N GLY A 435 35.57 15.78 -2.78
CA GLY A 435 34.19 16.23 -2.79
C GLY A 435 33.93 17.11 -4.00
N MET A 436 32.68 17.18 -4.43
CA MET A 436 32.29 18.09 -5.50
C MET A 436 30.95 18.71 -5.14
N MET A 437 30.70 19.86 -5.75
CA MET A 437 29.36 20.41 -5.80
C MET A 437 29.09 20.78 -7.26
N CYS A 438 28.01 20.22 -7.81
CA CYS A 438 27.52 20.51 -9.16
C CYS A 438 26.26 21.36 -9.01
N TRP A 439 26.12 22.44 -9.78
CA TRP A 439 24.92 23.25 -9.63
C TRP A 439 24.41 23.71 -10.99
N SER A 440 23.15 23.37 -11.30
CA SER A 440 22.44 23.93 -12.44
C SER A 440 20.95 23.95 -12.12
N PRO A 441 20.29 25.13 -12.04
CA PRO A 441 18.85 25.20 -11.69
C PRO A 441 17.83 24.29 -12.35
N PRO A 442 17.85 24.00 -13.68
CA PRO A 442 16.78 23.19 -14.28
C PRO A 442 16.74 21.75 -13.75
N LEU A 443 15.56 21.31 -13.28
CA LEU A 443 15.40 20.00 -12.64
C LEU A 443 14.65 19.06 -13.58
N ASP A 444 14.95 17.76 -13.48
CA ASP A 444 14.22 16.74 -14.23
C ASP A 444 12.92 16.45 -13.47
N LYS A 445 12.17 15.46 -13.96
CA LYS A 445 10.88 15.10 -13.38
C LYS A 445 11.02 14.51 -11.98
N MET A 446 12.23 14.06 -11.58
CA MET A 446 12.43 13.51 -10.23
C MET A 446 12.81 14.61 -9.26
N GLY A 447 13.14 15.82 -9.75
CA GLY A 447 13.57 16.91 -8.86
C GLY A 447 15.09 17.11 -8.84
N ASN A 448 15.83 16.34 -9.65
CA ASN A 448 17.29 16.40 -9.71
C ASN A 448 17.78 17.29 -10.86
N SER A 449 18.84 18.07 -10.63
CA SER A 449 19.47 18.88 -11.67
C SER A 449 19.77 18.03 -12.91
N VAL A 450 19.26 18.43 -14.09
CA VAL A 450 19.51 17.69 -15.33
C VAL A 450 21.00 17.64 -15.64
N LYS A 451 21.68 18.81 -15.59
CA LYS A 451 23.11 18.82 -15.93
C LYS A 451 23.95 18.06 -14.90
N GLY A 452 23.65 18.22 -13.61
CA GLY A 452 24.38 17.51 -12.58
C GLY A 452 24.27 15.99 -12.74
N ILE A 453 23.05 15.47 -12.98
CA ILE A 453 22.83 14.05 -13.18
C ILE A 453 23.64 13.56 -14.38
N HIS A 454 23.59 14.30 -15.50
CA HIS A 454 24.34 13.93 -16.70
C HIS A 454 25.85 13.89 -16.41
N PHE A 455 26.37 14.92 -15.70
CA PHE A 455 27.76 14.98 -15.32
C PHE A 455 28.16 13.80 -14.42
N CYS A 456 27.34 13.49 -13.40
CA CYS A 456 27.66 12.37 -12.50
C CYS A 456 27.77 11.03 -13.24
N HIS A 457 26.87 10.76 -14.20
CA HIS A 457 26.97 9.56 -15.02
C HIS A 457 28.26 9.53 -15.84
N ASP A 458 28.59 10.63 -16.52
CA ASP A 458 29.82 10.70 -17.32
C ASP A 458 31.06 10.52 -16.43
N LEU A 459 31.04 11.14 -15.26
CA LEU A 459 32.20 11.06 -14.37
C LEU A 459 32.53 9.60 -14.05
N VAL A 460 31.51 8.80 -13.72
CA VAL A 460 31.73 7.40 -13.36
C VAL A 460 31.93 6.52 -14.59
N SER A 461 31.38 6.91 -15.76
CA SER A 461 31.70 6.20 -17.00
C SER A 461 33.19 6.33 -17.30
N LEU A 462 33.75 7.50 -17.03
CA LEU A 462 35.16 7.76 -17.35
C LEU A 462 36.12 7.13 -16.34
N CYS A 463 35.86 7.34 -15.03
CA CYS A 463 36.81 7.02 -13.96
C CYS A 463 36.29 5.87 -13.08
N ASN A 464 37.22 5.10 -12.51
CA ASN A 464 36.88 3.95 -11.66
C ASN A 464 36.52 4.39 -10.24
N PHE A 465 35.51 5.27 -10.13
CA PHE A 465 35.08 5.84 -8.85
C PHE A 465 33.80 5.18 -8.31
N HIS A 466 33.13 4.33 -9.10
CA HIS A 466 31.91 3.70 -8.57
C HIS A 466 32.31 2.95 -7.31
N ASN A 467 31.46 3.01 -6.29
CA ASN A 467 31.61 2.26 -5.04
C ASN A 467 32.06 0.79 -5.28
N TYR A 468 31.57 0.15 -6.35
CA TYR A 468 31.88 -1.25 -6.60
C TYR A 468 32.69 -1.44 -7.88
N ASP A 469 33.37 -0.38 -8.35
CA ASP A 469 34.47 -0.59 -9.31
C ASP A 469 35.65 -1.21 -8.56
N ASN A 470 36.50 -1.94 -9.28
CA ASN A 470 37.66 -2.57 -8.68
C ASN A 470 38.87 -1.66 -8.90
N LEU A 471 39.78 -1.62 -7.91
CA LEU A 471 40.97 -0.77 -7.97
C LEU A 471 42.09 -1.42 -8.79
N ARG A 472 41.97 -2.69 -9.13
CA ARG A 472 43.04 -3.37 -9.85
C ARG A 472 42.62 -3.69 -11.28
N HIS A 473 41.37 -4.13 -11.48
CA HIS A 473 40.86 -4.54 -12.79
C HIS A 473 39.61 -3.72 -13.10
N PHE A 474 39.76 -2.73 -14.01
CA PHE A 474 38.70 -1.79 -14.31
C PHE A 474 38.58 -1.52 -15.81
N ALA A 475 38.95 -2.51 -16.64
CA ALA A 475 38.70 -2.47 -18.08
C ALA A 475 39.30 -1.20 -18.65
N LYS A 476 38.45 -0.35 -19.28
CA LYS A 476 38.94 0.80 -20.02
C LYS A 476 38.75 2.11 -19.24
N LYS A 477 38.37 2.03 -17.95
CA LYS A 477 38.23 3.27 -17.19
C LYS A 477 39.61 3.87 -16.93
N LEU A 478 39.67 5.18 -16.69
CA LEU A 478 40.86 5.87 -16.19
C LEU A 478 40.82 5.85 -14.66
N ASP A 479 41.99 5.63 -14.03
CA ASP A 479 42.13 5.77 -12.58
C ASP A 479 43.02 6.97 -12.28
N PRO A 480 42.44 8.17 -12.01
CA PRO A 480 43.23 9.39 -11.81
C PRO A 480 44.23 9.24 -10.66
N ARG A 481 43.87 8.46 -9.64
CA ARG A 481 44.78 8.22 -8.49
C ARG A 481 45.87 7.23 -8.92
N ARG A 482 46.51 7.50 -10.07
CA ARG A 482 47.56 6.58 -10.60
C ARG A 482 48.28 7.26 -11.76
N GLU A 483 49.62 7.26 -11.76
CA GLU A 483 50.37 7.83 -12.87
C GLU A 483 50.15 6.95 -14.10
N SER B 76 -69.40 10.37 10.33
CA SER B 76 -68.19 11.22 10.24
C SER B 76 -67.04 10.58 11.01
N LEU B 77 -65.83 11.08 10.74
CA LEU B 77 -64.58 10.49 11.19
C LEU B 77 -64.44 10.57 12.71
N GLU B 78 -64.84 11.70 13.33
CA GLU B 78 -64.76 11.90 14.78
C GLU B 78 -65.72 10.96 15.51
N ASP B 79 -66.89 10.73 14.89
CA ASP B 79 -67.93 9.88 15.45
C ASP B 79 -67.48 8.42 15.45
N LEU B 80 -67.06 7.94 14.26
CA LEU B 80 -66.47 6.62 14.10
C LEU B 80 -65.48 6.36 15.23
N LEU B 81 -64.54 7.29 15.40
CA LEU B 81 -63.49 7.18 16.41
C LEU B 81 -64.10 7.23 17.81
N PHE B 82 -65.14 8.05 17.99
CA PHE B 82 -65.82 8.12 19.28
C PHE B 82 -66.32 6.73 19.69
N TYR B 83 -66.95 6.00 18.74
CA TYR B 83 -67.55 4.69 19.04
C TYR B 83 -66.48 3.66 19.39
N THR B 84 -65.36 3.67 18.65
CA THR B 84 -64.22 2.80 18.88
C THR B 84 -63.75 2.88 20.34
N ILE B 85 -63.66 4.10 20.88
CA ILE B 85 -63.13 4.29 22.22
C ILE B 85 -64.25 4.14 23.24
N ALA B 86 -65.49 4.43 22.83
CA ALA B 86 -66.63 4.42 23.74
C ALA B 86 -67.04 3.01 24.16
N GLU B 87 -67.11 2.09 23.18
CA GLU B 87 -67.46 0.69 23.39
C GLU B 87 -68.79 0.58 24.14
N GLY B 88 -69.86 1.09 23.53
CA GLY B 88 -71.20 0.94 24.08
C GLY B 88 -71.56 2.03 25.09
N GLN B 89 -70.55 2.67 25.72
CA GLN B 89 -70.77 3.73 26.70
C GLN B 89 -71.25 5.01 26.00
N GLU B 90 -71.79 5.92 26.81
CA GLU B 90 -72.25 7.22 26.34
C GLU B 90 -71.13 8.26 26.41
N LYS B 91 -70.21 8.10 27.38
CA LYS B 91 -69.12 9.05 27.59
C LYS B 91 -67.79 8.33 27.76
N ILE B 92 -66.71 8.99 27.32
CA ILE B 92 -65.34 8.50 27.44
C ILE B 92 -64.64 9.27 28.56
N PRO B 93 -64.13 8.61 29.63
CA PRO B 93 -63.27 9.31 30.59
C PRO B 93 -62.00 9.75 29.83
N VAL B 94 -61.46 10.93 30.21
CA VAL B 94 -60.30 11.51 29.55
C VAL B 94 -59.10 10.56 29.66
N HIS B 95 -58.87 10.03 30.88
CA HIS B 95 -57.77 9.10 31.14
C HIS B 95 -57.82 7.88 30.21
N LYS B 96 -59.02 7.43 29.84
CA LYS B 96 -59.20 6.27 28.97
C LYS B 96 -58.79 6.60 27.54
N PHE B 97 -59.08 7.83 27.09
CA PHE B 97 -58.66 8.28 25.77
C PHE B 97 -57.13 8.40 25.72
N ILE B 98 -56.53 8.95 26.77
CA ILE B 98 -55.09 9.17 26.87
C ILE B 98 -54.34 7.84 26.90
N THR B 99 -54.79 6.88 27.72
CA THR B 99 -54.19 5.55 27.78
C THR B 99 -54.21 4.86 26.41
N ALA B 100 -55.36 4.89 25.73
CA ALA B 100 -55.47 4.28 24.42
C ALA B 100 -54.50 4.93 23.42
N LEU B 101 -54.41 6.28 23.47
CA LEU B 101 -53.55 7.04 22.59
C LEU B 101 -52.07 6.66 22.80
N LYS B 102 -51.63 6.59 24.05
CA LYS B 102 -50.26 6.24 24.39
C LYS B 102 -49.91 4.80 23.96
N SER B 103 -50.90 3.92 23.95
CA SER B 103 -50.61 2.53 23.61
C SER B 103 -50.33 2.36 22.12
N THR B 104 -50.72 3.35 21.28
CA THR B 104 -50.37 3.32 19.87
C THR B 104 -48.88 3.67 19.67
N GLY B 105 -48.24 4.22 20.71
CA GLY B 105 -46.87 4.69 20.62
C GLY B 105 -46.69 6.21 20.56
N LEU B 106 -47.74 6.97 20.25
CA LEU B 106 -47.61 8.42 20.21
C LEU B 106 -47.50 8.98 21.63
N ARG B 107 -46.79 10.11 21.78
CA ARG B 107 -46.71 10.81 23.04
C ARG B 107 -47.74 11.94 23.06
N THR B 108 -48.25 12.28 24.25
CA THR B 108 -49.22 13.38 24.35
C THR B 108 -48.60 14.73 23.96
N SER B 109 -47.27 14.82 24.09
CA SER B 109 -46.54 16.03 23.71
C SER B 109 -46.26 16.09 22.20
N ASP B 110 -46.69 15.11 21.40
CA ASP B 110 -46.39 15.10 19.98
C ASP B 110 -46.81 16.44 19.36
N PRO B 111 -45.90 17.19 18.69
CA PRO B 111 -46.28 18.47 18.09
C PRO B 111 -47.50 18.41 17.15
N ARG B 112 -47.77 17.26 16.53
CA ARG B 112 -48.91 17.16 15.62
C ARG B 112 -50.23 16.98 16.37
N LEU B 113 -50.18 16.74 17.70
CA LEU B 113 -51.36 16.59 18.53
C LEU B 113 -51.59 17.83 19.41
N LYS B 114 -50.90 18.94 19.11
CA LYS B 114 -50.95 20.14 19.94
C LYS B 114 -52.39 20.66 20.07
N GLU B 115 -53.12 20.80 18.96
CA GLU B 115 -54.49 21.33 19.00
C GLU B 115 -55.41 20.45 19.84
N CYS B 116 -55.39 19.13 19.64
CA CYS B 116 -56.13 18.19 20.46
C CYS B 116 -55.82 18.35 21.96
N MET B 117 -54.54 18.43 22.33
CA MET B 117 -54.18 18.47 23.74
C MET B 117 -54.52 19.84 24.33
N ASP B 118 -54.40 20.92 23.53
CA ASP B 118 -54.81 22.25 23.95
C ASP B 118 -56.30 22.27 24.29
N MET B 119 -57.11 21.68 23.38
CA MET B 119 -58.55 21.57 23.56
C MET B 119 -58.91 20.78 24.83
N LEU B 120 -58.21 19.67 25.08
CA LEU B 120 -58.41 18.90 26.31
C LEU B 120 -58.10 19.73 27.56
N ARG B 121 -57.02 20.52 27.53
CA ARG B 121 -56.67 21.35 28.68
C ARG B 121 -57.76 22.42 28.91
N LEU B 122 -58.26 23.02 27.83
CA LEU B 122 -59.32 24.02 27.93
C LEU B 122 -60.59 23.40 28.53
N THR B 123 -60.87 22.13 28.17
CA THR B 123 -62.05 21.42 28.63
C THR B 123 -61.94 21.12 30.12
N LEU B 124 -60.77 20.72 30.61
CA LEU B 124 -60.57 20.50 32.04
C LEU B 124 -60.65 21.85 32.76
N VAL B 131 -64.15 15.33 33.96
CA VAL B 131 -63.14 14.39 33.40
C VAL B 131 -63.85 13.38 32.49
N MET B 132 -65.00 13.77 31.94
CA MET B 132 -65.86 12.92 31.12
C MET B 132 -66.22 13.62 29.80
N LEU B 133 -66.17 12.86 28.69
CA LEU B 133 -66.27 13.39 27.33
C LEU B 133 -67.44 12.73 26.62
N ASP B 134 -68.47 13.52 26.27
CA ASP B 134 -69.57 13.02 25.48
C ASP B 134 -69.16 13.07 24.00
N LYS B 135 -70.03 12.58 23.11
CA LYS B 135 -69.76 12.55 21.68
C LYS B 135 -69.31 13.93 21.19
N ASP B 136 -70.01 14.94 21.70
CA ASP B 136 -69.91 16.29 21.16
C ASP B 136 -68.62 16.97 21.60
N LEU B 137 -68.29 16.84 22.88
CA LEU B 137 -67.08 17.38 23.47
C LEU B 137 -65.85 16.70 22.85
N PHE B 138 -65.92 15.37 22.69
CA PHE B 138 -64.86 14.58 22.07
C PHE B 138 -64.57 15.12 20.68
N LYS B 139 -65.60 15.25 19.83
CA LYS B 139 -65.46 15.76 18.48
C LYS B 139 -64.78 17.14 18.50
N LYS B 140 -65.14 17.97 19.48
CA LYS B 140 -64.59 19.32 19.60
C LYS B 140 -63.09 19.26 19.86
N CYS B 141 -62.66 18.26 20.64
CA CYS B 141 -61.26 18.08 21.01
C CYS B 141 -60.40 17.50 19.88
N VAL B 142 -60.91 16.49 19.16
CA VAL B 142 -60.04 15.70 18.30
C VAL B 142 -60.13 16.16 16.85
N GLN B 143 -61.03 17.11 16.56
CA GLN B 143 -61.40 17.39 15.18
C GLN B 143 -60.21 17.91 14.37
N SER B 144 -59.37 18.77 14.97
CA SER B 144 -58.27 19.36 14.22
C SER B 144 -57.21 18.31 13.86
N ASN B 145 -57.10 17.23 14.65
CA ASN B 145 -56.03 16.24 14.49
C ASN B 145 -56.58 14.87 14.07
N ILE B 146 -57.75 14.86 13.41
CA ILE B 146 -58.54 13.64 13.27
C ILE B 146 -57.87 12.65 12.32
N VAL B 147 -57.19 13.14 11.28
CA VAL B 147 -56.51 12.26 10.32
C VAL B 147 -55.45 11.41 11.04
N LEU B 148 -54.58 12.06 11.83
CA LEU B 148 -53.52 11.35 12.54
C LEU B 148 -54.10 10.38 13.59
N LEU B 149 -55.12 10.82 14.34
CA LEU B 149 -55.68 10.00 15.39
C LEU B 149 -56.36 8.76 14.79
N THR B 150 -56.91 8.90 13.57
CA THR B 150 -57.58 7.83 12.87
C THR B 150 -56.57 6.76 12.47
N GLN B 151 -55.47 7.19 11.82
CA GLN B 151 -54.39 6.27 11.47
C GLN B 151 -53.89 5.54 12.71
N ALA B 152 -53.74 6.26 13.84
CA ALA B 152 -53.25 5.67 15.08
C ALA B 152 -54.16 4.56 15.56
N PHE B 153 -55.47 4.84 15.65
CA PHE B 153 -56.45 3.93 16.24
C PHE B 153 -56.88 2.83 15.26
N ARG B 154 -56.75 3.06 13.95
CA ARG B 154 -57.01 2.02 12.97
C ARG B 154 -55.77 1.13 12.75
N ARG B 155 -54.75 1.25 13.62
CA ARG B 155 -53.55 0.42 13.52
C ARG B 155 -52.90 0.53 12.15
N LYS B 156 -52.81 1.76 11.62
CA LYS B 156 -52.23 1.98 10.31
C LYS B 156 -50.77 2.44 10.41
N PHE B 157 -50.22 2.54 11.63
CA PHE B 157 -48.83 2.99 11.76
C PHE B 157 -47.89 1.90 11.24
N VAL B 158 -46.63 2.25 10.96
CA VAL B 158 -45.70 1.32 10.34
C VAL B 158 -45.51 0.09 11.25
N ILE B 159 -45.53 0.28 12.58
CA ILE B 159 -45.51 -0.85 13.51
C ILE B 159 -46.86 -0.87 14.22
N PRO B 160 -47.84 -1.68 13.78
CA PRO B 160 -49.18 -1.65 14.39
C PRO B 160 -49.24 -2.10 15.83
N ASP B 161 -48.54 -3.19 16.18
CA ASP B 161 -48.52 -3.67 17.56
C ASP B 161 -47.26 -3.15 18.29
N PHE B 162 -47.31 -1.86 18.65
CA PHE B 162 -46.14 -1.15 19.12
C PHE B 162 -45.77 -1.63 20.52
N MET B 163 -46.78 -1.96 21.33
CA MET B 163 -46.54 -2.41 22.70
C MET B 163 -45.74 -3.71 22.68
N SER B 164 -46.10 -4.62 21.79
CA SER B 164 -45.37 -5.88 21.67
C SER B 164 -43.94 -5.62 21.19
N PHE B 165 -43.79 -4.69 20.22
CA PHE B 165 -42.47 -4.32 19.72
C PHE B 165 -41.58 -3.74 20.83
N THR B 166 -42.11 -2.82 21.65
CA THR B 166 -41.26 -2.20 22.66
C THR B 166 -40.85 -3.22 23.74
N SER B 167 -41.69 -4.22 23.96
CA SER B 167 -41.35 -5.31 24.87
C SER B 167 -40.11 -6.07 24.35
N HIS B 168 -40.03 -6.30 23.04
CA HIS B 168 -38.83 -6.90 22.44
C HIS B 168 -37.61 -5.99 22.58
N ILE B 169 -37.79 -4.68 22.31
CA ILE B 169 -36.71 -3.72 22.46
C ILE B 169 -36.15 -3.77 23.89
N ASP B 170 -37.05 -3.85 24.89
CA ASP B 170 -36.63 -3.87 26.30
C ASP B 170 -35.82 -5.12 26.61
N GLU B 171 -36.20 -6.28 26.05
CA GLU B 171 -35.45 -7.51 26.24
C GLU B 171 -34.05 -7.42 25.63
N LEU B 172 -33.94 -6.83 24.43
CA LEU B 172 -32.65 -6.65 23.80
C LEU B 172 -31.79 -5.71 24.63
N TYR B 173 -32.41 -4.64 25.13
CA TYR B 173 -31.73 -3.68 25.99
C TYR B 173 -31.12 -4.39 27.20
N GLU B 174 -31.89 -5.25 27.88
CA GLU B 174 -31.46 -5.88 29.13
C GLU B 174 -30.34 -6.88 28.84
N SER B 175 -30.43 -7.55 27.69
CA SER B 175 -29.40 -8.49 27.29
C SER B 175 -28.06 -7.79 26.98
N ALA B 176 -28.10 -6.64 26.31
CA ALA B 176 -26.89 -5.86 26.03
C ALA B 176 -26.32 -5.29 27.32
N LYS B 177 -27.20 -4.96 28.28
CA LYS B 177 -26.80 -4.37 29.56
C LYS B 177 -25.78 -5.26 30.28
N LYS B 178 -25.86 -6.58 30.06
CA LYS B 178 -24.94 -7.52 30.70
C LYS B 178 -23.55 -7.53 30.06
N GLN B 179 -23.36 -6.86 28.92
CA GLN B 179 -22.08 -6.84 28.22
C GLN B 179 -21.28 -5.61 28.63
N SER B 180 -20.51 -5.74 29.72
CA SER B 180 -19.92 -4.54 30.32
C SER B 180 -18.42 -4.39 30.00
N GLY B 181 -17.91 -5.12 28.99
CA GLY B 181 -16.56 -4.90 28.44
C GLY B 181 -16.37 -3.54 27.75
N GLY B 182 -15.14 -3.27 27.28
CA GLY B 182 -14.80 -2.09 26.48
C GLY B 182 -14.20 -1.00 27.35
N LYS B 183 -13.71 0.07 26.73
CA LYS B 183 -13.03 1.13 27.46
C LYS B 183 -13.64 2.49 27.09
N VAL B 184 -13.97 3.28 28.11
CA VAL B 184 -14.48 4.62 27.89
C VAL B 184 -13.35 5.46 27.28
N ALA B 185 -13.68 6.32 26.30
CA ALA B 185 -12.63 7.14 25.68
C ALA B 185 -12.10 8.13 26.72
N ASP B 186 -10.79 8.37 26.73
CA ASP B 186 -10.25 9.14 27.85
C ASP B 186 -9.38 10.29 27.34
N TYR B 187 -9.17 10.36 26.02
CA TYR B 187 -8.19 11.26 25.42
C TYR B 187 -8.45 12.73 25.77
N ILE B 188 -9.69 13.09 26.11
CA ILE B 188 -9.99 14.39 26.70
C ILE B 188 -10.76 14.17 28.01
N PRO B 189 -10.64 15.07 29.01
CA PRO B 189 -11.34 14.94 30.29
C PRO B 189 -12.87 14.80 30.24
N GLN B 190 -13.50 15.35 29.19
CA GLN B 190 -14.96 15.39 29.05
C GLN B 190 -15.51 14.02 28.65
N LEU B 191 -14.72 13.24 27.91
CA LEU B 191 -15.07 11.88 27.53
C LEU B 191 -14.79 10.92 28.69
N ALA B 192 -13.57 11.04 29.26
CA ALA B 192 -13.06 10.21 30.36
C ALA B 192 -14.01 10.23 31.56
N LYS B 193 -14.80 11.30 31.69
CA LYS B 193 -15.67 11.55 32.84
C LYS B 193 -16.89 10.61 32.88
N PHE B 194 -17.39 10.15 31.72
CA PHE B 194 -18.68 9.46 31.67
C PHE B 194 -18.59 8.07 32.31
N SER B 195 -19.59 7.76 33.15
CA SER B 195 -19.75 6.45 33.77
C SER B 195 -19.81 5.37 32.69
N PRO B 196 -19.01 4.27 32.81
CA PRO B 196 -19.13 3.13 31.90
C PRO B 196 -20.51 2.49 31.85
N ASP B 197 -21.35 2.76 32.86
CA ASP B 197 -22.57 1.98 33.03
C ASP B 197 -23.77 2.72 32.44
N LEU B 198 -23.58 3.94 31.94
CA LEU B 198 -24.68 4.62 31.24
C LEU B 198 -25.03 3.84 29.97
N TRP B 199 -26.32 3.62 29.72
CA TRP B 199 -26.79 2.79 28.61
C TRP B 199 -28.23 3.17 28.28
N GLY B 200 -28.44 3.74 27.08
CA GLY B 200 -29.79 4.11 26.68
C GLY B 200 -30.05 3.74 25.22
N VAL B 201 -31.31 3.43 24.94
CA VAL B 201 -31.78 3.17 23.57
C VAL B 201 -33.10 3.92 23.40
N SER B 202 -33.22 4.71 22.32
CA SER B 202 -34.47 5.37 21.97
C SER B 202 -34.84 5.01 20.53
N VAL B 203 -36.16 4.85 20.32
CA VAL B 203 -36.78 4.50 19.04
C VAL B 203 -37.73 5.63 18.68
N CYS B 204 -37.70 6.05 17.41
CA CYS B 204 -38.75 6.90 16.86
C CYS B 204 -39.13 6.33 15.49
N THR B 205 -40.38 5.85 15.32
CA THR B 205 -40.76 5.29 14.02
C THR B 205 -41.02 6.44 13.04
N VAL B 206 -41.19 6.08 11.76
CA VAL B 206 -41.47 7.09 10.74
C VAL B 206 -42.87 7.68 10.94
N ASP B 207 -43.67 7.11 11.85
CA ASP B 207 -44.98 7.67 12.18
C ASP B 207 -44.97 8.43 13.52
N GLY B 208 -43.79 8.56 14.14
CA GLY B 208 -43.69 9.33 15.38
C GLY B 208 -43.96 8.51 16.64
N GLN B 209 -44.01 7.17 16.54
CA GLN B 209 -44.17 6.33 17.72
C GLN B 209 -42.84 6.28 18.47
N ARG B 210 -42.86 6.41 19.80
CA ARG B 210 -41.65 6.66 20.58
C ARG B 210 -41.49 5.59 21.64
N HIS B 211 -40.25 5.17 21.90
CA HIS B 211 -39.98 4.34 23.08
C HIS B 211 -38.54 4.58 23.51
N SER B 212 -38.31 4.65 24.83
CA SER B 212 -36.98 4.82 25.41
C SER B 212 -36.80 3.81 26.55
N THR B 213 -35.59 3.25 26.67
CA THR B 213 -35.23 2.48 27.85
C THR B 213 -33.84 2.93 28.27
N GLY B 214 -33.64 3.05 29.59
CA GLY B 214 -32.36 3.39 30.18
C GLY B 214 -32.10 4.90 30.14
N ASP B 215 -30.82 5.27 29.94
CA ASP B 215 -30.35 6.63 30.15
C ASP B 215 -30.49 7.47 28.87
N THR B 216 -31.74 7.86 28.55
CA THR B 216 -32.05 8.41 27.23
C THR B 216 -32.26 9.92 27.31
N LYS B 217 -32.12 10.50 28.51
CA LYS B 217 -32.28 11.94 28.65
C LYS B 217 -30.99 12.59 29.14
N VAL B 218 -29.87 11.87 29.02
CA VAL B 218 -28.57 12.38 29.42
C VAL B 218 -27.85 12.93 28.18
N PRO B 219 -27.46 14.22 28.16
CA PRO B 219 -26.76 14.80 27.02
C PRO B 219 -25.35 14.22 26.83
N PHE B 220 -24.96 13.97 25.58
CA PHE B 220 -23.61 13.52 25.24
C PHE B 220 -23.29 14.12 23.86
N CYS B 221 -22.01 14.22 23.51
CA CYS B 221 -21.63 14.83 22.25
C CYS B 221 -21.82 13.83 21.11
N LEU B 222 -22.26 14.35 19.95
CA LEU B 222 -22.40 13.56 18.74
C LEU B 222 -21.05 13.02 18.32
N GLN B 223 -19.99 13.86 18.36
CA GLN B 223 -18.68 13.51 17.83
C GLN B 223 -18.89 13.05 16.38
N SER B 224 -18.36 11.87 15.98
CA SER B 224 -18.48 11.43 14.59
C SER B 224 -19.92 11.13 14.16
N CYS B 225 -20.85 10.97 15.12
CA CYS B 225 -22.26 10.81 14.71
C CYS B 225 -22.78 12.05 13.94
N VAL B 226 -22.11 13.21 14.06
CA VAL B 226 -22.54 14.42 13.36
C VAL B 226 -22.18 14.34 11.87
N LYS B 227 -21.23 13.48 11.49
CA LYS B 227 -20.72 13.46 10.13
C LYS B 227 -21.82 13.25 9.07
N PRO B 228 -22.74 12.26 9.20
CA PRO B 228 -23.80 12.09 8.22
C PRO B 228 -24.75 13.28 8.18
N LEU B 229 -24.96 13.93 9.33
CA LEU B 229 -25.91 15.03 9.45
C LEU B 229 -25.38 16.26 8.70
N LYS B 230 -24.09 16.57 8.85
CA LYS B 230 -23.57 17.75 8.14
C LYS B 230 -23.39 17.45 6.66
N TYR B 231 -23.10 16.19 6.31
CA TYR B 231 -23.04 15.79 4.91
C TYR B 231 -24.43 15.96 4.28
N ALA B 232 -25.48 15.52 4.97
CA ALA B 232 -26.85 15.68 4.50
C ALA B 232 -27.20 17.16 4.25
N ILE B 233 -26.79 18.04 5.17
CA ILE B 233 -26.99 19.48 5.04
C ILE B 233 -26.30 20.00 3.79
N ALA B 234 -25.03 19.64 3.60
CA ALA B 234 -24.27 20.05 2.44
C ALA B 234 -24.95 19.59 1.15
N VAL B 235 -25.35 18.31 1.07
CA VAL B 235 -26.01 17.82 -0.15
C VAL B 235 -27.36 18.52 -0.34
N ASN B 236 -28.09 18.73 0.76
CA ASN B 236 -29.36 19.43 0.72
C ASN B 236 -29.19 20.80 0.06
N ASP B 237 -28.19 21.56 0.49
CA ASP B 237 -28.04 22.96 0.09
C ASP B 237 -27.33 23.08 -1.26
N LEU B 238 -26.41 22.16 -1.58
CA LEU B 238 -25.48 22.33 -2.69
C LEU B 238 -25.66 21.28 -3.80
N GLY B 239 -26.34 20.14 -3.53
CA GLY B 239 -26.49 19.07 -4.51
C GLY B 239 -25.31 18.10 -4.53
N THR B 240 -25.56 16.88 -5.05
CA THR B 240 -24.61 15.77 -5.03
C THR B 240 -23.33 16.11 -5.81
N GLU B 241 -23.50 16.72 -6.99
CA GLU B 241 -22.40 16.97 -7.91
C GLU B 241 -21.38 17.92 -7.30
N TYR B 242 -21.83 19.02 -6.69
CA TYR B 242 -20.91 19.96 -6.07
C TYR B 242 -20.17 19.28 -4.92
N VAL B 243 -20.90 18.61 -4.03
CA VAL B 243 -20.28 18.04 -2.83
C VAL B 243 -19.20 17.04 -3.22
N HIS B 244 -19.52 16.16 -4.17
CA HIS B 244 -18.61 15.08 -4.56
C HIS B 244 -17.54 15.54 -5.53
N ARG B 245 -17.50 16.83 -5.85
CA ARG B 245 -16.28 17.38 -6.43
C ARG B 245 -15.17 17.45 -5.38
N TYR B 246 -15.53 17.50 -4.08
CA TYR B 246 -14.54 17.69 -3.02
C TYR B 246 -14.31 16.44 -2.16
N VAL B 247 -15.27 15.51 -2.15
CA VAL B 247 -15.15 14.31 -1.31
C VAL B 247 -15.61 13.11 -2.13
N GLY B 248 -15.01 11.93 -1.89
CA GLY B 248 -15.35 10.72 -2.61
C GLY B 248 -16.59 10.01 -2.03
N LYS B 249 -16.85 8.80 -2.50
CA LYS B 249 -18.13 8.14 -2.29
C LYS B 249 -17.95 6.69 -1.88
N GLU B 250 -16.75 6.30 -1.41
CA GLU B 250 -16.49 4.88 -1.19
C GLU B 250 -15.60 4.68 0.02
N PRO B 251 -15.68 3.49 0.68
CA PRO B 251 -14.70 3.15 1.73
C PRO B 251 -13.29 3.09 1.15
N SER B 252 -12.28 3.48 1.91
CA SER B 252 -10.89 3.33 1.48
C SER B 252 -10.47 1.85 1.42
N GLY B 253 -11.18 0.97 2.14
CA GLY B 253 -10.72 -0.41 2.30
C GLY B 253 -9.70 -0.49 3.43
N LEU B 254 -9.42 -1.73 3.86
CA LEU B 254 -8.52 -2.03 5.01
C LEU B 254 -7.22 -1.21 5.00
N ARG B 255 -7.00 -0.34 4.02
CA ARG B 255 -5.83 0.56 4.12
C ARG B 255 -6.04 1.34 5.42
N PHE B 256 -6.92 0.83 6.30
CA PHE B 256 -7.23 1.51 7.58
C PHE B 256 -7.71 2.93 7.30
N ASN B 257 -7.17 3.88 8.05
CA ASN B 257 -7.54 5.30 7.89
C ASN B 257 -6.22 6.07 7.93
N LYS B 258 -5.16 5.42 7.45
CA LYS B 258 -3.86 6.04 7.51
C LYS B 258 -3.74 7.06 6.37
N LEU B 259 -4.42 6.83 5.22
CA LEU B 259 -4.30 7.77 4.11
C LEU B 259 -5.43 8.79 4.18
N PHE B 260 -5.09 10.07 3.98
CA PHE B 260 -6.06 11.15 4.00
C PHE B 260 -6.78 11.28 2.65
N LEU B 261 -6.13 10.90 1.53
CA LEU B 261 -6.69 11.21 0.21
C LEU B 261 -6.70 9.95 -0.64
N ASN B 262 -7.75 9.81 -1.48
CA ASN B 262 -7.81 8.74 -2.46
C ASN B 262 -6.91 9.11 -3.64
N GLU B 263 -6.92 8.28 -4.70
CA GLU B 263 -6.01 8.49 -5.83
C GLU B 263 -6.36 9.73 -6.63
N ASP B 264 -7.61 10.23 -6.52
CA ASP B 264 -7.94 11.49 -7.17
C ASP B 264 -7.72 12.68 -6.25
N ASP B 265 -6.97 12.51 -5.16
CA ASP B 265 -6.64 13.60 -4.24
C ASP B 265 -7.90 14.19 -3.59
N LYS B 266 -8.88 13.33 -3.32
CA LYS B 266 -10.05 13.71 -2.53
C LYS B 266 -10.12 12.78 -1.32
N PRO B 267 -10.59 13.28 -0.16
CA PRO B 267 -10.84 12.39 0.99
C PRO B 267 -11.81 11.30 0.53
N HIS B 268 -11.63 10.09 1.05
CA HIS B 268 -12.25 8.89 0.51
C HIS B 268 -13.78 9.00 0.54
N ASN B 269 -14.31 9.58 1.64
CA ASN B 269 -15.75 9.68 1.80
C ASN B 269 -16.02 10.67 2.93
N PRO B 270 -17.30 11.10 3.14
CA PRO B 270 -17.61 12.10 4.18
C PRO B 270 -17.60 11.56 5.61
N MET B 271 -17.46 10.24 5.80
CA MET B 271 -17.55 9.63 7.12
C MET B 271 -16.18 9.47 7.80
N VAL B 272 -15.08 9.77 7.09
CA VAL B 272 -13.76 9.75 7.72
C VAL B 272 -13.39 11.21 8.06
N ASN B 273 -12.45 11.42 9.00
CA ASN B 273 -12.13 12.77 9.47
C ASN B 273 -11.78 13.74 8.33
N ALA B 274 -10.90 13.33 7.39
CA ALA B 274 -10.51 14.23 6.30
C ALA B 274 -11.72 14.62 5.44
N GLY B 275 -12.64 13.67 5.20
CA GLY B 275 -13.84 13.95 4.41
C GLY B 275 -14.77 14.90 5.14
N ALA B 276 -14.92 14.71 6.47
CA ALA B 276 -15.81 15.53 7.26
C ALA B 276 -15.26 16.96 7.38
N ILE B 277 -13.92 17.10 7.44
CA ILE B 277 -13.29 18.41 7.44
C ILE B 277 -13.58 19.15 6.12
N VAL B 278 -13.47 18.45 4.98
CA VAL B 278 -13.81 19.06 3.70
C VAL B 278 -15.29 19.42 3.65
N VAL B 279 -16.16 18.50 4.09
CA VAL B 279 -17.60 18.79 4.10
C VAL B 279 -17.87 20.04 4.92
N THR B 280 -17.23 20.17 6.09
CA THR B 280 -17.42 21.33 6.96
C THR B 280 -17.12 22.64 6.18
N SER B 281 -16.10 22.63 5.31
CA SER B 281 -15.71 23.81 4.53
C SER B 281 -16.74 24.16 3.46
N LEU B 282 -17.71 23.27 3.18
CA LEU B 282 -18.65 23.52 2.08
C LEU B 282 -19.88 24.28 2.56
N ILE B 283 -20.17 24.22 3.87
CA ILE B 283 -21.45 24.66 4.40
C ILE B 283 -21.46 26.18 4.59
N LYS B 284 -22.49 26.84 4.04
CA LYS B 284 -22.78 28.24 4.33
C LYS B 284 -21.54 29.10 4.10
N GLN B 285 -20.91 28.98 2.92
CA GLN B 285 -19.64 29.63 2.69
C GLN B 285 -19.83 31.15 2.67
N GLY B 286 -18.79 31.90 3.02
CA GLY B 286 -18.85 33.35 2.92
C GLY B 286 -19.32 34.06 4.19
N VAL B 287 -19.93 33.35 5.16
CA VAL B 287 -20.35 33.99 6.41
C VAL B 287 -19.37 33.58 7.50
N ASN B 288 -19.41 34.26 8.66
CA ASN B 288 -18.47 33.95 9.73
C ASN B 288 -18.91 32.68 10.46
N ASN B 289 -18.03 32.14 11.32
CA ASN B 289 -18.23 30.86 11.99
C ASN B 289 -19.45 30.90 12.91
N ALA B 290 -19.70 32.04 13.56
CA ALA B 290 -20.83 32.13 14.48
C ALA B 290 -22.15 31.90 13.72
N GLU B 291 -22.27 32.47 12.51
CA GLU B 291 -23.47 32.34 11.69
C GLU B 291 -23.54 30.93 11.05
N LYS B 292 -22.40 30.35 10.66
CA LYS B 292 -22.37 28.99 10.15
C LYS B 292 -22.90 28.03 11.21
N PHE B 293 -22.41 28.18 12.45
CA PHE B 293 -22.81 27.37 13.58
C PHE B 293 -24.31 27.49 13.90
N ASP B 294 -24.82 28.73 13.96
CA ASP B 294 -26.25 29.00 14.16
C ASP B 294 -27.10 28.29 13.10
N TYR B 295 -26.68 28.41 11.83
CA TYR B 295 -27.37 27.75 10.74
C TYR B 295 -27.41 26.22 10.96
N VAL B 296 -26.27 25.61 11.29
CA VAL B 296 -26.28 24.17 11.49
C VAL B 296 -27.16 23.78 12.69
N MET B 297 -27.09 24.56 13.77
CA MET B 297 -27.89 24.29 14.96
C MET B 297 -29.39 24.35 14.64
N GLN B 298 -29.81 25.33 13.82
CA GLN B 298 -31.21 25.45 13.41
C GLN B 298 -31.61 24.25 12.56
N PHE B 299 -30.69 23.78 11.72
CA PHE B 299 -31.01 22.64 10.88
C PHE B 299 -31.16 21.38 11.75
N LEU B 300 -30.27 21.19 12.73
CA LEU B 300 -30.41 20.03 13.62
C LEU B 300 -31.70 20.11 14.44
N ASN B 301 -32.10 21.32 14.86
CA ASN B 301 -33.36 21.49 15.59
C ASN B 301 -34.55 20.96 14.80
N LYS B 302 -34.59 21.25 13.50
CA LYS B 302 -35.65 20.74 12.63
C LYS B 302 -35.58 19.22 12.49
N MET B 303 -34.36 18.67 12.32
CA MET B 303 -34.20 17.21 12.18
C MET B 303 -34.68 16.49 13.43
N ALA B 304 -34.49 17.13 14.61
CA ALA B 304 -34.86 16.58 15.90
C ALA B 304 -36.29 16.95 16.31
N GLY B 305 -37.05 17.61 15.41
CA GLY B 305 -38.40 18.03 15.75
C GLY B 305 -38.44 18.94 17.00
N ASN B 306 -37.36 19.70 17.20
CA ASN B 306 -37.19 20.69 18.28
C ASN B 306 -36.90 20.04 19.63
N GLU B 307 -36.50 18.77 19.66
CA GLU B 307 -36.05 18.19 20.93
C GLU B 307 -34.60 18.62 21.18
N TYR B 308 -34.03 18.14 22.30
CA TYR B 308 -32.80 18.67 22.84
C TYR B 308 -31.62 18.64 21.85
N VAL B 309 -31.07 19.84 21.57
CA VAL B 309 -29.80 19.98 20.88
C VAL B 309 -29.03 21.04 21.65
N GLY B 310 -27.79 20.73 22.06
CA GLY B 310 -26.99 21.65 22.85
C GLY B 310 -25.56 21.72 22.33
N PHE B 311 -24.66 22.19 23.19
CA PHE B 311 -23.25 22.39 22.82
C PHE B 311 -22.38 22.29 24.08
N SER B 312 -21.26 21.56 23.98
CA SER B 312 -20.36 21.37 25.10
C SER B 312 -19.09 22.18 24.88
N ASN B 313 -19.02 23.35 25.50
CA ASN B 313 -17.87 24.22 25.34
C ASN B 313 -16.61 23.54 25.89
N ALA B 314 -16.76 22.74 26.95
CA ALA B 314 -15.61 22.08 27.55
C ALA B 314 -15.05 21.01 26.60
N THR B 315 -15.93 20.28 25.89
CA THR B 315 -15.45 19.34 24.88
C THR B 315 -14.77 20.08 23.73
N PHE B 316 -15.36 21.20 23.30
CA PHE B 316 -14.78 21.99 22.23
C PHE B 316 -13.36 22.47 22.58
N GLN B 317 -13.17 23.04 23.77
CA GLN B 317 -11.86 23.52 24.23
C GLN B 317 -10.83 22.38 24.20
N SER B 318 -11.23 21.20 24.68
CA SER B 318 -10.34 20.05 24.73
C SER B 318 -10.03 19.49 23.35
N GLU B 319 -11.03 19.39 22.46
CA GLU B 319 -10.83 18.92 21.08
C GLU B 319 -9.80 19.80 20.38
N ARG B 320 -9.96 21.12 20.55
CA ARG B 320 -9.11 22.07 19.85
C ARG B 320 -7.68 22.06 20.37
N GLU B 321 -7.45 21.70 21.64
CA GLU B 321 -6.11 21.76 22.22
C GLU B 321 -5.36 20.45 21.98
N SER B 322 -6.09 19.37 21.73
CA SER B 322 -5.45 18.11 21.39
C SER B 322 -5.81 17.68 19.97
N GLY B 323 -6.06 18.62 19.05
CA GLY B 323 -6.46 18.18 17.71
C GLY B 323 -5.28 18.09 16.73
N ASP B 324 -4.12 17.59 17.19
CA ASP B 324 -2.93 17.58 16.34
C ASP B 324 -3.15 16.79 15.06
N ARG B 325 -3.83 15.63 15.15
CA ARG B 325 -4.12 14.83 13.97
C ARG B 325 -4.96 15.63 12.96
N ASN B 326 -5.92 16.42 13.48
CA ASN B 326 -6.83 17.17 12.62
C ASN B 326 -6.14 18.36 11.97
N PHE B 327 -5.21 19.01 12.70
CA PHE B 327 -4.33 20.01 12.10
C PHE B 327 -3.46 19.41 11.00
N ALA B 328 -2.96 18.19 11.20
CA ALA B 328 -2.17 17.54 10.16
C ALA B 328 -3.01 17.36 8.89
N ILE B 329 -4.26 16.89 9.07
CA ILE B 329 -5.19 16.73 7.97
C ILE B 329 -5.44 18.09 7.30
N GLY B 330 -5.71 19.11 8.11
CA GLY B 330 -6.05 20.42 7.57
C GLY B 330 -4.94 20.98 6.68
N TYR B 331 -3.70 20.92 7.17
CA TYR B 331 -2.57 21.41 6.38
C TYR B 331 -2.34 20.55 5.13
N TYR B 332 -2.55 19.24 5.25
CA TYR B 332 -2.39 18.35 4.11
C TYR B 332 -3.40 18.66 3.00
N LEU B 333 -4.69 18.84 3.38
CA LEU B 333 -5.75 19.18 2.43
C LEU B 333 -5.47 20.54 1.80
N LYS B 334 -4.99 21.50 2.61
CA LYS B 334 -4.69 22.81 2.08
C LYS B 334 -3.60 22.71 1.01
N GLU B 335 -2.52 21.99 1.32
CA GLU B 335 -1.41 21.81 0.39
C GLU B 335 -1.89 21.16 -0.92
N LYS B 336 -2.78 20.16 -0.84
CA LYS B 336 -3.27 19.44 -2.00
C LYS B 336 -4.47 20.15 -2.67
N LYS B 337 -4.81 21.37 -2.22
CA LYS B 337 -5.85 22.23 -2.79
C LYS B 337 -7.23 21.57 -2.75
N CYS B 338 -7.60 20.98 -1.61
CA CYS B 338 -8.82 20.18 -1.52
C CYS B 338 -10.01 21.02 -1.08
N PHE B 339 -9.78 22.27 -0.66
CA PHE B 339 -10.81 23.15 -0.13
C PHE B 339 -11.39 24.05 -1.23
N PRO B 340 -12.66 24.52 -1.12
CA PRO B 340 -13.17 25.53 -2.04
C PRO B 340 -12.31 26.80 -1.96
N GLU B 341 -12.16 27.47 -3.10
CA GLU B 341 -11.38 28.69 -3.18
C GLU B 341 -11.86 29.68 -2.12
N GLY B 342 -10.93 30.35 -1.45
CA GLY B 342 -11.26 31.35 -0.45
C GLY B 342 -11.45 30.76 0.94
N THR B 343 -11.08 29.48 1.14
CA THR B 343 -11.27 28.83 2.44
C THR B 343 -10.21 29.32 3.42
N ASP B 344 -10.63 29.63 4.64
CA ASP B 344 -9.75 29.86 5.78
C ASP B 344 -9.63 28.54 6.55
N MET B 345 -8.54 27.80 6.31
CA MET B 345 -8.44 26.42 6.74
C MET B 345 -8.46 26.34 8.28
N VAL B 346 -7.76 27.25 8.96
CA VAL B 346 -7.69 27.21 10.42
C VAL B 346 -9.07 27.54 11.02
N GLY B 347 -9.83 28.44 10.36
CA GLY B 347 -11.20 28.73 10.77
C GLY B 347 -12.16 27.55 10.58
N ILE B 348 -11.99 26.80 9.50
CA ILE B 348 -12.76 25.58 9.24
C ILE B 348 -12.49 24.51 10.31
N LEU B 349 -11.23 24.36 10.74
CA LEU B 349 -10.90 23.39 11.77
C LEU B 349 -11.63 23.75 13.06
N ASP B 350 -11.69 25.06 13.37
CA ASP B 350 -12.39 25.53 14.55
C ASP B 350 -13.88 25.15 14.50
N PHE B 351 -14.52 25.41 13.35
CA PHE B 351 -15.91 25.05 13.11
C PHE B 351 -16.11 23.53 13.23
N TYR B 352 -15.19 22.75 12.66
CA TYR B 352 -15.21 21.30 12.74
C TYR B 352 -15.26 20.82 14.21
N PHE B 353 -14.37 21.34 15.06
CA PHE B 353 -14.35 20.97 16.48
C PHE B 353 -15.64 21.36 17.19
N GLN B 354 -16.24 22.51 16.79
CA GLN B 354 -17.52 22.92 17.34
C GLN B 354 -18.62 21.90 16.99
N LEU B 355 -18.69 21.47 15.73
CA LEU B 355 -19.72 20.53 15.30
C LEU B 355 -19.60 19.19 16.02
N CYS B 356 -18.36 18.73 16.28
CA CYS B 356 -18.11 17.49 17.03
C CYS B 356 -18.60 17.61 18.47
N SER B 357 -18.72 18.84 18.99
CA SER B 357 -19.06 19.11 20.39
C SER B 357 -20.56 19.37 20.59
N ILE B 358 -21.36 19.29 19.52
CA ILE B 358 -22.82 19.41 19.64
C ILE B 358 -23.35 18.24 20.46
N GLU B 359 -24.26 18.54 21.40
CA GLU B 359 -24.84 17.56 22.31
C GLU B 359 -26.26 17.20 21.90
N VAL B 360 -26.63 15.94 22.17
CA VAL B 360 -27.99 15.42 21.95
C VAL B 360 -28.29 14.51 23.14
N THR B 361 -29.53 14.02 23.23
CA THR B 361 -29.86 12.88 24.08
C THR B 361 -30.21 11.73 23.13
N CYS B 362 -30.33 10.52 23.67
CA CYS B 362 -30.84 9.40 22.87
C CYS B 362 -32.20 9.76 22.28
N GLU B 363 -33.05 10.42 23.08
CA GLU B 363 -34.39 10.75 22.62
C GLU B 363 -34.35 11.69 21.42
N SER B 364 -33.58 12.80 21.51
CA SER B 364 -33.59 13.75 20.41
C SER B 364 -32.88 13.21 19.19
N ALA B 365 -31.78 12.46 19.39
CA ALA B 365 -31.06 11.86 18.27
C ALA B 365 -31.89 10.79 17.56
N SER B 366 -32.76 10.06 18.27
CA SER B 366 -33.58 9.05 17.60
C SER B 366 -34.53 9.72 16.58
N VAL B 367 -34.97 10.95 16.88
CA VAL B 367 -35.84 11.69 15.98
C VAL B 367 -35.07 12.13 14.74
N MET B 368 -33.81 12.58 14.91
CA MET B 368 -32.94 12.90 13.79
C MET B 368 -32.78 11.69 12.88
N ALA B 369 -32.56 10.50 13.47
CA ALA B 369 -32.39 9.28 12.72
C ALA B 369 -33.71 8.92 12.01
N ALA B 370 -34.85 9.22 12.64
CA ALA B 370 -36.14 8.91 12.05
C ALA B 370 -36.44 9.83 10.86
N THR B 371 -35.93 11.07 10.89
CA THR B 371 -36.01 11.97 9.72
C THR B 371 -35.32 11.33 8.51
N LEU B 372 -34.16 10.72 8.75
CA LEU B 372 -33.44 9.99 7.71
C LEU B 372 -34.18 8.72 7.29
N ALA B 373 -34.85 8.04 8.22
CA ALA B 373 -35.64 6.85 7.88
C ALA B 373 -36.89 7.22 7.06
N ASN B 374 -37.34 8.48 7.18
CA ASN B 374 -38.62 8.93 6.66
C ASN B 374 -38.43 9.82 5.44
N GLY B 375 -37.33 9.63 4.70
CA GLY B 375 -37.13 10.30 3.42
C GLY B 375 -36.95 11.81 3.57
N GLY B 376 -36.54 12.27 4.75
CA GLY B 376 -36.22 13.68 4.93
C GLY B 376 -37.35 14.49 5.59
N PHE B 377 -38.47 13.83 5.91
CA PHE B 377 -39.54 14.48 6.66
C PHE B 377 -39.41 14.12 8.13
N CYS B 378 -39.46 15.14 9.00
CA CYS B 378 -39.37 14.88 10.44
C CYS B 378 -40.69 14.24 10.88
N PRO B 379 -40.69 13.02 11.46
CA PRO B 379 -41.93 12.31 11.72
C PRO B 379 -42.83 12.92 12.79
N ILE B 380 -42.25 13.67 13.77
CA ILE B 380 -43.09 14.20 14.84
C ILE B 380 -43.57 15.62 14.52
N THR B 381 -43.18 16.18 13.37
CA THR B 381 -43.63 17.54 12.96
C THR B 381 -44.28 17.52 11.57
N GLY B 382 -43.86 16.61 10.69
CA GLY B 382 -44.38 16.55 9.32
C GLY B 382 -43.64 17.50 8.40
N GLU B 383 -42.62 18.17 8.92
CA GLU B 383 -41.88 19.18 8.14
C GLU B 383 -40.84 18.53 7.22
N ARG B 384 -40.78 18.96 5.97
CA ARG B 384 -39.70 18.49 5.05
C ARG B 384 -38.41 19.20 5.48
N VAL B 385 -37.44 18.42 5.96
CA VAL B 385 -36.17 18.99 6.47
C VAL B 385 -35.04 18.80 5.46
N LEU B 386 -35.01 17.65 4.79
CA LEU B 386 -33.92 17.35 3.83
C LEU B 386 -34.47 16.85 2.51
N SER B 387 -33.77 17.17 1.42
CA SER B 387 -34.20 16.66 0.11
C SER B 387 -34.05 15.12 0.05
N PRO B 388 -34.85 14.42 -0.79
CA PRO B 388 -34.69 12.97 -0.96
C PRO B 388 -33.28 12.53 -1.35
N GLU B 389 -32.62 13.32 -2.22
CA GLU B 389 -31.25 13.07 -2.65
C GLU B 389 -30.27 13.13 -1.47
N ALA B 390 -30.37 14.14 -0.61
CA ALA B 390 -29.51 14.26 0.57
C ALA B 390 -29.63 13.02 1.46
N VAL B 391 -30.88 12.57 1.69
CA VAL B 391 -31.12 11.43 2.58
C VAL B 391 -30.59 10.14 1.96
N ARG B 392 -30.91 9.89 0.68
CA ARG B 392 -30.47 8.67 0.02
C ARG B 392 -28.93 8.55 0.04
N ASN B 393 -28.23 9.63 -0.34
CA ASN B 393 -26.76 9.62 -0.36
C ASN B 393 -26.21 9.40 1.06
N THR B 394 -26.80 10.04 2.07
CA THR B 394 -26.34 9.92 3.45
C THR B 394 -26.43 8.47 3.94
N LEU B 395 -27.58 7.82 3.69
CA LEU B 395 -27.82 6.44 4.09
C LEU B 395 -26.86 5.49 3.35
N SER B 396 -26.62 5.73 2.05
CA SER B 396 -25.70 4.90 1.26
C SER B 396 -24.31 4.89 1.90
N LEU B 397 -23.83 6.09 2.30
CA LEU B 397 -22.47 6.21 2.84
C LEU B 397 -22.38 5.75 4.30
N MET B 398 -23.46 5.90 5.07
CA MET B 398 -23.50 5.34 6.41
C MET B 398 -23.43 3.81 6.32
N HIS B 399 -24.10 3.23 5.33
CA HIS B 399 -24.11 1.79 5.15
C HIS B 399 -22.70 1.23 5.01
N SER B 400 -21.90 1.85 4.13
CA SER B 400 -20.60 1.30 3.76
C SER B 400 -19.44 1.89 4.58
N CYS B 401 -19.59 3.07 5.21
CA CYS B 401 -18.45 3.81 5.75
C CYS B 401 -18.65 4.25 7.20
N GLY B 402 -19.74 3.85 7.86
CA GLY B 402 -20.20 4.54 9.06
C GLY B 402 -19.66 3.99 10.40
N MET B 403 -19.01 2.83 10.38
CA MET B 403 -18.68 2.16 11.64
C MET B 403 -17.17 1.90 11.74
N TYR B 404 -16.38 2.88 11.26
CA TYR B 404 -14.92 2.84 11.22
C TYR B 404 -14.46 1.58 10.47
N ASP B 405 -13.43 0.88 10.98
CA ASP B 405 -12.92 -0.33 10.34
C ASP B 405 -13.86 -1.51 10.48
N PHE B 406 -14.94 -1.38 11.28
CA PHE B 406 -15.94 -2.43 11.38
C PHE B 406 -17.03 -2.27 10.32
N SER B 407 -16.90 -1.27 9.43
CA SER B 407 -17.98 -0.95 8.48
C SER B 407 -18.37 -2.13 7.60
N GLY B 408 -17.36 -2.83 7.05
CA GLY B 408 -17.66 -3.96 6.16
C GLY B 408 -18.36 -5.12 6.88
N GLN B 409 -17.91 -5.42 8.11
CA GLN B 409 -18.51 -6.50 8.88
C GLN B 409 -19.95 -6.13 9.27
N PHE B 410 -20.13 -4.87 9.68
CA PHE B 410 -21.43 -4.35 10.08
C PHE B 410 -22.39 -4.37 8.90
N ALA B 411 -21.95 -3.91 7.71
CA ALA B 411 -22.80 -3.94 6.52
C ALA B 411 -23.26 -5.37 6.23
N PHE B 412 -22.34 -6.34 6.38
CA PHE B 412 -22.64 -7.73 6.05
C PHE B 412 -23.62 -8.34 7.05
N HIS B 413 -23.33 -8.21 8.36
CA HIS B 413 -24.13 -8.92 9.36
C HIS B 413 -25.38 -8.13 9.76
N VAL B 414 -25.26 -6.81 9.91
CA VAL B 414 -26.38 -6.03 10.43
C VAL B 414 -27.20 -5.47 9.26
N GLY B 415 -26.51 -4.91 8.26
CA GLY B 415 -27.15 -4.49 7.02
C GLY B 415 -28.07 -3.29 7.19
N LEU B 416 -27.69 -2.36 8.08
CA LEU B 416 -28.46 -1.14 8.33
C LEU B 416 -27.48 0.03 8.28
N PRO B 417 -27.90 1.20 7.74
CA PRO B 417 -27.06 2.40 7.80
C PRO B 417 -26.90 2.84 9.26
N ALA B 418 -25.65 3.01 9.71
CA ALA B 418 -25.43 3.43 11.09
C ALA B 418 -24.19 4.30 11.14
N LYS B 419 -24.09 5.14 12.19
CA LYS B 419 -22.89 5.94 12.37
C LYS B 419 -22.52 5.94 13.85
N SER B 420 -21.27 5.56 14.17
CA SER B 420 -20.81 5.55 15.54
C SER B 420 -19.99 6.80 15.84
N GLY B 421 -19.78 7.05 17.14
CA GLY B 421 -18.99 8.17 17.63
C GLY B 421 -18.28 7.81 18.94
N VAL B 422 -17.23 8.57 19.27
CA VAL B 422 -16.32 8.23 20.37
C VAL B 422 -16.98 8.42 21.74
N ALA B 423 -18.11 9.15 21.80
CA ALA B 423 -18.85 9.30 23.05
C ALA B 423 -19.65 8.04 23.38
N GLY B 424 -19.72 7.10 22.41
CA GLY B 424 -20.44 5.85 22.63
C GLY B 424 -21.80 5.84 21.93
N GLY B 425 -22.05 6.82 21.07
CA GLY B 425 -23.33 6.86 20.36
C GLY B 425 -23.29 6.00 19.10
N ILE B 426 -24.41 5.35 18.78
CA ILE B 426 -24.62 4.75 17.47
C ILE B 426 -25.97 5.25 16.96
N LEU B 427 -25.92 6.11 15.95
CA LEU B 427 -27.11 6.59 15.23
C LEU B 427 -27.49 5.51 14.21
N LEU B 428 -28.73 4.98 14.31
CA LEU B 428 -29.11 3.82 13.51
C LEU B 428 -30.39 4.12 12.74
N VAL B 429 -30.41 3.76 11.45
CA VAL B 429 -31.57 4.01 10.61
C VAL B 429 -32.09 2.69 10.07
N VAL B 430 -33.40 2.42 10.25
CA VAL B 430 -34.07 1.35 9.52
C VAL B 430 -34.97 2.01 8.48
N PRO B 431 -34.55 2.10 7.21
CA PRO B 431 -35.27 2.92 6.21
C PRO B 431 -36.73 2.48 6.14
N ASN B 432 -37.64 3.46 6.05
CA ASN B 432 -39.08 3.20 5.94
C ASN B 432 -39.70 2.72 7.26
N VAL B 433 -38.89 2.57 8.33
CA VAL B 433 -39.42 1.99 9.56
C VAL B 433 -39.15 2.90 10.76
N MET B 434 -37.86 3.18 11.07
CA MET B 434 -37.62 3.90 12.31
C MET B 434 -36.19 4.41 12.37
N GLY B 435 -35.97 5.40 13.24
CA GLY B 435 -34.62 5.77 13.62
C GLY B 435 -34.38 5.38 15.08
N MET B 436 -33.11 5.17 15.44
CA MET B 436 -32.77 4.86 16.81
C MET B 436 -31.47 5.57 17.14
N MET B 437 -31.27 5.80 18.44
CA MET B 437 -29.96 6.18 18.94
C MET B 437 -29.68 5.24 20.12
N CYS B 438 -28.54 4.54 20.06
CA CYS B 438 -28.03 3.69 21.13
C CYS B 438 -26.83 4.41 21.74
N TRP B 439 -26.73 4.48 23.08
CA TRP B 439 -25.61 5.19 23.68
C TRP B 439 -25.08 4.43 24.90
N SER B 440 -23.80 4.04 24.83
CA SER B 440 -23.09 3.51 25.99
C SER B 440 -21.61 3.84 25.85
N PRO B 441 -21.02 4.68 26.75
CA PRO B 441 -19.61 5.07 26.63
C PRO B 441 -18.51 4.03 26.35
N PRO B 442 -18.49 2.81 26.94
CA PRO B 442 -17.37 1.89 26.70
C PRO B 442 -17.27 1.43 25.24
N LEU B 443 -16.09 1.58 24.63
CA LEU B 443 -15.88 1.29 23.21
C LEU B 443 -15.06 0.01 23.06
N ASP B 444 -15.29 -0.71 21.96
CA ASP B 444 -14.48 -1.87 21.61
C ASP B 444 -13.19 -1.38 20.95
N LYS B 445 -12.39 -2.33 20.47
CA LYS B 445 -11.08 -2.05 19.90
C LYS B 445 -11.20 -1.30 18.57
N MET B 446 -12.39 -1.33 17.93
CA MET B 446 -12.60 -0.62 16.67
C MET B 446 -13.06 0.82 16.94
N GLY B 447 -13.42 1.16 18.19
CA GLY B 447 -13.94 2.49 18.49
C GLY B 447 -15.47 2.55 18.61
N ASN B 448 -16.15 1.40 18.48
CA ASN B 448 -17.61 1.34 18.51
C ASN B 448 -18.13 0.94 19.91
N SER B 449 -19.25 1.54 20.34
CA SER B 449 -19.89 1.17 21.60
C SER B 449 -20.11 -0.33 21.67
N VAL B 450 -19.60 -1.00 22.73
CA VAL B 450 -19.77 -2.44 22.89
C VAL B 450 -21.25 -2.78 22.99
N LYS B 451 -21.99 -2.09 23.88
CA LYS B 451 -23.40 -2.44 24.06
C LYS B 451 -24.22 -2.13 22.80
N GLY B 452 -23.97 -0.99 22.15
CA GLY B 452 -24.68 -0.64 20.93
C GLY B 452 -24.48 -1.67 19.82
N ILE B 453 -23.23 -2.09 19.59
CA ILE B 453 -22.92 -3.11 18.59
C ILE B 453 -23.67 -4.42 18.91
N HIS B 454 -23.64 -4.85 20.19
CA HIS B 454 -24.31 -6.08 20.61
C HIS B 454 -25.83 -5.95 20.34
N PHE B 455 -26.42 -4.80 20.70
CA PHE B 455 -27.84 -4.54 20.49
C PHE B 455 -28.20 -4.57 19.00
N CYS B 456 -27.41 -3.91 18.17
CA CYS B 456 -27.66 -3.87 16.71
C CYS B 456 -27.68 -5.28 16.11
N HIS B 457 -26.74 -6.15 16.52
CA HIS B 457 -26.74 -7.53 16.04
C HIS B 457 -28.00 -8.28 16.46
N ASP B 458 -28.37 -8.18 17.75
CA ASP B 458 -29.55 -8.86 18.24
C ASP B 458 -30.82 -8.35 17.54
N LEU B 459 -30.89 -7.04 17.30
CA LEU B 459 -32.06 -6.46 16.67
C LEU B 459 -32.31 -7.11 15.31
N VAL B 460 -31.25 -7.28 14.50
CA VAL B 460 -31.41 -7.84 13.17
C VAL B 460 -31.51 -9.38 13.20
N SER B 461 -30.94 -10.04 14.23
CA SER B 461 -31.18 -11.46 14.42
C SER B 461 -32.66 -11.71 14.68
N LEU B 462 -33.32 -10.82 15.43
CA LEU B 462 -34.72 -11.00 15.80
C LEU B 462 -35.68 -10.62 14.65
N CYS B 463 -35.47 -9.45 14.02
CA CYS B 463 -36.42 -8.83 13.09
C CYS B 463 -35.87 -8.78 11.66
N ASN B 464 -36.76 -8.85 10.66
CA ASN B 464 -36.38 -8.88 9.24
C ASN B 464 -36.09 -7.46 8.73
N PHE B 465 -35.12 -6.79 9.37
CA PHE B 465 -34.76 -5.40 9.09
C PHE B 465 -33.46 -5.30 8.30
N HIS B 466 -32.73 -6.41 8.10
CA HIS B 466 -31.51 -6.32 7.31
C HIS B 466 -31.90 -5.76 5.93
N ASN B 467 -31.07 -4.87 5.39
CA ASN B 467 -31.21 -4.34 4.04
C ASN B 467 -31.57 -5.43 3.01
N TYR B 468 -31.04 -6.66 3.15
CA TYR B 468 -31.26 -7.70 2.17
C TYR B 468 -32.01 -8.89 2.78
N ASP B 469 -32.77 -8.65 3.87
CA ASP B 469 -33.81 -9.59 4.25
C ASP B 469 -34.95 -9.47 3.25
N ASN B 470 -35.73 -10.54 3.10
CA ASN B 470 -36.87 -10.53 2.21
C ASN B 470 -38.11 -10.22 3.03
N LEU B 471 -39.06 -9.47 2.43
CA LEU B 471 -40.28 -9.07 3.12
C LEU B 471 -41.34 -10.17 3.06
N ARG B 472 -41.13 -11.21 2.26
CA ARG B 472 -42.15 -12.25 2.12
C ARG B 472 -41.67 -13.55 2.78
N HIS B 473 -40.39 -13.89 2.56
CA HIS B 473 -39.82 -15.14 3.05
C HIS B 473 -38.61 -14.83 3.93
N PHE B 474 -38.79 -14.97 5.26
CA PHE B 474 -37.77 -14.55 6.24
C PHE B 474 -37.63 -15.58 7.36
N ALA B 475 -37.89 -16.86 7.05
CA ALA B 475 -37.64 -17.97 7.96
C ALA B 475 -38.34 -17.68 9.29
N LYS B 476 -37.55 -17.64 10.39
CA LYS B 476 -38.13 -17.53 11.72
C LYS B 476 -37.94 -16.14 12.31
N LYS B 477 -37.57 -15.14 11.49
CA LYS B 477 -37.51 -13.78 12.01
C LYS B 477 -38.93 -13.28 12.27
N LEU B 478 -39.09 -12.30 13.18
CA LEU B 478 -40.36 -11.61 13.28
C LEU B 478 -40.35 -10.35 12.41
N ASP B 479 -41.52 -10.04 11.82
CA ASP B 479 -41.71 -8.81 11.06
C ASP B 479 -42.67 -7.89 11.83
N PRO B 480 -42.14 -6.86 12.53
CA PRO B 480 -42.98 -5.95 13.34
C PRO B 480 -43.91 -5.02 12.55
N ARG B 481 -43.77 -5.03 11.22
CA ARG B 481 -44.67 -4.31 10.33
C ARG B 481 -46.00 -5.06 10.16
N ARG B 482 -46.07 -6.33 10.56
CA ARG B 482 -47.27 -7.15 10.38
C ARG B 482 -48.04 -7.28 11.70
N GLU B 483 -49.33 -7.56 11.57
CA GLU B 483 -50.15 -8.09 12.66
C GLU B 483 -49.92 -9.59 12.76
N SER C 76 69.73 -11.05 -9.90
CA SER C 76 68.47 -11.61 -10.44
C SER C 76 67.48 -11.90 -9.31
N LEU C 77 66.22 -12.05 -9.71
CA LEU C 77 65.09 -12.13 -8.80
C LEU C 77 65.14 -13.39 -7.94
N GLU C 78 65.54 -14.54 -8.53
CA GLU C 78 65.63 -15.81 -7.81
C GLU C 78 66.72 -15.76 -6.74
N ASP C 79 67.82 -15.05 -7.06
CA ASP C 79 68.96 -14.90 -6.17
C ASP C 79 68.59 -14.03 -4.98
N LEU C 80 68.05 -12.83 -5.26
CA LEU C 80 67.53 -11.94 -4.25
C LEU C 80 66.69 -12.73 -3.24
N LEU C 81 65.72 -13.50 -3.76
CA LEU C 81 64.82 -14.29 -2.94
C LEU C 81 65.59 -15.39 -2.21
N PHE C 82 66.60 -15.96 -2.88
CA PHE C 82 67.44 -16.97 -2.24
C PHE C 82 68.06 -16.40 -0.95
N TYR C 83 68.61 -15.18 -1.03
CA TYR C 83 69.32 -14.57 0.10
C TYR C 83 68.37 -14.28 1.26
N THR C 84 67.18 -13.77 0.94
CA THR C 84 66.15 -13.47 1.94
C THR C 84 65.84 -14.70 2.79
N ILE C 85 65.74 -15.88 2.17
CA ILE C 85 65.38 -17.10 2.91
C ILE C 85 66.66 -17.74 3.44
N GLY C 88 71.33 -16.20 6.12
CA GLY C 88 72.58 -16.03 5.35
C GLY C 88 73.37 -17.33 5.27
N GLN C 89 72.65 -18.46 5.19
CA GLN C 89 73.22 -19.79 5.10
C GLN C 89 73.76 -20.05 3.70
N GLU C 90 74.26 -21.28 3.46
CA GLU C 90 74.73 -21.74 2.17
C GLU C 90 73.56 -22.37 1.40
N LYS C 91 72.70 -23.11 2.14
CA LYS C 91 71.62 -23.91 1.57
C LYS C 91 70.33 -23.70 2.39
N ILE C 92 69.19 -23.80 1.71
CA ILE C 92 67.87 -23.68 2.31
C ILE C 92 67.24 -25.07 2.45
N PRO C 93 66.89 -25.55 3.66
CA PRO C 93 66.09 -26.76 3.77
C PRO C 93 64.74 -26.51 3.11
N VAL C 94 64.18 -27.54 2.46
CA VAL C 94 62.92 -27.45 1.74
C VAL C 94 61.81 -27.04 2.71
N HIS C 95 61.74 -27.69 3.88
CA HIS C 95 60.75 -27.41 4.90
C HIS C 95 60.74 -25.93 5.30
N LYS C 96 61.91 -25.29 5.30
CA LYS C 96 62.04 -23.89 5.68
C LYS C 96 61.44 -22.98 4.61
N PHE C 97 61.61 -23.36 3.33
CA PHE C 97 61.01 -22.62 2.24
C PHE C 97 59.48 -22.74 2.28
N ILE C 98 58.98 -23.96 2.53
CA ILE C 98 57.56 -24.27 2.57
C ILE C 98 56.89 -23.55 3.74
N THR C 99 57.47 -23.59 4.95
CA THR C 99 56.84 -22.93 6.07
C THR C 99 56.83 -21.40 5.87
N ALA C 100 57.89 -20.81 5.32
CA ALA C 100 57.87 -19.38 5.03
C ALA C 100 56.79 -19.03 4.00
N LEU C 101 56.63 -19.87 2.97
CA LEU C 101 55.63 -19.70 1.93
C LEU C 101 54.22 -19.73 2.53
N LYS C 102 53.93 -20.74 3.37
CA LYS C 102 52.63 -20.87 4.01
C LYS C 102 52.30 -19.68 4.91
N SER C 103 53.33 -19.07 5.52
CA SER C 103 53.07 -17.98 6.45
C SER C 103 52.63 -16.71 5.72
N THR C 104 52.88 -16.62 4.40
CA THR C 104 52.37 -15.51 3.61
C THR C 104 50.86 -15.65 3.37
N GLY C 105 50.32 -16.84 3.63
CA GLY C 105 48.92 -17.14 3.36
C GLY C 105 48.66 -18.01 2.12
N LEU C 106 49.63 -18.15 1.21
CA LEU C 106 49.44 -19.02 0.06
C LEU C 106 49.45 -20.50 0.47
N ARG C 107 48.70 -21.33 -0.25
CA ARG C 107 48.72 -22.77 -0.03
C ARG C 107 49.66 -23.40 -1.05
N THR C 108 50.29 -24.54 -0.68
CA THR C 108 51.23 -25.20 -1.59
C THR C 108 50.50 -25.75 -2.82
N SER C 109 49.18 -26.00 -2.68
CA SER C 109 48.36 -26.47 -3.80
C SER C 109 47.89 -25.32 -4.70
N ASP C 110 48.28 -24.07 -4.43
CA ASP C 110 47.80 -22.95 -5.24
C ASP C 110 48.07 -23.25 -6.71
N PRO C 111 47.06 -23.24 -7.62
CA PRO C 111 47.31 -23.49 -9.04
C PRO C 111 48.41 -22.64 -9.67
N ARG C 112 48.66 -21.43 -9.16
CA ARG C 112 49.70 -20.58 -9.76
C ARG C 112 51.10 -21.00 -9.32
N LEU C 113 51.21 -21.91 -8.33
CA LEU C 113 52.49 -22.42 -7.83
C LEU C 113 52.76 -23.84 -8.34
N LYS C 114 51.98 -24.32 -9.33
CA LYS C 114 52.08 -25.69 -9.82
C LYS C 114 53.50 -26.01 -10.30
N GLU C 115 54.11 -25.15 -11.13
CA GLU C 115 55.43 -25.42 -11.69
C GLU C 115 56.48 -25.52 -10.58
N CYS C 116 56.50 -24.55 -9.65
CA CYS C 116 57.38 -24.59 -8.50
C CYS C 116 57.23 -25.89 -7.70
N MET C 117 56.00 -26.30 -7.40
CA MET C 117 55.79 -27.48 -6.55
C MET C 117 56.12 -28.76 -7.34
N ASP C 118 55.87 -28.79 -8.65
CA ASP C 118 56.27 -29.90 -9.51
C ASP C 118 57.79 -30.09 -9.46
N MET C 119 58.52 -28.97 -9.60
CA MET C 119 59.97 -28.96 -9.56
C MET C 119 60.50 -29.46 -8.22
N LEU C 120 59.87 -29.03 -7.10
CA LEU C 120 60.25 -29.52 -5.78
C LEU C 120 60.03 -31.01 -5.65
N ARG C 121 58.92 -31.53 -6.19
CA ARG C 121 58.65 -32.96 -6.09
C ARG C 121 59.70 -33.74 -6.90
N LEU C 122 60.06 -33.25 -8.09
CA LEU C 122 61.07 -33.90 -8.91
C LEU C 122 62.41 -33.92 -8.19
N THR C 123 62.73 -32.84 -7.46
CA THR C 123 63.98 -32.70 -6.73
C THR C 123 64.04 -33.68 -5.56
N LEU C 124 62.93 -33.87 -4.83
CA LEU C 124 62.89 -34.86 -3.77
C LEU C 124 62.96 -36.26 -4.40
N VAL C 131 67.12 -33.07 1.04
CA VAL C 131 66.08 -32.13 1.55
C VAL C 131 66.69 -30.72 1.68
N MET C 132 67.78 -30.46 0.92
CA MET C 132 68.57 -29.24 1.02
C MET C 132 68.77 -28.62 -0.36
N LEU C 133 68.63 -27.29 -0.45
CA LEU C 133 68.56 -26.55 -1.70
C LEU C 133 69.68 -25.51 -1.75
N ASP C 134 70.63 -25.65 -2.69
CA ASP C 134 71.64 -24.61 -2.89
C ASP C 134 71.03 -23.50 -3.74
N LYS C 135 71.80 -22.44 -3.98
CA LYS C 135 71.36 -21.31 -4.79
C LYS C 135 70.80 -21.80 -6.13
N ASP C 136 71.49 -22.78 -6.70
CA ASP C 136 71.28 -23.19 -8.09
C ASP C 136 69.99 -24.02 -8.21
N LEU C 137 69.82 -24.97 -7.29
CA LEU C 137 68.65 -25.84 -7.24
C LEU C 137 67.40 -25.00 -6.94
N PHE C 138 67.54 -24.06 -5.99
CA PHE C 138 66.47 -23.15 -5.60
C PHE C 138 65.96 -22.40 -6.84
N LYS C 139 66.89 -21.76 -7.57
CA LYS C 139 66.56 -21.01 -8.77
C LYS C 139 65.81 -21.91 -9.78
N LYS C 140 66.24 -23.17 -9.89
CA LYS C 140 65.63 -24.11 -10.82
C LYS C 140 64.17 -24.37 -10.44
N CYS C 141 63.90 -24.41 -9.13
CA CYS C 141 62.57 -24.68 -8.60
C CYS C 141 61.62 -23.48 -8.73
N VAL C 142 62.10 -22.27 -8.43
CA VAL C 142 61.18 -21.16 -8.21
C VAL C 142 61.07 -20.30 -9.46
N GLN C 143 61.89 -20.58 -10.48
CA GLN C 143 62.07 -19.64 -11.57
C GLN C 143 60.77 -19.37 -12.33
N SER C 144 59.97 -20.42 -12.57
CA SER C 144 58.76 -20.25 -13.38
C SER C 144 57.70 -19.43 -12.63
N ASN C 145 57.75 -19.41 -11.29
CA ASN C 145 56.72 -18.74 -10.48
C ASN C 145 57.29 -17.56 -9.69
N ILE C 146 58.37 -16.97 -10.19
CA ILE C 146 59.20 -16.07 -9.40
C ILE C 146 58.49 -14.74 -9.11
N VAL C 147 57.67 -14.24 -10.05
CA VAL C 147 56.97 -12.98 -9.85
C VAL C 147 56.04 -13.09 -8.63
N LEU C 148 55.20 -14.15 -8.60
CA LEU C 148 54.26 -14.34 -7.51
C LEU C 148 54.98 -14.57 -6.17
N LEU C 149 56.05 -15.38 -6.18
CA LEU C 149 56.77 -15.68 -4.95
C LEU C 149 57.45 -14.42 -4.40
N THR C 150 57.86 -13.52 -5.29
CA THR C 150 58.52 -12.27 -4.93
C THR C 150 57.52 -11.36 -4.22
N GLN C 151 56.34 -11.17 -4.83
CA GLN C 151 55.28 -10.38 -4.19
C GLN C 151 54.96 -10.95 -2.81
N ALA C 152 54.88 -12.29 -2.70
CA ALA C 152 54.55 -12.96 -1.45
C ALA C 152 55.57 -12.63 -0.36
N PHE C 153 56.86 -12.80 -0.68
CA PHE C 153 57.94 -12.67 0.29
C PHE C 153 58.32 -11.22 0.55
N ARG C 154 58.05 -10.31 -0.41
CA ARG C 154 58.27 -8.88 -0.18
C ARG C 154 57.07 -8.24 0.54
N ARG C 155 56.13 -9.05 1.06
CA ARG C 155 54.98 -8.55 1.80
C ARG C 155 54.17 -7.57 0.97
N LYS C 156 53.98 -7.88 -0.31
CA LYS C 156 53.25 -6.99 -1.21
C LYS C 156 51.78 -7.41 -1.35
N PHE C 157 51.36 -8.47 -0.68
CA PHE C 157 49.96 -8.92 -0.81
C PHE C 157 49.03 -7.92 -0.13
N VAL C 158 47.74 -7.99 -0.44
CA VAL C 158 46.78 -7.00 0.04
C VAL C 158 46.75 -6.97 1.57
N ILE C 159 46.91 -8.13 2.21
CA ILE C 159 47.06 -8.19 3.66
C ILE C 159 48.48 -8.68 3.97
N PRO C 160 49.45 -7.76 4.24
CA PRO C 160 50.84 -8.19 4.43
C PRO C 160 51.07 -9.06 5.67
N ASP C 161 50.45 -8.71 6.81
CA ASP C 161 50.63 -9.51 8.02
C ASP C 161 49.46 -10.49 8.17
N PHE C 162 49.48 -11.54 7.36
CA PHE C 162 48.34 -12.44 7.21
C PHE C 162 48.15 -13.28 8.46
N MET C 163 49.26 -13.68 9.10
CA MET C 163 49.19 -14.51 10.28
C MET C 163 48.46 -13.75 11.40
N SER C 164 48.78 -12.47 11.56
CA SER C 164 48.11 -11.68 12.58
C SER C 164 46.62 -11.50 12.24
N PHE C 165 46.31 -11.28 10.96
CA PHE C 165 44.93 -11.19 10.50
C PHE C 165 44.15 -12.48 10.79
N THR C 166 44.71 -13.66 10.49
CA THR C 166 43.94 -14.89 10.70
C THR C 166 43.72 -15.15 12.20
N SER C 167 44.62 -14.67 13.04
CA SER C 167 44.44 -14.74 14.48
C SER C 167 43.19 -13.95 14.90
N HIS C 168 42.97 -12.77 14.30
CA HIS C 168 41.74 -12.02 14.52
C HIS C 168 40.51 -12.76 14.01
N ILE C 169 40.59 -13.34 12.80
CA ILE C 169 39.49 -14.11 12.24
C ILE C 169 39.10 -15.23 13.21
N ASP C 170 40.11 -15.91 13.79
CA ASP C 170 39.82 -17.03 14.70
C ASP C 170 39.10 -16.55 15.95
N GLU C 171 39.48 -15.38 16.47
CA GLU C 171 38.79 -14.82 17.64
C GLU C 171 37.34 -14.45 17.32
N LEU C 172 37.09 -13.87 16.15
CA LEU C 172 35.74 -13.53 15.74
C LEU C 172 34.92 -14.82 15.58
N TYR C 173 35.54 -15.83 14.98
CA TYR C 173 34.93 -17.14 14.81
C TYR C 173 34.46 -17.70 16.18
N GLU C 174 35.34 -17.66 17.19
CA GLU C 174 35.05 -18.26 18.49
C GLU C 174 33.95 -17.45 19.20
N SER C 175 33.94 -16.14 19.00
CA SER C 175 32.92 -15.29 19.61
C SER C 175 31.55 -15.55 18.99
N ALA C 176 31.47 -15.72 17.65
CA ALA C 176 30.20 -16.06 17.00
C ALA C 176 29.73 -17.45 17.38
N LYS C 177 30.69 -18.35 17.64
CA LYS C 177 30.42 -19.74 18.03
C LYS C 177 29.49 -19.81 19.24
N LYS C 178 29.59 -18.82 20.12
CA LYS C 178 28.81 -18.80 21.35
C LYS C 178 27.38 -18.34 21.13
N GLN C 179 27.04 -17.84 19.93
CA GLN C 179 25.68 -17.41 19.62
C GLN C 179 24.86 -18.56 19.03
N SER C 180 24.22 -19.34 19.90
CA SER C 180 23.72 -20.65 19.51
C SER C 180 22.20 -20.65 19.28
N GLY C 181 21.56 -19.47 19.31
CA GLY C 181 20.13 -19.37 19.00
C GLY C 181 19.83 -19.56 17.50
N GLY C 182 18.56 -19.40 17.14
CA GLY C 182 18.10 -19.52 15.77
C GLY C 182 17.51 -20.91 15.52
N LYS C 183 16.90 -21.08 14.35
CA LYS C 183 16.25 -22.34 14.02
C LYS C 183 16.75 -22.83 12.65
N VAL C 184 17.13 -24.10 12.58
CA VAL C 184 17.51 -24.67 11.29
C VAL C 184 16.27 -24.71 10.40
N ALA C 185 16.42 -24.44 9.09
CA ALA C 185 15.27 -24.51 8.20
C ALA C 185 14.75 -25.94 8.13
N ASP C 186 13.42 -26.11 8.09
CA ASP C 186 12.79 -27.40 8.30
C ASP C 186 12.43 -28.09 6.97
N PRO C 196 23.44 -28.86 12.85
CA PRO C 196 22.91 -27.65 13.53
C PRO C 196 24.00 -26.86 14.27
N ASP C 197 25.01 -27.58 14.76
CA ASP C 197 26.13 -27.02 15.50
C ASP C 197 27.31 -26.73 14.57
N LEU C 198 27.17 -27.10 13.30
CA LEU C 198 28.18 -26.84 12.27
C LEU C 198 28.34 -25.33 12.09
N TRP C 199 29.59 -24.89 12.00
CA TRP C 199 29.95 -23.48 11.89
C TRP C 199 31.32 -23.37 11.23
N GLY C 200 31.38 -22.76 10.04
CA GLY C 200 32.64 -22.58 9.37
C GLY C 200 32.77 -21.19 8.74
N VAL C 201 34.02 -20.70 8.68
CA VAL C 201 34.35 -19.44 8.03
C VAL C 201 35.60 -19.68 7.19
N SER C 202 35.55 -19.30 5.90
CA SER C 202 36.72 -19.33 5.03
C SER C 202 36.96 -17.96 4.42
N VAL C 203 38.24 -17.61 4.29
CA VAL C 203 38.73 -16.36 3.73
C VAL C 203 39.59 -16.68 2.52
N CYS C 204 39.40 -15.94 1.42
CA CYS C 204 40.34 -15.96 0.31
C CYS C 204 40.59 -14.50 -0.11
N THR C 205 41.83 -14.00 0.02
CA THR C 205 42.10 -12.63 -0.37
C THR C 205 42.17 -12.52 -1.89
N VAL C 206 42.21 -11.27 -2.38
CA VAL C 206 42.33 -11.04 -3.83
C VAL C 206 43.71 -11.48 -4.33
N ASP C 207 44.64 -11.81 -3.41
CA ASP C 207 45.94 -12.34 -3.81
C ASP C 207 46.02 -13.87 -3.62
N GLY C 208 44.92 -14.52 -3.23
CA GLY C 208 44.91 -15.96 -3.07
C GLY C 208 45.40 -16.46 -1.70
N GLN C 209 45.53 -15.57 -0.71
CA GLN C 209 45.84 -15.97 0.66
C GLN C 209 44.62 -16.62 1.29
N ARG C 210 44.79 -17.76 1.99
CA ARG C 210 43.66 -18.59 2.39
C ARG C 210 43.67 -18.80 3.91
N HIS C 211 42.48 -18.84 4.52
CA HIS C 211 42.38 -19.27 5.92
C HIS C 211 40.98 -19.83 6.14
N SER C 212 40.89 -20.93 6.88
CA SER C 212 39.63 -21.58 7.27
C SER C 212 39.64 -21.86 8.77
N THR C 213 38.47 -21.69 9.42
CA THR C 213 38.29 -22.19 10.77
C THR C 213 36.93 -22.88 10.82
N GLY C 214 36.89 -24.01 11.54
CA GLY C 214 35.67 -24.75 11.78
C GLY C 214 35.32 -25.65 10.58
N ASP C 215 34.02 -25.80 10.31
CA ASP C 215 33.51 -26.83 9.43
C ASP C 215 33.47 -26.32 7.97
N THR C 216 34.64 -26.21 7.33
CA THR C 216 34.75 -25.49 6.07
C THR C 216 34.88 -26.44 4.89
N LYS C 217 34.83 -27.75 5.14
CA LYS C 217 34.97 -28.73 4.08
C LYS C 217 33.71 -29.59 3.99
N VAL C 218 32.62 -29.13 4.62
CA VAL C 218 31.33 -29.82 4.56
C VAL C 218 30.47 -29.20 3.46
N PRO C 219 30.02 -29.99 2.45
CA PRO C 219 29.17 -29.46 1.38
C PRO C 219 27.77 -29.05 1.89
N PHE C 220 27.25 -27.94 1.37
CA PHE C 220 25.90 -27.47 1.68
C PHE C 220 25.41 -26.75 0.45
N CYS C 221 24.09 -26.56 0.31
CA CYS C 221 23.54 -25.94 -0.88
C CYS C 221 23.68 -24.42 -0.79
N LEU C 222 23.98 -23.79 -1.92
CA LEU C 222 24.00 -22.35 -2.08
C LEU C 222 22.63 -21.77 -1.73
N GLN C 223 21.56 -22.36 -2.27
CA GLN C 223 20.20 -21.81 -2.18
C GLN C 223 20.25 -20.40 -2.73
N SER C 224 19.73 -19.39 -1.98
CA SER C 224 19.73 -18.02 -2.48
C SER C 224 21.14 -17.42 -2.66
N CYS C 225 22.17 -18.00 -2.04
CA CYS C 225 23.53 -17.53 -2.32
C CYS C 225 23.90 -17.64 -3.82
N VAL C 226 23.18 -18.49 -4.60
CA VAL C 226 23.46 -18.64 -6.03
C VAL C 226 22.93 -17.42 -6.82
N LYS C 227 22.00 -16.65 -6.25
CA LYS C 227 21.33 -15.60 -7.00
C LYS C 227 22.30 -14.56 -7.58
N PRO C 228 23.28 -14.02 -6.81
CA PRO C 228 24.24 -13.07 -7.38
C PRO C 228 25.12 -13.69 -8.46
N LEU C 229 25.42 -14.99 -8.32
CA LEU C 229 26.31 -15.68 -9.24
C LEU C 229 25.64 -15.86 -10.60
N LYS C 230 24.37 -16.23 -10.62
CA LYS C 230 23.72 -16.41 -11.91
C LYS C 230 23.35 -15.07 -12.54
N TYR C 231 23.09 -14.05 -11.71
CA TYR C 231 22.89 -12.69 -12.22
C TYR C 231 24.19 -12.22 -12.89
N ALA C 232 25.34 -12.45 -12.25
CA ALA C 232 26.63 -12.09 -12.83
C ALA C 232 26.86 -12.76 -14.19
N ILE C 233 26.52 -14.06 -14.29
CA ILE C 233 26.62 -14.81 -15.54
C ILE C 233 25.76 -14.14 -16.62
N ALA C 234 24.50 -13.83 -16.29
CA ALA C 234 23.57 -13.21 -17.23
C ALA C 234 24.14 -11.86 -17.71
N VAL C 235 24.61 -11.02 -16.79
CA VAL C 235 25.15 -9.71 -17.18
C VAL C 235 26.43 -9.90 -18.00
N ASN C 236 27.27 -10.87 -17.60
CA ASN C 236 28.49 -11.20 -18.32
C ASN C 236 28.17 -11.49 -19.78
N ASP C 237 27.16 -12.34 -20.03
CA ASP C 237 26.89 -12.86 -21.38
C ASP C 237 26.04 -11.89 -22.18
N LEU C 238 25.14 -11.12 -21.54
CA LEU C 238 24.08 -10.39 -22.24
C LEU C 238 24.20 -8.87 -22.07
N GLY C 239 24.94 -8.38 -21.06
CA GLY C 239 25.06 -6.95 -20.80
C GLY C 239 23.94 -6.40 -19.91
N THR C 240 24.19 -5.24 -19.28
CA THR C 240 23.31 -4.63 -18.29
C THR C 240 21.95 -4.27 -18.89
N GLU C 241 21.98 -3.67 -20.07
CA GLU C 241 20.79 -3.13 -20.72
C GLU C 241 19.76 -4.24 -21.00
N TYR C 242 20.20 -5.35 -21.60
CA TYR C 242 19.28 -6.43 -21.89
C TYR C 242 18.72 -7.03 -20.60
N VAL C 243 19.59 -7.34 -19.62
CA VAL C 243 19.14 -8.00 -18.40
C VAL C 243 18.07 -7.15 -17.70
N HIS C 244 18.31 -5.83 -17.59
CA HIS C 244 17.43 -4.96 -16.84
C HIS C 244 16.21 -4.52 -17.64
N ARG C 245 16.05 -5.04 -18.86
CA ARG C 245 14.73 -5.01 -19.48
C ARG C 245 13.77 -5.96 -18.78
N TYR C 246 14.30 -7.00 -18.10
CA TYR C 246 13.46 -8.04 -17.50
C TYR C 246 13.40 -7.98 -15.98
N VAL C 247 14.39 -7.36 -15.33
CA VAL C 247 14.45 -7.31 -13.88
C VAL C 247 14.87 -5.91 -13.45
N GLY C 248 14.37 -5.44 -12.29
CA GLY C 248 14.69 -4.11 -11.80
C GLY C 248 16.02 -4.07 -11.03
N LYS C 249 16.27 -2.94 -10.35
CA LYS C 249 17.62 -2.66 -9.86
C LYS C 249 17.58 -2.12 -8.44
N GLU C 250 16.47 -2.33 -7.70
CA GLU C 250 16.32 -1.66 -6.42
C GLU C 250 15.59 -2.56 -5.43
N PRO C 251 15.80 -2.36 -4.10
CA PRO C 251 14.99 -3.03 -3.09
C PRO C 251 13.52 -2.64 -3.23
N SER C 252 12.58 -3.56 -2.97
CA SER C 252 11.17 -3.22 -2.99
C SER C 252 10.79 -2.29 -1.82
N GLY C 253 11.55 -2.32 -0.72
CA GLY C 253 11.11 -1.67 0.51
C GLY C 253 10.02 -2.42 1.29
N LEU C 254 9.06 -3.02 0.54
CA LEU C 254 7.77 -3.49 1.04
C LEU C 254 7.97 -4.46 2.20
N ARG C 255 7.28 -4.19 3.31
CA ARG C 255 7.28 -5.00 4.51
C ARG C 255 8.06 -6.31 4.35
N PHE C 256 7.60 -7.14 3.40
CA PHE C 256 8.24 -8.39 3.04
C PHE C 256 8.47 -8.41 1.53
N ASN C 257 8.50 -9.61 0.93
CA ASN C 257 8.48 -9.72 -0.52
C ASN C 257 7.14 -10.26 -0.99
N LYS C 258 6.10 -9.51 -0.63
CA LYS C 258 4.75 -9.96 -0.88
C LYS C 258 4.35 -9.66 -2.32
N LEU C 259 4.89 -8.56 -2.91
CA LEU C 259 4.61 -8.26 -4.31
C LEU C 259 5.68 -8.90 -5.19
N PHE C 260 5.24 -9.52 -6.30
CA PHE C 260 6.15 -10.13 -7.24
C PHE C 260 6.72 -9.12 -8.23
N LEU C 261 5.98 -8.04 -8.54
CA LEU C 261 6.37 -7.13 -9.61
C LEU C 261 6.36 -5.70 -9.09
N ASN C 262 7.32 -4.90 -9.56
CA ASN C 262 7.32 -3.46 -9.31
C ASN C 262 6.28 -2.80 -10.22
N GLU C 263 6.21 -1.46 -10.19
CA GLU C 263 5.18 -0.72 -10.92
C GLU C 263 5.37 -0.82 -12.44
N ASP C 264 6.59 -1.14 -12.88
CA ASP C 264 6.83 -1.34 -14.31
C ASP C 264 6.66 -2.80 -14.71
N ASP C 265 6.04 -3.63 -13.86
CA ASP C 265 5.76 -5.03 -14.16
C ASP C 265 7.05 -5.83 -14.36
N LYS C 266 8.09 -5.48 -13.62
CA LYS C 266 9.31 -6.26 -13.56
C LYS C 266 9.55 -6.67 -12.10
N PRO C 267 10.11 -7.87 -11.86
CA PRO C 267 10.52 -8.23 -10.50
C PRO C 267 11.49 -7.16 -10.01
N HIS C 268 11.45 -6.87 -8.70
CA HIS C 268 12.08 -5.70 -8.14
C HIS C 268 13.59 -5.70 -8.39
N ASN C 269 14.21 -6.88 -8.26
CA ASN C 269 15.66 -6.99 -8.40
C ASN C 269 16.01 -8.46 -8.54
N PRO C 270 17.27 -8.82 -8.90
CA PRO C 270 17.67 -10.21 -9.08
C PRO C 270 17.84 -11.02 -7.79
N MET C 271 17.77 -10.38 -6.62
CA MET C 271 18.06 -11.07 -5.35
C MET C 271 16.77 -11.59 -4.67
N VAL C 272 15.59 -11.27 -5.22
CA VAL C 272 14.33 -11.82 -4.71
C VAL C 272 13.94 -12.99 -5.64
N ASN C 273 13.08 -13.91 -5.16
CA ASN C 273 12.76 -15.12 -5.91
C ASN C 273 12.24 -14.83 -7.33
N ALA C 274 11.27 -13.92 -7.46
CA ALA C 274 10.73 -13.60 -8.78
C ALA C 274 11.82 -13.07 -9.72
N GLY C 275 12.75 -12.24 -9.19
CA GLY C 275 13.82 -11.71 -10.01
C GLY C 275 14.80 -12.79 -10.45
N ALA C 276 15.12 -13.73 -9.53
CA ALA C 276 16.04 -14.81 -9.83
C ALA C 276 15.43 -15.77 -10.85
N ILE C 277 14.10 -16.00 -10.77
CA ILE C 277 13.40 -16.81 -11.74
C ILE C 277 13.50 -16.19 -13.13
N VAL C 278 13.29 -14.87 -13.25
CA VAL C 278 13.43 -14.22 -14.54
C VAL C 278 14.89 -14.29 -15.03
N VAL C 279 15.85 -14.03 -14.12
CA VAL C 279 17.27 -14.14 -14.49
C VAL C 279 17.57 -15.53 -15.05
N THR C 280 17.04 -16.58 -14.37
CA THR C 280 17.28 -17.95 -14.80
C THR C 280 16.83 -18.15 -16.26
N SER C 281 15.72 -17.52 -16.66
CA SER C 281 15.18 -17.63 -18.01
C SER C 281 16.06 -16.93 -19.06
N LEU C 282 17.05 -16.11 -18.63
CA LEU C 282 17.82 -15.34 -19.58
C LEU C 282 19.06 -16.10 -20.05
N ILE C 283 19.50 -17.07 -19.25
CA ILE C 283 20.81 -17.69 -19.43
C ILE C 283 20.74 -18.76 -20.53
N LYS C 284 21.66 -18.67 -21.49
CA LYS C 284 21.88 -19.72 -22.49
C LYS C 284 20.55 -20.12 -23.14
N GLN C 285 19.79 -19.14 -23.65
CA GLN C 285 18.46 -19.43 -24.17
C GLN C 285 18.59 -20.30 -25.42
N GLY C 286 17.56 -21.09 -25.71
CA GLY C 286 17.55 -21.89 -26.93
C GLY C 286 18.15 -23.30 -26.79
N VAL C 287 18.90 -23.60 -25.72
CA VAL C 287 19.43 -24.94 -25.52
C VAL C 287 18.61 -25.61 -24.43
N ASN C 288 18.75 -26.95 -24.26
CA ASN C 288 17.94 -27.65 -23.27
C ASN C 288 18.54 -27.42 -21.87
N ASN C 289 17.79 -27.80 -20.83
CA ASN C 289 18.13 -27.58 -19.44
C ASN C 289 19.43 -28.29 -19.07
N ALA C 290 19.67 -29.48 -19.61
CA ALA C 290 20.88 -30.22 -19.27
C ALA C 290 22.13 -29.43 -19.68
N GLU C 291 22.09 -28.81 -20.85
CA GLU C 291 23.20 -28.00 -21.35
C GLU C 291 23.29 -26.65 -20.62
N LYS C 292 22.15 -26.04 -20.28
CA LYS C 292 22.14 -24.82 -19.49
C LYS C 292 22.83 -25.06 -18.15
N PHE C 293 22.46 -26.16 -17.48
CA PHE C 293 23.02 -26.55 -16.20
C PHE C 293 24.54 -26.79 -16.29
N ASP C 294 24.99 -27.55 -17.30
CA ASP C 294 26.41 -27.79 -17.55
C ASP C 294 27.18 -26.49 -17.71
N TYR C 295 26.63 -25.57 -18.50
CA TYR C 295 27.22 -24.26 -18.71
C TYR C 295 27.36 -23.51 -17.37
N VAL C 296 26.31 -23.47 -16.56
CA VAL C 296 26.41 -22.76 -15.28
C VAL C 296 27.44 -23.44 -14.37
N MET C 297 27.45 -24.78 -14.35
CA MET C 297 28.38 -25.52 -13.51
C MET C 297 29.83 -25.23 -13.90
N GLN C 298 30.10 -25.12 -15.22
CA GLN C 298 31.43 -24.80 -15.71
C GLN C 298 31.82 -23.39 -15.29
N PHE C 299 30.84 -22.48 -15.32
CA PHE C 299 31.11 -21.10 -14.93
C PHE C 299 31.44 -21.04 -13.43
N LEU C 300 30.69 -21.76 -12.60
CA LEU C 300 30.97 -21.78 -11.17
C LEU C 300 32.33 -22.40 -10.89
N ASN C 301 32.72 -23.46 -11.64
CA ASN C 301 34.03 -24.08 -11.45
C ASN C 301 35.14 -23.05 -11.64
N LYS C 302 35.02 -22.19 -12.65
CA LYS C 302 36.01 -21.14 -12.89
C LYS C 302 36.01 -20.11 -11.74
N MET C 303 34.82 -19.71 -11.28
CA MET C 303 34.74 -18.71 -10.20
C MET C 303 35.39 -19.25 -8.92
N ALA C 304 35.28 -20.58 -8.71
CA ALA C 304 35.83 -21.24 -7.54
C ALA C 304 37.27 -21.72 -7.75
N GLY C 305 37.90 -21.37 -8.89
CA GLY C 305 39.25 -21.81 -9.17
C GLY C 305 39.38 -23.35 -9.17
N ASN C 306 38.27 -24.01 -9.53
CA ASN C 306 38.16 -25.46 -9.69
C ASN C 306 38.07 -26.20 -8.35
N GLU C 307 37.77 -25.49 -7.26
CA GLU C 307 37.50 -26.18 -6.00
C GLU C 307 36.05 -26.68 -6.03
N TYR C 308 35.63 -27.30 -4.93
CA TYR C 308 34.45 -28.14 -4.89
C TYR C 308 33.17 -27.40 -5.30
N VAL C 309 32.53 -27.94 -6.34
CA VAL C 309 31.18 -27.56 -6.72
C VAL C 309 30.44 -28.87 -7.01
N GLY C 310 29.27 -29.07 -6.38
CA GLY C 310 28.52 -30.30 -6.51
C GLY C 310 27.04 -30.00 -6.71
N PHE C 311 26.21 -31.01 -6.46
CA PHE C 311 24.78 -30.92 -6.68
C PHE C 311 24.06 -31.88 -5.73
N SER C 312 22.99 -31.39 -5.07
CA SER C 312 22.25 -32.20 -4.12
C SER C 312 20.91 -32.59 -4.74
N ASN C 313 20.84 -33.83 -5.26
CA ASN C 313 19.62 -34.28 -5.90
C ASN C 313 18.48 -34.35 -4.86
N ALA C 314 18.81 -34.66 -3.61
CA ALA C 314 17.81 -34.74 -2.55
C ALA C 314 17.18 -33.37 -2.29
N THR C 315 18.01 -32.31 -2.27
CA THR C 315 17.50 -30.96 -2.10
C THR C 315 16.65 -30.57 -3.31
N PHE C 316 17.10 -30.93 -4.51
CA PHE C 316 16.36 -30.60 -5.72
C PHE C 316 14.96 -31.23 -5.70
N GLN C 317 14.87 -32.52 -5.37
CA GLN C 317 13.59 -33.23 -5.30
C GLN C 317 12.66 -32.54 -4.29
N SER C 318 13.20 -32.13 -3.14
CA SER C 318 12.40 -31.49 -2.07
C SER C 318 11.95 -30.07 -2.47
N GLU C 319 12.82 -29.32 -3.13
CA GLU C 319 12.48 -27.94 -3.57
C GLU C 319 11.34 -28.01 -4.59
N ARG C 320 11.37 -29.01 -5.47
CA ARG C 320 10.35 -29.10 -6.55
C ARG C 320 9.02 -29.61 -5.98
N GLU C 321 9.05 -30.39 -4.91
CA GLU C 321 7.81 -31.00 -4.36
C GLU C 321 7.10 -29.96 -3.49
N SER C 322 7.87 -29.03 -2.94
CA SER C 322 7.26 -28.00 -2.11
C SER C 322 7.47 -26.61 -2.72
N GLY C 323 7.53 -26.50 -4.05
CA GLY C 323 7.75 -25.20 -4.63
C GLY C 323 6.46 -24.49 -5.03
N ASP C 324 5.38 -24.62 -4.24
CA ASP C 324 4.11 -24.01 -4.60
C ASP C 324 4.24 -22.49 -4.77
N ARG C 325 4.98 -21.84 -3.87
CA ARG C 325 5.16 -20.39 -3.98
C ARG C 325 5.84 -20.03 -5.30
N ASN C 326 6.82 -20.85 -5.72
CA ASN C 326 7.58 -20.58 -6.94
C ASN C 326 6.75 -20.82 -8.19
N PHE C 327 5.88 -21.83 -8.15
CA PHE C 327 4.89 -22.03 -9.22
C PHE C 327 3.92 -20.84 -9.30
N ALA C 328 3.50 -20.29 -8.16
CA ALA C 328 2.66 -19.11 -8.18
C ALA C 328 3.37 -17.95 -8.88
N ILE C 329 4.65 -17.75 -8.55
CA ILE C 329 5.47 -16.70 -9.18
C ILE C 329 5.57 -16.97 -10.68
N GLY C 330 5.85 -18.23 -11.03
CA GLY C 330 6.07 -18.57 -12.43
C GLY C 330 4.85 -18.26 -13.29
N TYR C 331 3.66 -18.68 -12.82
CA TYR C 331 2.43 -18.42 -13.55
C TYR C 331 2.12 -16.93 -13.60
N TYR C 332 2.41 -16.23 -12.51
CA TYR C 332 2.16 -14.79 -12.47
C TYR C 332 3.01 -14.05 -13.50
N LEU C 333 4.32 -14.37 -13.55
CA LEU C 333 5.26 -13.76 -14.48
C LEU C 333 4.85 -14.11 -15.92
N LYS C 334 4.44 -15.36 -16.15
CA LYS C 334 4.03 -15.77 -17.48
C LYS C 334 2.84 -14.94 -17.94
N GLU C 335 1.84 -14.81 -17.10
CA GLU C 335 0.65 -14.02 -17.41
C GLU C 335 0.99 -12.57 -17.71
N LYS C 336 1.91 -11.97 -16.95
CA LYS C 336 2.32 -10.58 -17.13
C LYS C 336 3.40 -10.42 -18.20
N LYS C 337 3.74 -11.51 -18.93
CA LYS C 337 4.66 -11.52 -20.07
C LYS C 337 6.06 -11.04 -19.67
N CYS C 338 6.58 -11.57 -18.57
CA CYS C 338 7.84 -11.11 -18.00
C CYS C 338 9.02 -11.90 -18.57
N PHE C 339 8.75 -13.01 -19.28
CA PHE C 339 9.79 -13.90 -19.76
C PHE C 339 10.19 -13.56 -21.20
N PRO C 340 11.45 -13.85 -21.63
CA PRO C 340 11.81 -13.70 -23.04
C PRO C 340 10.92 -14.60 -23.91
N GLU C 341 10.60 -14.11 -25.12
CA GLU C 341 9.74 -14.84 -26.04
C GLU C 341 10.29 -16.25 -26.22
N GLY C 342 9.38 -17.24 -26.24
CA GLY C 342 9.78 -18.61 -26.48
C GLY C 342 10.20 -19.36 -25.20
N THR C 343 9.95 -18.76 -24.02
CA THR C 343 10.33 -19.39 -22.76
C THR C 343 9.33 -20.49 -22.42
N ASP C 344 9.85 -21.64 -21.99
CA ASP C 344 9.08 -22.70 -21.36
C ASP C 344 9.11 -22.51 -19.83
N MET C 345 8.05 -21.92 -19.27
CA MET C 345 8.08 -21.42 -17.91
C MET C 345 8.26 -22.58 -16.91
N VAL C 346 7.60 -23.71 -17.13
CA VAL C 346 7.70 -24.83 -16.20
C VAL C 346 9.09 -25.46 -16.27
N GLY C 347 9.72 -25.44 -17.46
CA GLY C 347 11.12 -25.87 -17.61
C GLY C 347 12.10 -24.96 -16.88
N ILE C 348 11.87 -23.64 -16.91
CA ILE C 348 12.66 -22.64 -16.19
C ILE C 348 12.58 -22.87 -14.68
N LEU C 349 11.38 -23.17 -14.16
CA LEU C 349 11.23 -23.44 -12.74
C LEU C 349 12.06 -24.65 -12.32
N ASP C 350 12.08 -25.68 -13.17
CA ASP C 350 12.87 -26.88 -12.91
C ASP C 350 14.36 -26.52 -12.82
N PHE C 351 14.86 -25.75 -13.80
CA PHE C 351 16.23 -25.25 -13.82
C PHE C 351 16.52 -24.41 -12.57
N TYR C 352 15.60 -23.51 -12.20
CA TYR C 352 15.72 -22.70 -11.00
C TYR C 352 15.95 -23.56 -9.75
N PHE C 353 15.14 -24.61 -9.55
CA PHE C 353 15.31 -25.51 -8.40
C PHE C 353 16.65 -26.23 -8.44
N GLN C 354 17.13 -26.58 -9.64
CA GLN C 354 18.45 -27.18 -9.78
C GLN C 354 19.56 -26.24 -9.31
N LEU C 355 19.50 -24.97 -9.73
CA LEU C 355 20.52 -23.99 -9.38
C LEU C 355 20.57 -23.73 -7.87
N CYS C 356 19.40 -23.75 -7.20
CA CYS C 356 19.32 -23.61 -5.76
C CYS C 356 19.97 -24.79 -5.03
N SER C 357 20.08 -25.94 -5.70
CA SER C 357 20.54 -27.20 -5.11
C SER C 357 22.02 -27.44 -5.37
N ILE C 358 22.71 -26.50 -6.04
CA ILE C 358 24.16 -26.60 -6.21
C ILE C 358 24.83 -26.52 -4.84
N GLU C 359 25.81 -27.41 -4.61
CA GLU C 359 26.56 -27.52 -3.37
C GLU C 359 27.94 -26.88 -3.50
N VAL C 360 28.42 -26.29 -2.39
CA VAL C 360 29.76 -25.74 -2.25
C VAL C 360 30.26 -26.12 -0.86
N THR C 361 31.52 -25.84 -0.54
CA THR C 361 32.03 -25.82 0.83
C THR C 361 32.32 -24.35 1.14
N CYS C 362 32.56 -24.02 2.41
CA CYS C 362 33.01 -22.67 2.76
C CYS C 362 34.28 -22.34 1.96
N GLU C 363 35.18 -23.34 1.82
CA GLU C 363 36.44 -23.10 1.14
C GLU C 363 36.21 -22.72 -0.32
N SER C 364 35.41 -23.52 -1.05
CA SER C 364 35.25 -23.24 -2.47
C SER C 364 34.42 -21.96 -2.69
N ALA C 365 33.39 -21.74 -1.87
CA ALA C 365 32.58 -20.53 -1.97
C ALA C 365 33.39 -19.26 -1.65
N SER C 366 34.38 -19.33 -0.74
CA SER C 366 35.15 -18.13 -0.42
C SER C 366 35.94 -17.68 -1.66
N VAL C 367 36.35 -18.64 -2.51
CA VAL C 367 37.08 -18.32 -3.72
C VAL C 367 36.14 -17.65 -4.72
N MET C 368 34.90 -18.14 -4.84
CA MET C 368 33.89 -17.48 -5.67
C MET C 368 33.69 -16.03 -5.23
N ALA C 369 33.59 -15.81 -3.90
CA ALA C 369 33.42 -14.47 -3.36
C ALA C 369 34.66 -13.62 -3.64
N ALA C 370 35.84 -14.24 -3.64
CA ALA C 370 37.08 -13.50 -3.91
C ALA C 370 37.18 -13.10 -5.38
N THR C 371 36.61 -13.90 -6.29
CA THR C 371 36.52 -13.52 -7.71
C THR C 371 35.72 -12.22 -7.86
N LEU C 372 34.64 -12.09 -7.08
CA LEU C 372 33.85 -10.88 -7.06
C LEU C 372 34.60 -9.73 -6.40
N ALA C 373 35.42 -10.00 -5.37
CA ALA C 373 36.21 -8.97 -4.72
C ALA C 373 37.34 -8.47 -5.64
N ASN C 374 37.73 -9.31 -6.62
CA ASN C 374 38.93 -9.10 -7.42
C ASN C 374 38.55 -8.68 -8.84
N GLY C 375 37.39 -8.04 -9.01
CA GLY C 375 37.06 -7.45 -10.31
C GLY C 375 36.77 -8.50 -11.39
N GLY C 376 36.44 -9.72 -10.99
CA GLY C 376 36.09 -10.77 -11.95
C GLY C 376 37.24 -11.70 -12.34
N PHE C 377 38.43 -11.48 -11.75
CA PHE C 377 39.54 -12.41 -11.94
C PHE C 377 39.59 -13.37 -10.75
N CYS C 378 39.68 -14.67 -11.03
CA CYS C 378 39.79 -15.65 -9.97
C CYS C 378 41.18 -15.53 -9.34
N PRO C 379 41.29 -15.26 -8.02
CA PRO C 379 42.60 -14.97 -7.41
C PRO C 379 43.58 -16.14 -7.39
N ILE C 380 43.10 -17.39 -7.35
CA ILE C 380 44.02 -18.51 -7.21
C ILE C 380 44.37 -19.09 -8.59
N THR C 381 43.82 -18.57 -9.69
CA THR C 381 44.23 -19.06 -11.01
C THR C 381 44.68 -17.91 -11.91
N GLY C 382 44.30 -16.66 -11.59
CA GLY C 382 44.58 -15.50 -12.45
C GLY C 382 43.67 -15.42 -13.68
N GLU C 383 42.70 -16.33 -13.84
CA GLU C 383 41.85 -16.33 -15.02
C GLU C 383 40.76 -15.25 -14.90
N ARG C 384 40.51 -14.53 -16.00
CA ARG C 384 39.38 -13.61 -16.10
C ARG C 384 38.09 -14.43 -16.25
N VAL C 385 37.18 -14.32 -15.29
CA VAL C 385 35.96 -15.15 -15.29
C VAL C 385 34.74 -14.29 -15.65
N LEU C 386 34.64 -13.07 -15.08
CA LEU C 386 33.47 -12.23 -15.31
C LEU C 386 33.93 -10.85 -15.77
N SER C 387 33.11 -10.18 -16.59
CA SER C 387 33.40 -8.82 -16.98
C SER C 387 33.35 -7.88 -15.75
N PRO C 388 34.10 -6.76 -15.75
CA PRO C 388 34.00 -5.79 -14.67
C PRO C 388 32.57 -5.24 -14.45
N GLU C 389 31.81 -5.04 -15.54
CA GLU C 389 30.42 -4.64 -15.48
C GLU C 389 29.55 -5.64 -14.70
N ALA C 390 29.68 -6.94 -15.01
CA ALA C 390 28.94 -7.99 -14.30
C ALA C 390 29.21 -7.95 -12.79
N VAL C 391 30.50 -7.81 -12.42
CA VAL C 391 30.90 -7.83 -11.02
C VAL C 391 30.38 -6.58 -10.29
N ARG C 392 30.57 -5.39 -10.89
CA ARG C 392 30.14 -4.17 -10.26
C ARG C 392 28.63 -4.18 -9.99
N ASN C 393 27.82 -4.56 -11.00
CA ASN C 393 26.37 -4.61 -10.87
C ASN C 393 25.97 -5.62 -9.78
N THR C 394 26.63 -6.79 -9.75
CA THR C 394 26.31 -7.84 -8.78
C THR C 394 26.55 -7.35 -7.35
N LEU C 395 27.70 -6.71 -7.12
CA LEU C 395 28.05 -6.17 -5.80
C LEU C 395 27.08 -5.07 -5.37
N SER C 396 26.66 -4.19 -6.31
CA SER C 396 25.72 -3.11 -6.01
C SER C 396 24.41 -3.69 -5.48
N LEU C 397 23.92 -4.76 -6.14
CA LEU C 397 22.62 -5.33 -5.76
C LEU C 397 22.72 -6.22 -4.51
N MET C 398 23.88 -6.84 -4.28
CA MET C 398 24.09 -7.57 -3.04
C MET C 398 24.11 -6.58 -1.86
N HIS C 399 24.70 -5.40 -2.09
CA HIS C 399 24.76 -4.38 -1.05
C HIS C 399 23.35 -4.01 -0.55
N SER C 400 22.44 -3.73 -1.49
CA SER C 400 21.13 -3.18 -1.11
C SER C 400 20.04 -4.26 -0.95
N CYS C 401 20.21 -5.48 -1.52
CA CYS C 401 19.11 -6.42 -1.66
C CYS C 401 19.47 -7.83 -1.17
N GLY C 402 20.65 -8.03 -0.58
CA GLY C 402 21.19 -9.38 -0.44
C GLY C 402 20.83 -10.14 0.85
N MET C 403 20.26 -9.46 1.84
CA MET C 403 20.10 -10.07 3.16
C MET C 403 18.62 -10.07 3.59
N TYR C 404 17.73 -10.33 2.61
CA TYR C 404 16.28 -10.35 2.77
C TYR C 404 15.81 -9.03 3.40
N ASP C 405 14.88 -9.08 4.37
CA ASP C 405 14.35 -7.87 5.00
C ASP C 405 15.37 -7.20 5.92
N PHE C 406 16.50 -7.85 6.18
CA PHE C 406 17.57 -7.23 6.96
C PHE C 406 18.51 -6.40 6.08
N SER C 407 18.24 -6.32 4.76
CA SER C 407 19.20 -5.72 3.82
C SER C 407 19.53 -4.27 4.16
N GLY C 408 18.53 -3.47 4.51
CA GLY C 408 18.77 -2.06 4.82
C GLY C 408 19.59 -1.86 6.09
N GLN C 409 19.31 -2.68 7.13
CA GLN C 409 20.06 -2.60 8.37
C GLN C 409 21.50 -3.04 8.13
N PHE C 410 21.66 -4.13 7.36
CA PHE C 410 22.96 -4.69 7.05
C PHE C 410 23.79 -3.69 6.25
N ALA C 411 23.19 -3.05 5.24
CA ALA C 411 23.90 -2.04 4.45
C ALA C 411 24.39 -0.92 5.35
N PHE C 412 23.56 -0.49 6.31
CA PHE C 412 23.91 0.64 7.16
C PHE C 412 25.02 0.25 8.16
N HIS C 413 24.87 -0.87 8.86
CA HIS C 413 25.81 -1.21 9.94
C HIS C 413 27.05 -1.93 9.40
N VAL C 414 26.88 -2.84 8.44
CA VAL C 414 28.01 -3.66 8.00
C VAL C 414 28.65 -3.02 6.76
N GLY C 415 27.82 -2.60 5.80
CA GLY C 415 28.28 -1.86 4.64
C GLY C 415 29.18 -2.69 3.70
N LEU C 416 28.87 -3.98 3.57
CA LEU C 416 29.58 -4.89 2.67
C LEU C 416 28.56 -5.62 1.82
N PRO C 417 28.84 -5.86 0.52
CA PRO C 417 27.96 -6.70 -0.30
C PRO C 417 27.93 -8.13 0.25
N ALA C 418 26.74 -8.66 0.56
CA ALA C 418 26.66 -10.03 1.06
C ALA C 418 25.38 -10.67 0.52
N LYS C 419 25.35 -12.01 0.50
CA LYS C 419 24.15 -12.72 0.12
C LYS C 419 23.94 -13.91 1.04
N SER C 420 22.77 -14.00 1.67
CA SER C 420 22.44 -15.12 2.55
C SER C 420 21.60 -16.16 1.82
N GLY C 421 21.54 -17.36 2.42
CA GLY C 421 20.74 -18.47 1.91
C GLY C 421 20.20 -19.34 3.05
N VAL C 422 19.15 -20.11 2.77
CA VAL C 422 18.38 -20.82 3.80
C VAL C 422 19.18 -22.00 4.38
N ALA C 423 20.26 -22.43 3.71
CA ALA C 423 21.10 -23.49 4.26
C ALA C 423 22.03 -22.94 5.33
N GLY C 424 22.06 -21.60 5.52
CA GLY C 424 22.83 -20.96 6.56
C GLY C 424 24.10 -20.32 6.02
N GLY C 425 24.23 -20.21 4.69
CA GLY C 425 25.42 -19.60 4.12
C GLY C 425 25.28 -18.08 4.04
N ILE C 426 26.39 -17.36 4.26
CA ILE C 426 26.49 -15.94 3.92
C ILE C 426 27.74 -15.76 3.08
N LEU C 427 27.54 -15.45 1.80
CA LEU C 427 28.60 -15.11 0.87
C LEU C 427 28.92 -13.63 1.06
N LEU C 428 30.18 -13.30 1.40
CA LEU C 428 30.53 -11.94 1.78
C LEU C 428 31.71 -11.45 0.93
N VAL C 429 31.61 -10.21 0.43
CA VAL C 429 32.66 -9.65 -0.39
C VAL C 429 33.18 -8.38 0.28
N VAL C 430 34.51 -8.28 0.44
CA VAL C 430 35.16 -7.03 0.80
C VAL C 430 35.90 -6.55 -0.45
N PRO C 431 35.32 -5.61 -1.23
CA PRO C 431 35.89 -5.29 -2.55
C PRO C 431 37.35 -4.89 -2.39
N ASN C 432 38.18 -5.35 -3.33
CA ASN C 432 39.61 -5.03 -3.36
C ASN C 432 40.40 -5.73 -2.25
N VAL C 433 39.74 -6.55 -1.41
CA VAL C 433 40.43 -7.15 -0.27
C VAL C 433 40.25 -8.66 -0.25
N MET C 434 39.00 -9.16 -0.13
CA MET C 434 38.86 -10.60 0.04
C MET C 434 37.42 -11.03 -0.16
N GLY C 435 37.24 -12.34 -0.39
CA GLY C 435 35.92 -12.93 -0.29
C GLY C 435 35.87 -13.88 0.91
N MET C 436 34.66 -14.10 1.44
CA MET C 436 34.48 -15.03 2.55
C MET C 436 33.19 -15.77 2.32
N MET C 437 33.12 -16.97 2.93
CA MET C 437 31.86 -17.67 3.06
C MET C 437 31.77 -18.08 4.53
N CYS C 438 30.67 -17.67 5.19
CA CYS C 438 30.31 -18.06 6.56
C CYS C 438 29.16 -19.05 6.45
N TRP C 439 29.22 -20.15 7.21
CA TRP C 439 28.11 -21.10 7.16
C TRP C 439 27.77 -21.63 8.55
N SER C 440 26.51 -21.42 8.95
CA SER C 440 25.96 -22.08 10.13
C SER C 440 24.46 -22.25 9.94
N PRO C 441 23.92 -23.50 9.88
CA PRO C 441 22.48 -23.71 9.64
C PRO C 441 21.44 -22.91 10.43
N PRO C 442 21.54 -22.67 11.77
CA PRO C 442 20.44 -21.98 12.48
C PRO C 442 20.23 -20.53 12.02
N LEU C 443 18.98 -20.20 11.65
CA LEU C 443 18.64 -18.91 11.06
C LEU C 443 17.88 -18.06 12.07
N ASP C 444 18.03 -16.73 11.96
CA ASP C 444 17.24 -15.80 12.77
C ASP C 444 15.87 -15.65 12.12
N LYS C 445 15.05 -14.76 12.69
CA LYS C 445 13.68 -14.53 12.24
C LYS C 445 13.63 -13.91 10.85
N MET C 446 14.75 -13.31 10.38
CA MET C 446 14.78 -12.72 9.03
C MET C 446 15.19 -13.77 8.00
N GLY C 447 15.67 -14.95 8.43
CA GLY C 447 16.13 -15.97 7.50
C GLY C 447 17.67 -16.03 7.36
N ASN C 448 18.39 -15.19 8.12
CA ASN C 448 19.84 -15.09 8.02
C ASN C 448 20.53 -15.94 9.11
N SER C 449 21.66 -16.60 8.75
CA SER C 449 22.45 -17.36 9.74
C SER C 449 22.77 -16.48 10.95
N VAL C 450 22.42 -16.94 12.18
CA VAL C 450 22.67 -16.17 13.40
C VAL C 450 24.17 -15.95 13.57
N LYS C 451 24.96 -17.04 13.47
CA LYS C 451 26.41 -16.90 13.68
C LYS C 451 27.07 -16.03 12.60
N GLY C 452 26.68 -16.21 11.34
CA GLY C 452 27.22 -15.42 10.24
C GLY C 452 26.95 -13.93 10.42
N ILE C 453 25.70 -13.57 10.78
CA ILE C 453 25.33 -12.18 11.02
C ILE C 453 26.19 -11.58 12.13
N HIS C 454 26.35 -12.33 13.24
CA HIS C 454 27.16 -11.87 14.36
C HIS C 454 28.60 -11.64 13.90
N PHE C 455 29.16 -12.59 13.14
CA PHE C 455 30.53 -12.51 12.63
C PHE C 455 30.71 -11.28 11.71
N CYS C 456 29.78 -11.07 10.77
CA CYS C 456 29.86 -9.92 9.87
C CYS C 456 29.88 -8.58 10.62
N HIS C 457 29.02 -8.43 11.66
CA HIS C 457 29.05 -7.21 12.47
C HIS C 457 30.38 -7.02 13.20
N ASP C 458 30.89 -8.09 13.83
CA ASP C 458 32.15 -7.98 14.55
C ASP C 458 33.31 -7.68 13.60
N LEU C 459 33.27 -8.28 12.40
CA LEU C 459 34.35 -8.06 11.43
C LEU C 459 34.46 -6.55 11.12
N VAL C 460 33.34 -5.88 10.89
CA VAL C 460 33.38 -4.46 10.53
C VAL C 460 33.55 -3.57 11.76
N SER C 461 33.15 -4.03 12.95
CA SER C 461 33.48 -3.32 14.18
C SER C 461 35.00 -3.26 14.36
N LEU C 462 35.68 -4.36 14.04
CA LEU C 462 37.12 -4.47 14.23
C LEU C 462 37.92 -3.72 13.15
N CYS C 463 37.57 -3.92 11.86
CA CYS C 463 38.38 -3.50 10.71
C CYS C 463 37.67 -2.42 9.89
N ASN C 464 38.46 -1.55 9.23
CA ASN C 464 37.93 -0.43 8.46
C ASN C 464 37.50 -0.89 7.05
N PHE C 465 36.59 -1.88 7.01
CA PHE C 465 36.13 -2.50 5.77
C PHE C 465 34.75 -1.98 5.36
N HIS C 466 34.04 -1.21 6.20
CA HIS C 466 32.74 -0.71 5.79
C HIS C 466 32.94 0.06 4.48
N ASN C 467 32.01 -0.08 3.53
CA ASN C 467 32.17 0.67 2.28
C ASN C 467 32.32 2.18 2.49
N TYR C 468 31.83 2.75 3.60
CA TYR C 468 32.00 4.19 3.83
C TYR C 468 32.87 4.46 5.06
N ASP C 469 33.71 3.50 5.48
CA ASP C 469 34.84 3.82 6.33
C ASP C 469 35.87 4.60 5.51
N ASN C 470 36.68 5.43 6.17
CA ASN C 470 37.73 6.19 5.50
C ASN C 470 39.05 5.43 5.65
N LEU C 471 39.89 5.47 4.61
CA LEU C 471 41.18 4.77 4.59
C LEU C 471 42.27 5.57 5.31
N ARG C 472 42.01 6.84 5.66
CA ARG C 472 43.05 7.64 6.30
C ARG C 472 42.70 7.88 7.77
N HIS C 473 41.43 8.17 8.06
CA HIS C 473 40.99 8.49 9.42
C HIS C 473 39.87 7.54 9.82
N PHE C 474 40.18 6.57 10.70
CA PHE C 474 39.25 5.49 11.02
C PHE C 474 39.22 5.16 12.52
N ALA C 475 39.39 6.20 13.35
CA ALA C 475 39.21 6.07 14.80
C ALA C 475 40.07 4.93 15.32
N LYS C 476 39.44 3.95 15.97
CA LYS C 476 40.19 2.89 16.64
C LYS C 476 40.14 1.57 15.87
N LYS C 477 39.69 1.60 14.61
CA LYS C 477 39.62 0.35 13.87
C LYS C 477 41.04 -0.08 13.50
N LEU C 478 41.23 -1.38 13.25
CA LEU C 478 42.45 -1.92 12.65
C LEU C 478 42.29 -1.89 11.12
N ASP C 479 43.37 -1.54 10.40
CA ASP C 479 43.41 -1.65 8.95
C ASP C 479 44.39 -2.76 8.56
N PRO C 480 43.89 -3.97 8.20
CA PRO C 480 44.75 -5.11 7.88
C PRO C 480 45.55 -4.99 6.58
N ARG C 481 45.29 -3.92 5.81
CA ARG C 481 46.07 -3.60 4.62
C ARG C 481 47.41 -2.95 4.98
N ARG C 482 47.58 -2.51 6.25
CA ARG C 482 48.79 -1.82 6.68
C ARG C 482 49.67 -2.76 7.51
N GLU C 483 50.95 -2.42 7.62
CA GLU C 483 51.89 -3.11 8.51
C GLU C 483 51.81 -2.47 9.89
N LEU D 77 -65.22 -18.41 -5.23
CA LEU D 77 -63.92 -17.79 -5.62
C LEU D 77 -63.77 -17.88 -7.14
N GLU D 78 -64.09 -19.04 -7.73
CA GLU D 78 -64.16 -19.24 -9.18
C GLU D 78 -65.28 -18.39 -9.79
N ASP D 79 -66.39 -18.26 -9.03
CA ASP D 79 -67.57 -17.52 -9.44
C ASP D 79 -67.26 -16.01 -9.47
N LEU D 80 -66.75 -15.51 -8.34
CA LEU D 80 -66.27 -14.14 -8.22
C LEU D 80 -65.43 -13.78 -9.45
N LEU D 81 -64.43 -14.62 -9.73
CA LEU D 81 -63.52 -14.40 -10.85
C LEU D 81 -64.27 -14.49 -12.17
N PHE D 82 -65.24 -15.40 -12.25
CA PHE D 82 -66.06 -15.51 -13.45
C PHE D 82 -66.72 -14.17 -13.78
N TYR D 83 -67.30 -13.51 -12.75
CA TYR D 83 -68.04 -12.27 -12.93
C TYR D 83 -67.12 -11.13 -13.37
N THR D 84 -65.93 -11.05 -12.78
CA THR D 84 -64.90 -10.07 -13.10
C THR D 84 -64.61 -10.09 -14.61
N ILE D 85 -64.47 -11.28 -15.20
CA ILE D 85 -64.09 -11.38 -16.60
C ILE D 85 -65.36 -11.32 -17.46
N ALA D 86 -66.48 -11.79 -16.92
CA ALA D 86 -67.75 -11.77 -17.64
C ALA D 86 -68.34 -10.36 -17.52
N GLN D 89 -71.65 -11.72 -21.08
CA GLN D 89 -71.75 -11.66 -19.60
C GLN D 89 -72.29 -12.98 -19.08
N GLU D 90 -72.81 -13.79 -20.01
CA GLU D 90 -73.26 -15.14 -19.71
C GLU D 90 -72.10 -16.13 -19.91
N LYS D 91 -71.28 -15.88 -20.93
CA LYS D 91 -70.15 -16.74 -21.29
C LYS D 91 -68.91 -15.90 -21.62
N ILE D 92 -67.73 -16.46 -21.31
CA ILE D 92 -66.43 -15.83 -21.58
C ILE D 92 -65.79 -16.51 -22.79
N PRO D 93 -65.47 -15.80 -23.90
CA PRO D 93 -64.67 -16.41 -24.96
C PRO D 93 -63.29 -16.74 -24.37
N VAL D 94 -62.70 -17.85 -24.83
CA VAL D 94 -61.43 -18.35 -24.30
C VAL D 94 -60.33 -17.31 -24.57
N HIS D 95 -60.29 -16.78 -25.79
CA HIS D 95 -59.31 -15.76 -26.21
C HIS D 95 -59.34 -14.55 -25.26
N LYS D 96 -60.52 -14.19 -24.73
CA LYS D 96 -60.67 -13.05 -23.86
C LYS D 96 -60.05 -13.34 -22.49
N PHE D 97 -60.18 -14.59 -22.02
CA PHE D 97 -59.57 -15.01 -20.78
C PHE D 97 -58.04 -15.00 -20.90
N ILE D 98 -57.53 -15.49 -22.04
CA ILE D 98 -56.10 -15.59 -22.31
C ILE D 98 -55.48 -14.20 -22.42
N THR D 99 -56.11 -13.29 -23.18
CA THR D 99 -55.64 -11.91 -23.31
C THR D 99 -55.54 -11.21 -21.95
N ALA D 100 -56.60 -11.33 -21.14
CA ALA D 100 -56.60 -10.73 -19.81
C ALA D 100 -55.48 -11.31 -18.93
N LEU D 101 -55.27 -12.63 -18.99
CA LEU D 101 -54.26 -13.32 -18.22
C LEU D 101 -52.86 -12.82 -18.60
N LYS D 102 -52.57 -12.73 -19.91
CA LYS D 102 -51.27 -12.28 -20.38
C LYS D 102 -51.01 -10.81 -20.01
N SER D 103 -52.06 -10.01 -19.89
CA SER D 103 -51.85 -8.60 -19.61
C SER D 103 -51.43 -8.39 -18.15
N THR D 104 -51.62 -9.39 -17.28
CA THR D 104 -51.12 -9.33 -15.92
C THR D 104 -49.60 -9.53 -15.90
N GLY D 105 -49.04 -10.04 -17.00
CA GLY D 105 -47.62 -10.36 -17.10
C GLY D 105 -47.28 -11.85 -17.00
N LEU D 106 -48.22 -12.70 -16.55
CA LEU D 106 -47.95 -14.14 -16.54
C LEU D 106 -47.89 -14.67 -17.98
N ARG D 107 -47.07 -15.71 -18.19
CA ARG D 107 -47.10 -16.42 -19.46
C ARG D 107 -47.99 -17.66 -19.32
N THR D 108 -48.64 -18.07 -20.41
CA THR D 108 -49.54 -19.21 -20.39
C THR D 108 -48.78 -20.51 -20.11
N SER D 109 -47.47 -20.52 -20.38
CA SER D 109 -46.61 -21.65 -20.06
C SER D 109 -46.17 -21.68 -18.58
N ASP D 110 -46.58 -20.72 -17.76
CA ASP D 110 -46.12 -20.67 -16.38
C ASP D 110 -46.38 -22.03 -15.71
N PRO D 111 -45.37 -22.72 -15.12
CA PRO D 111 -45.59 -24.00 -14.46
C PRO D 111 -46.71 -24.02 -13.43
N ARG D 112 -47.01 -22.88 -12.80
CA ARG D 112 -48.05 -22.87 -11.78
C ARG D 112 -49.45 -22.79 -12.40
N LEU D 113 -49.56 -22.59 -13.72
CA LEU D 113 -50.84 -22.56 -14.43
C LEU D 113 -51.04 -23.83 -15.27
N LYS D 114 -50.23 -24.87 -15.05
CA LYS D 114 -50.25 -26.06 -15.89
C LYS D 114 -51.64 -26.72 -15.93
N GLU D 115 -52.24 -26.95 -14.75
CA GLU D 115 -53.54 -27.60 -14.66
C GLU D 115 -54.63 -26.81 -15.39
N CYS D 116 -54.71 -25.49 -15.12
CA CYS D 116 -55.64 -24.60 -15.81
C CYS D 116 -55.47 -24.69 -17.34
N MET D 117 -54.24 -24.62 -17.85
CA MET D 117 -54.05 -24.56 -19.29
C MET D 117 -54.31 -25.93 -19.91
N ASP D 118 -53.98 -27.01 -19.18
CA ASP D 118 -54.29 -28.37 -19.65
C ASP D 118 -55.80 -28.52 -19.83
N MET D 119 -56.56 -28.08 -18.80
CA MET D 119 -58.01 -28.14 -18.81
C MET D 119 -58.60 -27.34 -19.97
N LEU D 120 -58.07 -26.14 -20.24
CA LEU D 120 -58.53 -25.33 -21.37
C LEU D 120 -58.29 -26.05 -22.70
N ARG D 121 -57.12 -26.68 -22.85
CA ARG D 121 -56.82 -27.37 -24.10
C ARG D 121 -57.77 -28.56 -24.28
N LEU D 122 -58.03 -29.30 -23.19
CA LEU D 122 -58.94 -30.44 -23.22
C LEU D 122 -60.35 -30.00 -23.61
N THR D 123 -60.76 -28.81 -23.13
CA THR D 123 -62.10 -28.30 -23.40
C THR D 123 -62.25 -27.90 -24.86
N LEU D 124 -61.21 -27.28 -25.45
CA LEU D 124 -61.25 -26.95 -26.87
C LEU D 124 -61.30 -28.21 -27.74
N GLN D 125 -61.00 -29.38 -27.15
CA GLN D 125 -61.10 -30.64 -27.87
C GLN D 125 -62.52 -31.23 -27.75
N THR D 126 -63.03 -31.28 -26.51
CA THR D 126 -64.27 -31.97 -26.16
C THR D 126 -65.51 -31.15 -26.53
N THR D 127 -65.36 -30.09 -27.33
CA THR D 127 -66.57 -29.49 -27.89
C THR D 127 -66.32 -28.72 -29.19
N SER D 128 -65.10 -28.84 -29.75
CA SER D 128 -64.50 -27.92 -30.72
C SER D 128 -64.23 -26.51 -30.14
N VAL D 131 -65.45 -22.47 -28.34
CA VAL D 131 -64.53 -21.34 -28.01
C VAL D 131 -65.14 -20.49 -26.88
N MET D 132 -66.20 -20.99 -26.20
CA MET D 132 -67.02 -20.21 -25.30
C MET D 132 -67.20 -20.95 -23.97
N LEU D 133 -67.05 -20.23 -22.85
CA LEU D 133 -66.91 -20.79 -21.51
C LEU D 133 -68.03 -20.25 -20.62
N ASP D 134 -68.93 -21.14 -20.17
CA ASP D 134 -69.98 -20.74 -19.25
C ASP D 134 -69.40 -20.78 -17.83
N LYS D 135 -70.20 -20.38 -16.85
CA LYS D 135 -69.78 -20.33 -15.44
C LYS D 135 -69.17 -21.68 -15.05
N ASP D 136 -69.80 -22.77 -15.51
CA ASP D 136 -69.54 -24.11 -15.00
C ASP D 136 -68.23 -24.65 -15.59
N LEU D 137 -68.06 -24.47 -16.91
CA LEU D 137 -66.85 -24.89 -17.61
C LEU D 137 -65.65 -24.09 -17.09
N PHE D 138 -65.84 -22.78 -16.90
CA PHE D 138 -64.82 -21.88 -16.38
C PHE D 138 -64.31 -22.40 -15.03
N LYS D 139 -65.24 -22.64 -14.10
CA LYS D 139 -64.91 -23.16 -12.77
C LYS D 139 -64.08 -24.44 -12.88
N LYS D 140 -64.46 -25.32 -13.83
CA LYS D 140 -63.79 -26.59 -14.03
C LYS D 140 -62.33 -26.36 -14.42
N CYS D 141 -62.09 -25.34 -15.24
CA CYS D 141 -60.77 -25.02 -15.76
C CYS D 141 -59.87 -24.36 -14.73
N VAL D 142 -60.39 -23.41 -13.94
CA VAL D 142 -59.51 -22.53 -13.18
C VAL D 142 -59.39 -23.00 -11.74
N GLN D 143 -60.15 -24.04 -11.37
CA GLN D 143 -60.33 -24.35 -9.96
C GLN D 143 -59.02 -24.77 -9.30
N SER D 144 -58.17 -25.54 -10.00
CA SER D 144 -56.94 -26.03 -9.41
C SER D 144 -55.94 -24.90 -9.15
N ASN D 145 -56.02 -23.80 -9.93
CA ASN D 145 -55.04 -22.73 -9.90
C ASN D 145 -55.66 -21.41 -9.42
N ILE D 146 -56.74 -21.49 -8.64
CA ILE D 146 -57.62 -20.36 -8.40
C ILE D 146 -56.95 -19.29 -7.52
N VAL D 147 -56.08 -19.72 -6.58
CA VAL D 147 -55.38 -18.77 -5.72
C VAL D 147 -54.54 -17.79 -6.56
N LEU D 148 -53.70 -18.35 -7.44
CA LEU D 148 -52.80 -17.55 -8.26
C LEU D 148 -53.59 -16.68 -9.24
N LEU D 149 -54.64 -17.25 -9.86
CA LEU D 149 -55.41 -16.51 -10.85
C LEU D 149 -56.14 -15.33 -10.20
N THR D 150 -56.55 -15.51 -8.94
CA THR D 150 -57.25 -14.48 -8.18
C THR D 150 -56.32 -13.31 -7.90
N GLN D 151 -55.11 -13.62 -7.39
CA GLN D 151 -54.10 -12.60 -7.16
C GLN D 151 -53.82 -11.84 -8.46
N ALA D 152 -53.70 -12.56 -9.58
CA ALA D 152 -53.38 -11.97 -10.88
C ALA D 152 -54.45 -10.95 -11.28
N PHE D 153 -55.73 -11.38 -11.22
CA PHE D 153 -56.84 -10.58 -11.73
C PHE D 153 -57.26 -9.48 -10.74
N ARG D 154 -57.02 -9.69 -9.44
CA ARG D 154 -57.29 -8.65 -8.47
C ARG D 154 -56.14 -7.65 -8.35
N ARG D 155 -55.17 -7.69 -9.30
CA ARG D 155 -54.06 -6.73 -9.33
C ARG D 155 -53.30 -6.75 -8.01
N LYS D 156 -53.06 -7.96 -7.47
CA LYS D 156 -52.34 -8.10 -6.20
C LYS D 156 -50.86 -8.44 -6.45
N PHE D 157 -50.42 -8.50 -7.71
CA PHE D 157 -49.01 -8.78 -7.99
C PHE D 157 -48.16 -7.59 -7.55
N VAL D 158 -46.84 -7.81 -7.41
CA VAL D 158 -45.97 -6.78 -6.87
C VAL D 158 -46.00 -5.55 -7.78
N ILE D 159 -46.09 -5.75 -9.11
CA ILE D 159 -46.26 -4.62 -10.03
C ILE D 159 -47.65 -4.75 -10.65
N PRO D 160 -48.68 -4.04 -10.12
CA PRO D 160 -50.05 -4.23 -10.60
C PRO D 160 -50.30 -3.78 -12.04
N ASP D 161 -49.75 -2.62 -12.44
CA ASP D 161 -49.89 -2.16 -13.82
C ASP D 161 -48.66 -2.57 -14.64
N PHE D 162 -48.61 -3.85 -14.99
CA PHE D 162 -47.41 -4.44 -15.59
C PHE D 162 -47.21 -3.92 -17.00
N MET D 163 -48.31 -3.70 -17.72
CA MET D 163 -48.24 -3.23 -19.11
C MET D 163 -47.58 -1.85 -19.15
N SER D 164 -47.95 -0.97 -18.23
CA SER D 164 -47.35 0.37 -18.16
C SER D 164 -45.86 0.25 -17.81
N PHE D 165 -45.54 -0.63 -16.86
CA PHE D 165 -44.16 -0.87 -16.48
C PHE D 165 -43.32 -1.37 -17.67
N THR D 166 -43.81 -2.35 -18.44
CA THR D 166 -42.98 -2.88 -19.52
C THR D 166 -42.78 -1.83 -20.62
N SER D 167 -43.72 -0.91 -20.77
CA SER D 167 -43.58 0.19 -21.70
C SER D 167 -42.38 1.08 -21.29
N HIS D 168 -42.21 1.32 -19.99
CA HIS D 168 -41.04 2.04 -19.48
C HIS D 168 -39.76 1.23 -19.72
N ILE D 169 -39.77 -0.07 -19.44
CA ILE D 169 -38.62 -0.93 -19.68
C ILE D 169 -38.18 -0.81 -21.15
N ASP D 170 -39.16 -0.82 -22.08
CA ASP D 170 -38.83 -0.75 -23.50
C ASP D 170 -38.17 0.59 -23.85
N GLU D 171 -38.63 1.68 -23.23
CA GLU D 171 -38.03 3.00 -23.47
C GLU D 171 -36.60 3.05 -22.93
N LEU D 172 -36.35 2.46 -21.75
CA LEU D 172 -35.00 2.43 -21.20
C LEU D 172 -34.11 1.59 -22.10
N TYR D 173 -34.64 0.47 -22.58
CA TYR D 173 -33.93 -0.41 -23.50
C TYR D 173 -33.48 0.38 -24.74
N GLU D 174 -34.39 1.17 -25.35
CA GLU D 174 -34.11 1.89 -26.59
C GLU D 174 -33.08 2.98 -26.35
N SER D 175 -33.15 3.62 -25.17
CA SER D 175 -32.20 4.65 -24.82
C SER D 175 -30.79 4.08 -24.61
N ALA D 176 -30.67 2.92 -23.95
CA ALA D 176 -29.37 2.27 -23.79
C ALA D 176 -28.81 1.79 -25.12
N LYS D 177 -29.71 1.41 -26.03
CA LYS D 177 -29.34 0.92 -27.36
C LYS D 177 -28.47 1.92 -28.11
N LYS D 178 -28.64 3.22 -27.84
CA LYS D 178 -27.85 4.25 -28.52
C LYS D 178 -26.44 4.37 -27.98
N GLN D 179 -26.11 3.71 -26.85
CA GLN D 179 -24.76 3.78 -26.28
C GLN D 179 -23.89 2.65 -26.85
N SER D 180 -23.25 2.90 -27.97
CA SER D 180 -22.68 1.84 -28.79
C SER D 180 -21.15 1.73 -28.62
N GLY D 181 -20.56 2.48 -27.67
CA GLY D 181 -19.14 2.36 -27.39
C GLY D 181 -18.79 1.07 -26.63
N GLY D 182 -17.52 0.95 -26.24
CA GLY D 182 -17.03 -0.20 -25.49
C GLY D 182 -16.36 -1.21 -26.42
N LYS D 183 -15.72 -2.23 -25.84
CA LYS D 183 -15.00 -3.22 -26.62
C LYS D 183 -15.44 -4.62 -26.18
N VAL D 184 -15.75 -5.49 -27.15
CA VAL D 184 -16.06 -6.87 -26.80
C VAL D 184 -14.81 -7.53 -26.24
N ALA D 185 -14.96 -8.42 -25.24
CA ALA D 185 -13.81 -9.24 -24.86
C ALA D 185 -13.44 -10.16 -26.04
N PRO D 196 -21.21 -7.35 -31.26
CA PRO D 196 -21.26 -6.09 -30.47
C PRO D 196 -22.64 -5.44 -30.39
N ASP D 197 -23.50 -5.77 -31.36
CA ASP D 197 -24.78 -5.09 -31.51
C ASP D 197 -25.90 -5.87 -30.81
N LEU D 198 -25.58 -7.07 -30.30
CA LEU D 198 -26.54 -7.82 -29.50
C LEU D 198 -26.83 -7.05 -28.20
N TRP D 199 -28.11 -6.97 -27.82
CA TRP D 199 -28.56 -6.23 -26.65
C TRP D 199 -29.92 -6.77 -26.21
N GLY D 200 -29.97 -7.37 -25.02
CA GLY D 200 -31.25 -7.86 -24.52
C GLY D 200 -31.42 -7.57 -23.03
N VAL D 201 -32.66 -7.41 -22.60
CA VAL D 201 -33.06 -7.20 -21.22
C VAL D 201 -34.27 -8.09 -20.95
N SER D 202 -34.22 -8.90 -19.89
CA SER D 202 -35.38 -9.65 -19.43
C SER D 202 -35.68 -9.35 -17.97
N VAL D 203 -36.97 -9.34 -17.64
CA VAL D 203 -37.51 -9.04 -16.33
C VAL D 203 -38.30 -10.27 -15.88
N CYS D 204 -38.12 -10.67 -14.62
CA CYS D 204 -39.04 -11.62 -13.99
C CYS D 204 -39.36 -11.08 -12.59
N THR D 205 -40.63 -10.75 -12.31
CA THR D 205 -40.98 -10.25 -10.99
C THR D 205 -41.00 -11.40 -9.98
N VAL D 206 -41.10 -11.08 -8.69
CA VAL D 206 -41.18 -12.09 -7.65
C VAL D 206 -42.53 -12.80 -7.72
N ASP D 207 -43.46 -12.35 -8.58
CA ASP D 207 -44.72 -13.06 -8.79
C ASP D 207 -44.72 -13.81 -10.12
N GLY D 208 -43.60 -13.83 -10.84
CA GLY D 208 -43.52 -14.57 -12.09
C GLY D 208 -44.01 -13.80 -13.33
N GLN D 209 -44.19 -12.47 -13.23
CA GLN D 209 -44.54 -11.65 -14.38
C GLN D 209 -43.30 -11.47 -15.25
N ARG D 210 -43.42 -11.61 -16.58
CA ARG D 210 -42.24 -11.73 -17.44
C ARG D 210 -42.30 -10.65 -18.52
N HIS D 211 -41.13 -10.10 -18.88
CA HIS D 211 -41.05 -9.27 -20.07
C HIS D 211 -39.64 -9.35 -20.61
N SER D 212 -39.50 -9.40 -21.94
CA SER D 212 -38.20 -9.38 -22.64
C SER D 212 -38.23 -8.33 -23.75
N THR D 213 -37.10 -7.64 -23.97
CA THR D 213 -36.91 -6.84 -25.16
C THR D 213 -35.52 -7.11 -25.73
N GLY D 214 -35.45 -7.20 -27.05
CA GLY D 214 -34.20 -7.39 -27.77
C GLY D 214 -33.75 -8.85 -27.76
N ASP D 215 -32.45 -9.08 -27.69
CA ASP D 215 -31.83 -10.38 -27.95
C ASP D 215 -31.77 -11.23 -26.68
N THR D 216 -32.91 -11.75 -26.22
CA THR D 216 -33.02 -12.35 -24.91
C THR D 216 -33.09 -13.88 -24.98
N LYS D 217 -33.00 -14.45 -26.20
CA LYS D 217 -33.00 -15.89 -26.34
C LYS D 217 -31.70 -16.39 -26.95
N VAL D 218 -30.65 -15.56 -26.86
CA VAL D 218 -29.32 -15.93 -27.35
C VAL D 218 -28.48 -16.43 -26.18
N PRO D 219 -27.96 -17.68 -26.22
CA PRO D 219 -27.12 -18.20 -25.12
C PRO D 219 -25.78 -17.47 -25.01
N PHE D 220 -25.33 -17.22 -23.77
CA PHE D 220 -24.02 -16.62 -23.53
C PHE D 220 -23.52 -17.18 -22.19
N CYS D 221 -22.21 -17.12 -21.93
CA CYS D 221 -21.67 -17.68 -20.69
C CYS D 221 -21.86 -16.70 -19.55
N LEU D 222 -22.17 -17.24 -18.37
CA LEU D 222 -22.29 -16.49 -17.14
C LEU D 222 -20.97 -15.79 -16.82
N GLN D 223 -19.84 -16.52 -16.95
CA GLN D 223 -18.53 -16.02 -16.53
C GLN D 223 -18.67 -15.59 -15.06
N SER D 224 -18.26 -14.36 -14.72
CA SER D 224 -18.30 -13.92 -13.32
C SER D 224 -19.72 -13.78 -12.78
N CYS D 225 -20.75 -13.71 -13.65
CA CYS D 225 -22.12 -13.72 -13.13
C CYS D 225 -22.43 -14.99 -12.31
N VAL D 226 -21.66 -16.08 -12.50
CA VAL D 226 -21.90 -17.30 -11.74
C VAL D 226 -21.39 -17.20 -10.29
N LYS D 227 -20.53 -16.20 -10.01
CA LYS D 227 -19.88 -16.14 -8.69
C LYS D 227 -20.88 -16.03 -7.53
N PRO D 228 -21.91 -15.14 -7.58
CA PRO D 228 -22.90 -15.08 -6.51
C PRO D 228 -23.70 -16.38 -6.37
N LEU D 229 -23.91 -17.07 -7.49
CA LEU D 229 -24.74 -18.27 -7.52
C LEU D 229 -24.04 -19.41 -6.80
N LYS D 230 -22.74 -19.60 -7.06
CA LYS D 230 -22.05 -20.69 -6.38
C LYS D 230 -21.76 -20.33 -4.92
N TYR D 231 -21.59 -19.05 -4.62
CA TYR D 231 -21.47 -18.61 -3.22
C TYR D 231 -22.76 -18.94 -2.47
N ALA D 232 -23.92 -18.64 -3.09
CA ALA D 232 -25.22 -18.95 -2.48
C ALA D 232 -25.35 -20.45 -2.20
N ILE D 233 -24.91 -21.30 -3.15
CA ILE D 233 -24.95 -22.74 -2.98
C ILE D 233 -24.10 -23.16 -1.78
N ALA D 234 -22.86 -22.65 -1.71
CA ALA D 234 -21.96 -22.94 -0.59
C ALA D 234 -22.58 -22.54 0.75
N VAL D 235 -23.14 -21.32 0.84
CA VAL D 235 -23.73 -20.87 2.10
C VAL D 235 -24.98 -21.72 2.40
N ASN D 236 -25.76 -22.03 1.36
CA ASN D 236 -26.96 -22.85 1.51
C ASN D 236 -26.59 -24.19 2.19
N ASP D 237 -25.53 -24.86 1.70
CA ASP D 237 -25.20 -26.21 2.14
C ASP D 237 -24.39 -26.21 3.42
N LEU D 238 -23.57 -25.17 3.67
CA LEU D 238 -22.53 -25.20 4.70
C LEU D 238 -22.74 -24.17 5.80
N GLY D 239 -23.55 -23.12 5.54
CA GLY D 239 -23.74 -22.03 6.50
C GLY D 239 -22.68 -20.94 6.42
N THR D 240 -23.01 -19.74 6.92
CA THR D 240 -22.20 -18.53 6.81
C THR D 240 -20.85 -18.71 7.50
N GLU D 241 -20.88 -19.28 8.72
CA GLU D 241 -19.71 -19.38 9.58
C GLU D 241 -18.61 -20.21 8.90
N TYR D 242 -18.99 -21.39 8.38
CA TYR D 242 -17.99 -22.23 7.74
C TYR D 242 -17.40 -21.53 6.49
N VAL D 243 -18.29 -21.00 5.63
CA VAL D 243 -17.82 -20.43 4.36
C VAL D 243 -16.83 -19.28 4.63
N HIS D 244 -17.15 -18.40 5.59
CA HIS D 244 -16.33 -17.22 5.85
C HIS D 244 -15.12 -17.52 6.73
N ARG D 245 -14.91 -18.78 7.08
CA ARG D 245 -13.58 -19.18 7.52
C ARG D 245 -12.58 -19.18 6.35
N TYR D 246 -13.07 -19.31 5.11
CA TYR D 246 -12.19 -19.44 3.94
C TYR D 246 -12.20 -18.20 3.04
N VAL D 247 -13.23 -17.37 3.11
CA VAL D 247 -13.33 -16.18 2.26
C VAL D 247 -13.82 -15.01 3.10
N GLY D 248 -13.36 -13.78 2.81
CA GLY D 248 -13.80 -12.60 3.55
C GLY D 248 -15.15 -12.04 3.06
N LYS D 249 -15.48 -10.82 3.53
CA LYS D 249 -16.83 -10.33 3.41
C LYS D 249 -16.86 -8.87 2.94
N GLU D 250 -15.76 -8.38 2.35
CA GLU D 250 -15.67 -6.94 2.14
C GLU D 250 -14.91 -6.65 0.84
N PRO D 251 -15.18 -5.50 0.19
CA PRO D 251 -14.37 -5.07 -0.95
C PRO D 251 -12.92 -4.85 -0.53
N SER D 252 -11.94 -5.14 -1.41
CA SER D 252 -10.54 -4.92 -1.05
C SER D 252 -10.21 -3.42 -0.95
N GLY D 253 -10.99 -2.57 -1.64
CA GLY D 253 -10.64 -1.16 -1.76
C GLY D 253 -9.56 -0.91 -2.82
N LEU D 254 -8.57 -1.82 -2.93
CA LEU D 254 -7.42 -1.68 -3.82
C LEU D 254 -7.94 -1.56 -5.25
N ARG D 255 -7.53 -0.50 -5.96
CA ARG D 255 -8.10 -0.17 -7.26
C ARG D 255 -7.67 -1.23 -8.27
N PHE D 256 -7.48 -2.45 -7.77
CA PHE D 256 -6.98 -3.59 -8.53
C PHE D 256 -7.37 -4.89 -7.80
N ASN D 257 -7.73 -5.92 -8.57
CA ASN D 257 -7.73 -7.30 -8.12
C ASN D 257 -6.28 -7.72 -7.80
N LYS D 258 -5.41 -6.78 -7.36
CA LYS D 258 -4.00 -7.05 -7.48
C LYS D 258 -3.46 -7.88 -6.32
N LEU D 259 -4.06 -7.71 -5.13
CA LEU D 259 -3.72 -8.61 -4.03
C LEU D 259 -4.70 -9.78 -4.00
N PHE D 260 -4.19 -11.02 -3.81
CA PHE D 260 -5.04 -12.18 -3.75
C PHE D 260 -5.67 -12.37 -2.36
N LEU D 261 -5.00 -11.91 -1.30
CA LEU D 261 -5.39 -12.23 0.06
C LEU D 261 -5.49 -10.96 0.89
N ASN D 262 -6.47 -10.91 1.80
CA ASN D 262 -6.57 -9.83 2.77
C ASN D 262 -5.54 -10.09 3.88
N GLU D 263 -5.56 -9.25 4.92
CA GLU D 263 -4.54 -9.33 5.97
C GLU D 263 -4.69 -10.59 6.82
N ASP D 264 -5.87 -11.22 6.81
CA ASP D 264 -6.05 -12.48 7.51
C ASP D 264 -5.79 -13.68 6.59
N ASP D 265 -5.11 -13.46 5.45
CA ASP D 265 -4.73 -14.54 4.53
C ASP D 265 -5.96 -15.25 3.97
N LYS D 266 -7.05 -14.51 3.75
CA LYS D 266 -8.22 -15.03 3.05
C LYS D 266 -8.48 -14.14 1.84
N PRO D 267 -8.98 -14.71 0.73
CA PRO D 267 -9.43 -13.87 -0.40
C PRO D 267 -10.46 -12.88 0.13
N HIS D 268 -10.46 -11.69 -0.46
CA HIS D 268 -11.18 -10.55 0.09
C HIS D 268 -12.69 -10.84 0.21
N ASN D 269 -13.24 -11.50 -0.81
CA ASN D 269 -14.68 -11.72 -0.86
C ASN D 269 -14.95 -12.75 -1.96
N PRO D 270 -16.18 -13.30 -2.04
CA PRO D 270 -16.49 -14.31 -3.05
C PRO D 270 -16.64 -13.81 -4.50
N MET D 271 -16.64 -12.48 -4.70
CA MET D 271 -16.88 -11.90 -6.02
C MET D 271 -15.59 -11.63 -6.80
N VAL D 272 -14.41 -11.81 -6.17
CA VAL D 272 -13.14 -11.66 -6.89
C VAL D 272 -12.65 -13.06 -7.25
N ASN D 273 -11.76 -13.20 -8.25
CA ASN D 273 -11.36 -14.52 -8.75
C ASN D 273 -10.82 -15.45 -7.65
N ALA D 274 -9.93 -14.96 -6.78
CA ALA D 274 -9.36 -15.79 -5.72
C ALA D 274 -10.45 -16.26 -4.75
N GLY D 275 -11.43 -15.39 -4.45
CA GLY D 275 -12.51 -15.76 -3.55
C GLY D 275 -13.42 -16.81 -4.20
N ALA D 276 -13.70 -16.67 -5.51
CA ALA D 276 -14.54 -17.61 -6.21
C ALA D 276 -13.86 -18.98 -6.35
N ILE D 277 -12.54 -18.98 -6.53
CA ILE D 277 -11.75 -20.21 -6.54
C ILE D 277 -11.86 -20.94 -5.20
N VAL D 278 -11.72 -20.21 -4.08
CA VAL D 278 -11.86 -20.86 -2.77
C VAL D 278 -13.31 -21.35 -2.58
N VAL D 279 -14.30 -20.52 -2.96
CA VAL D 279 -15.69 -20.96 -2.84
C VAL D 279 -15.91 -22.26 -3.61
N THR D 280 -15.35 -22.34 -4.83
CA THR D 280 -15.48 -23.53 -5.66
C THR D 280 -15.01 -24.79 -4.91
N SER D 281 -13.93 -24.65 -4.13
CA SER D 281 -13.34 -25.75 -3.38
C SER D 281 -14.23 -26.20 -2.22
N LEU D 282 -15.27 -25.44 -1.85
CA LEU D 282 -16.05 -25.76 -0.67
C LEU D 282 -17.24 -26.65 -1.03
N ILE D 283 -17.65 -26.63 -2.30
CA ILE D 283 -18.92 -27.21 -2.72
C ILE D 283 -18.75 -28.73 -2.90
N LYS D 284 -19.66 -29.51 -2.28
CA LYS D 284 -19.77 -30.94 -2.52
C LYS D 284 -18.39 -31.62 -2.40
N GLN D 285 -17.70 -31.40 -1.28
CA GLN D 285 -16.34 -31.90 -1.15
C GLN D 285 -16.35 -33.43 -1.14
N GLY D 286 -15.27 -34.05 -1.62
CA GLY D 286 -15.15 -35.49 -1.53
C GLY D 286 -15.67 -36.26 -2.75
N VAL D 287 -16.46 -35.64 -3.65
CA VAL D 287 -16.89 -36.33 -4.87
C VAL D 287 -16.06 -35.82 -6.06
N ASN D 288 -16.14 -36.52 -7.20
CA ASN D 288 -15.37 -36.13 -8.36
C ASN D 288 -16.03 -34.93 -9.05
N ASN D 289 -15.32 -34.33 -10.01
CA ASN D 289 -15.72 -33.09 -10.68
C ASN D 289 -17.02 -33.28 -11.45
N ALA D 290 -17.22 -34.46 -12.03
CA ALA D 290 -18.42 -34.72 -12.83
C ALA D 290 -19.66 -34.59 -11.95
N GLU D 291 -19.60 -35.13 -10.72
CA GLU D 291 -20.71 -35.09 -9.80
C GLU D 291 -20.86 -33.71 -9.16
N LYS D 292 -19.75 -33.01 -8.89
CA LYS D 292 -19.81 -31.63 -8.39
C LYS D 292 -20.54 -30.75 -9.41
N PHE D 293 -20.16 -30.87 -10.68
CA PHE D 293 -20.75 -30.11 -11.79
C PHE D 293 -22.24 -30.40 -11.92
N ASP D 294 -22.62 -31.70 -11.91
CA ASP D 294 -24.02 -32.11 -12.01
C ASP D 294 -24.83 -31.51 -10.87
N TYR D 295 -24.29 -31.56 -9.66
CA TYR D 295 -24.94 -30.98 -8.50
C TYR D 295 -25.18 -29.47 -8.70
N VAL D 296 -24.16 -28.73 -9.12
CA VAL D 296 -24.35 -27.30 -9.34
C VAL D 296 -25.38 -27.05 -10.46
N MET D 297 -25.31 -27.83 -11.53
CA MET D 297 -26.20 -27.66 -12.68
C MET D 297 -27.65 -27.90 -12.23
N GLN D 298 -27.89 -28.89 -11.37
CA GLN D 298 -29.24 -29.17 -10.89
C GLN D 298 -29.73 -27.98 -10.06
N PHE D 299 -28.81 -27.39 -9.28
CA PHE D 299 -29.19 -26.27 -8.45
C PHE D 299 -29.55 -25.07 -9.32
N LEU D 300 -28.76 -24.80 -10.37
CA LEU D 300 -29.05 -23.69 -11.25
C LEU D 300 -30.36 -23.93 -12.00
N ASN D 301 -30.65 -25.17 -12.40
CA ASN D 301 -31.91 -25.50 -13.08
C ASN D 301 -33.10 -25.07 -12.22
N LYS D 302 -33.04 -25.37 -10.92
CA LYS D 302 -34.10 -24.97 -10.01
C LYS D 302 -34.19 -23.45 -9.88
N MET D 303 -33.04 -22.76 -9.78
CA MET D 303 -33.06 -21.30 -9.65
C MET D 303 -33.70 -20.66 -10.89
N ALA D 304 -33.50 -21.28 -12.06
CA ALA D 304 -34.02 -20.77 -13.33
C ALA D 304 -35.41 -21.33 -13.64
N GLY D 305 -36.05 -22.03 -12.68
CA GLY D 305 -37.36 -22.62 -12.89
C GLY D 305 -37.38 -23.55 -14.12
N ASN D 306 -36.23 -24.19 -14.39
CA ASN D 306 -36.03 -25.19 -15.44
C ASN D 306 -35.96 -24.58 -16.83
N GLU D 307 -35.73 -23.26 -16.93
CA GLU D 307 -35.43 -22.67 -18.24
C GLU D 307 -33.96 -22.92 -18.55
N TYR D 308 -33.51 -22.45 -19.71
CA TYR D 308 -32.25 -22.87 -20.31
C TYR D 308 -31.04 -22.60 -19.40
N VAL D 309 -30.32 -23.69 -19.11
CA VAL D 309 -29.01 -23.65 -18.51
C VAL D 309 -28.18 -24.68 -19.28
N GLY D 310 -27.08 -24.23 -19.87
CA GLY D 310 -26.28 -25.06 -20.75
C GLY D 310 -24.79 -24.94 -20.41
N PHE D 311 -23.96 -25.31 -21.38
CA PHE D 311 -22.53 -25.38 -21.15
C PHE D 311 -21.80 -25.14 -22.47
N SER D 312 -20.76 -24.28 -22.45
CA SER D 312 -20.00 -23.96 -23.65
C SER D 312 -18.63 -24.62 -23.54
N ASN D 313 -18.48 -25.78 -24.19
CA ASN D 313 -17.21 -26.51 -24.13
C ASN D 313 -16.11 -25.69 -24.77
N ALA D 314 -16.45 -24.90 -25.80
CA ALA D 314 -15.48 -24.05 -26.48
C ALA D 314 -14.93 -22.98 -25.53
N THR D 315 -15.80 -22.37 -24.72
CA THR D 315 -15.37 -21.38 -23.73
C THR D 315 -14.50 -22.06 -22.67
N PHE D 316 -14.91 -23.26 -22.24
CA PHE D 316 -14.15 -23.99 -21.24
C PHE D 316 -12.72 -24.27 -21.71
N GLN D 317 -12.57 -24.80 -22.93
CA GLN D 317 -11.27 -25.09 -23.51
C GLN D 317 -10.41 -23.82 -23.55
N SER D 318 -10.99 -22.69 -23.97
CA SER D 318 -10.26 -21.43 -24.05
C SER D 318 -9.88 -20.87 -22.67
N GLU D 319 -10.78 -20.92 -21.70
CA GLU D 319 -10.49 -20.46 -20.34
C GLU D 319 -9.30 -21.24 -19.77
N ARG D 320 -9.31 -22.56 -19.97
CA ARG D 320 -8.30 -23.41 -19.37
C ARG D 320 -6.93 -23.24 -20.06
N GLU D 321 -6.89 -22.80 -21.33
CA GLU D 321 -5.64 -22.69 -22.05
C GLU D 321 -5.02 -21.31 -21.83
N SER D 322 -5.84 -20.33 -21.45
CA SER D 322 -5.32 -19.03 -21.10
C SER D 322 -5.56 -18.70 -19.62
N GLY D 323 -5.56 -19.72 -18.75
CA GLY D 323 -5.84 -19.44 -17.35
C GLY D 323 -4.59 -19.22 -16.50
N ASP D 324 -3.53 -18.59 -17.06
CA ASP D 324 -2.28 -18.45 -16.32
C ASP D 324 -2.49 -17.69 -15.01
N ARG D 325 -3.26 -16.60 -15.05
CA ARG D 325 -3.52 -15.83 -13.84
C ARG D 325 -4.22 -16.68 -12.78
N ASN D 326 -5.13 -17.55 -13.20
CA ASN D 326 -5.89 -18.40 -12.27
C ASN D 326 -5.01 -19.50 -11.68
N PHE D 327 -4.10 -20.05 -12.47
CA PHE D 327 -3.08 -20.95 -11.94
C PHE D 327 -2.18 -20.25 -10.92
N ALA D 328 -1.82 -19.00 -11.18
CA ALA D 328 -1.04 -18.24 -10.21
C ALA D 328 -1.78 -18.13 -8.88
N ILE D 329 -3.09 -17.81 -8.94
CA ILE D 329 -3.94 -17.72 -7.76
C ILE D 329 -3.97 -19.08 -7.08
N GLY D 330 -4.21 -20.14 -7.85
CA GLY D 330 -4.36 -21.46 -7.27
C GLY D 330 -3.13 -21.90 -6.48
N TYR D 331 -1.94 -21.72 -7.07
CA TYR D 331 -0.69 -22.06 -6.39
C TYR D 331 -0.48 -21.19 -5.16
N TYR D 332 -0.82 -19.91 -5.28
CA TYR D 332 -0.66 -18.98 -4.17
C TYR D 332 -1.53 -19.39 -2.98
N LEU D 333 -2.81 -19.71 -3.23
CA LEU D 333 -3.76 -20.14 -2.21
C LEU D 333 -3.30 -21.46 -1.59
N LYS D 334 -2.81 -22.38 -2.42
CA LYS D 334 -2.32 -23.65 -1.91
C LYS D 334 -1.17 -23.42 -0.93
N GLU D 335 -0.20 -22.61 -1.32
CA GLU D 335 0.95 -22.30 -0.49
C GLU D 335 0.53 -21.66 0.85
N LYS D 336 -0.46 -20.76 0.80
CA LYS D 336 -0.92 -20.05 2.00
C LYS D 336 -1.99 -20.85 2.76
N LYS D 337 -2.24 -22.11 2.37
CA LYS D 337 -3.13 -23.06 3.06
C LYS D 337 -4.57 -22.55 3.10
N CYS D 338 -5.08 -22.04 1.98
CA CYS D 338 -6.38 -21.38 1.97
C CYS D 338 -7.50 -22.37 1.66
N PHE D 339 -7.16 -23.58 1.23
CA PHE D 339 -8.13 -24.58 0.80
C PHE D 339 -8.52 -25.51 1.94
N PRO D 340 -9.75 -26.11 1.93
CA PRO D 340 -10.07 -27.15 2.91
C PRO D 340 -9.08 -28.32 2.75
N GLU D 341 -8.80 -28.98 3.88
CA GLU D 341 -7.92 -30.13 3.93
C GLU D 341 -8.32 -31.12 2.86
N GLY D 342 -7.33 -31.67 2.14
CA GLY D 342 -7.59 -32.73 1.16
C GLY D 342 -8.01 -32.21 -0.22
N THR D 343 -7.86 -30.91 -0.47
CA THR D 343 -8.26 -30.31 -1.74
C THR D 343 -7.22 -30.66 -2.81
N ASP D 344 -7.70 -31.05 -3.99
CA ASP D 344 -6.89 -31.18 -5.19
C ASP D 344 -6.97 -29.86 -5.97
N MET D 345 -5.94 -29.01 -5.83
CA MET D 345 -6.05 -27.63 -6.26
C MET D 345 -6.21 -27.56 -7.79
N VAL D 346 -5.48 -28.38 -8.54
CA VAL D 346 -5.55 -28.34 -10.00
C VAL D 346 -6.92 -28.84 -10.48
N GLY D 347 -7.51 -29.79 -9.76
CA GLY D 347 -8.87 -30.26 -10.03
C GLY D 347 -9.92 -29.17 -9.79
N ILE D 348 -9.76 -28.39 -8.71
CA ILE D 348 -10.63 -27.26 -8.38
C ILE D 348 -10.56 -26.18 -9.48
N LEU D 349 -9.35 -25.90 -10.00
CA LEU D 349 -9.23 -24.93 -11.09
C LEU D 349 -10.01 -25.37 -12.31
N ASP D 350 -9.97 -26.68 -12.61
CA ASP D 350 -10.69 -27.21 -13.75
C ASP D 350 -12.20 -27.03 -13.56
N PHE D 351 -12.70 -27.35 -12.36
CA PHE D 351 -14.10 -27.15 -11.99
C PHE D 351 -14.49 -25.66 -12.11
N TYR D 352 -13.61 -24.77 -11.60
CA TYR D 352 -13.82 -23.33 -11.70
C TYR D 352 -14.01 -22.89 -13.15
N PHE D 353 -13.16 -23.32 -14.08
CA PHE D 353 -13.29 -22.97 -15.49
C PHE D 353 -14.60 -23.51 -16.09
N GLN D 354 -15.03 -24.69 -15.66
CA GLN D 354 -16.31 -25.25 -16.09
C GLN D 354 -17.48 -24.36 -15.65
N LEU D 355 -17.48 -23.92 -14.38
CA LEU D 355 -18.54 -23.08 -13.85
C LEU D 355 -18.63 -21.73 -14.59
N CYS D 356 -17.48 -21.15 -14.97
CA CYS D 356 -17.44 -19.92 -15.75
C CYS D 356 -18.05 -20.10 -17.15
N SER D 357 -18.09 -21.35 -17.64
CA SER D 357 -18.51 -21.67 -19.00
C SER D 357 -19.98 -22.10 -19.09
N ILE D 358 -20.69 -22.07 -17.95
CA ILE D 358 -22.12 -22.33 -17.95
C ILE D 358 -22.85 -21.24 -18.73
N GLU D 359 -23.80 -21.65 -19.60
CA GLU D 359 -24.53 -20.75 -20.49
C GLU D 359 -25.96 -20.54 -19.98
N VAL D 360 -26.49 -19.32 -20.23
CA VAL D 360 -27.87 -18.96 -19.94
C VAL D 360 -28.38 -18.13 -21.12
N THR D 361 -29.67 -17.78 -21.12
CA THR D 361 -30.19 -16.68 -21.93
C THR D 361 -30.57 -15.55 -20.97
N CYS D 362 -30.85 -14.34 -21.48
CA CYS D 362 -31.40 -13.29 -20.63
C CYS D 362 -32.65 -13.79 -19.93
N GLU D 363 -33.49 -14.54 -20.66
CA GLU D 363 -34.75 -15.02 -20.12
C GLU D 363 -34.53 -15.95 -18.94
N SER D 364 -33.67 -16.97 -19.10
CA SER D 364 -33.48 -17.92 -18.02
C SER D 364 -32.72 -17.29 -16.83
N ALA D 365 -31.74 -16.43 -17.12
CA ALA D 365 -31.00 -15.77 -16.05
C ALA D 365 -31.87 -14.78 -15.27
N SER D 366 -32.86 -14.15 -15.91
CA SER D 366 -33.72 -13.23 -15.16
C SER D 366 -34.50 -13.98 -14.07
N VAL D 367 -34.84 -15.25 -14.34
CA VAL D 367 -35.55 -16.07 -13.36
C VAL D 367 -34.61 -16.40 -12.20
N MET D 368 -33.34 -16.72 -12.48
CA MET D 368 -32.36 -16.93 -11.41
C MET D 368 -32.24 -15.68 -10.53
N ALA D 369 -32.19 -14.50 -11.15
CA ALA D 369 -32.13 -13.24 -10.39
C ALA D 369 -33.40 -13.03 -9.59
N ALA D 370 -34.55 -13.46 -10.13
CA ALA D 370 -35.82 -13.31 -9.43
C ALA D 370 -35.91 -14.24 -8.22
N THR D 371 -35.26 -15.42 -8.28
CA THR D 371 -35.17 -16.30 -7.13
C THR D 371 -34.45 -15.60 -5.97
N LEU D 372 -33.37 -14.87 -6.30
CA LEU D 372 -32.66 -14.05 -5.31
C LEU D 372 -33.51 -12.88 -4.81
N ALA D 373 -34.33 -12.28 -5.70
CA ALA D 373 -35.22 -11.18 -5.28
C ALA D 373 -36.34 -11.67 -4.37
N ASN D 374 -36.64 -12.98 -4.45
CA ASN D 374 -37.81 -13.58 -3.83
C ASN D 374 -37.41 -14.43 -2.63
N GLY D 375 -36.29 -14.10 -1.98
CA GLY D 375 -35.93 -14.76 -0.72
C GLY D 375 -35.57 -16.25 -0.89
N GLY D 376 -35.20 -16.65 -2.11
CA GLY D 376 -34.75 -18.01 -2.35
C GLY D 376 -35.84 -18.96 -2.89
N PHE D 377 -37.05 -18.43 -3.11
CA PHE D 377 -38.10 -19.21 -3.75
C PHE D 377 -38.15 -18.83 -5.23
N CYS D 378 -38.18 -19.83 -6.11
CA CYS D 378 -38.26 -19.56 -7.53
C CYS D 378 -39.68 -19.05 -7.83
N PRO D 379 -39.85 -17.85 -8.41
CA PRO D 379 -41.18 -17.27 -8.61
C PRO D 379 -42.08 -18.01 -9.60
N ILE D 380 -41.51 -18.71 -10.60
CA ILE D 380 -42.37 -19.33 -11.61
C ILE D 380 -42.70 -20.79 -11.26
N THR D 381 -42.15 -21.31 -10.15
CA THR D 381 -42.48 -22.68 -9.75
C THR D 381 -42.97 -22.73 -8.30
N GLY D 382 -42.67 -21.71 -7.49
CA GLY D 382 -42.97 -21.75 -6.05
C GLY D 382 -42.01 -22.61 -5.23
N GLU D 383 -40.98 -23.21 -5.83
CA GLU D 383 -40.10 -24.11 -5.10
C GLU D 383 -39.06 -23.33 -4.28
N ARG D 384 -38.82 -23.77 -3.04
CA ARG D 384 -37.74 -23.24 -2.21
C ARG D 384 -36.41 -23.78 -2.74
N VAL D 385 -35.52 -22.90 -3.19
CA VAL D 385 -34.26 -23.31 -3.80
C VAL D 385 -33.10 -23.00 -2.86
N LEU D 386 -33.10 -21.82 -2.21
CA LEU D 386 -31.97 -21.42 -1.38
C LEU D 386 -32.49 -20.96 -0.03
N SER D 387 -31.69 -21.16 1.04
CA SER D 387 -32.09 -20.67 2.35
C SER D 387 -32.11 -19.13 2.36
N PRO D 388 -32.92 -18.49 3.22
CA PRO D 388 -32.91 -17.03 3.34
C PRO D 388 -31.53 -16.45 3.70
N GLU D 389 -30.77 -17.15 4.55
CA GLU D 389 -29.40 -16.77 4.89
C GLU D 389 -28.48 -16.71 3.66
N ALA D 390 -28.52 -17.74 2.81
CA ALA D 390 -27.73 -17.78 1.59
C ALA D 390 -28.04 -16.57 0.68
N VAL D 391 -29.33 -16.27 0.52
CA VAL D 391 -29.76 -15.19 -0.36
C VAL D 391 -29.33 -13.83 0.21
N ARG D 392 -29.60 -13.59 1.49
CA ARG D 392 -29.24 -12.32 2.10
C ARG D 392 -27.74 -12.03 2.00
N ASN D 393 -26.89 -13.01 2.32
CA ASN D 393 -25.45 -12.85 2.23
C ASN D 393 -25.03 -12.57 0.78
N THR D 394 -25.61 -13.30 -0.19
CA THR D 394 -25.24 -13.15 -1.59
C THR D 394 -25.56 -11.73 -2.09
N LEU D 395 -26.75 -11.23 -1.75
CA LEU D 395 -27.18 -9.88 -2.13
C LEU D 395 -26.30 -8.81 -1.47
N SER D 396 -25.92 -9.00 -0.19
CA SER D 396 -25.04 -8.07 0.50
C SER D 396 -23.71 -7.92 -0.23
N LEU D 397 -23.14 -9.04 -0.67
CA LEU D 397 -21.81 -9.02 -1.31
C LEU D 397 -21.90 -8.57 -2.78
N MET D 398 -23.03 -8.83 -3.45
CA MET D 398 -23.23 -8.31 -4.80
C MET D 398 -23.33 -6.78 -4.72
N HIS D 399 -23.99 -6.28 -3.66
CA HIS D 399 -24.13 -4.84 -3.47
C HIS D 399 -22.76 -4.15 -3.43
N SER D 400 -21.83 -4.68 -2.62
CA SER D 400 -20.59 -3.98 -2.35
C SER D 400 -19.44 -4.43 -3.28
N CYS D 401 -19.51 -5.62 -3.90
CA CYS D 401 -18.35 -6.22 -4.56
C CYS D 401 -18.63 -6.70 -5.99
N GLY D 402 -19.81 -6.41 -6.53
CA GLY D 402 -20.28 -7.16 -7.70
C GLY D 402 -19.91 -6.57 -9.08
N MET D 403 -19.39 -5.34 -9.12
CA MET D 403 -19.23 -4.65 -10.40
C MET D 403 -17.78 -4.22 -10.61
N TYR D 404 -16.86 -5.12 -10.21
CA TYR D 404 -15.41 -4.91 -10.28
C TYR D 404 -15.02 -3.61 -9.58
N ASP D 405 -14.11 -2.82 -10.18
CA ASP D 405 -13.67 -1.56 -9.59
C ASP D 405 -14.75 -0.47 -9.64
N PHE D 406 -15.86 -0.72 -10.36
CA PHE D 406 -16.97 0.24 -10.37
C PHE D 406 -17.94 -0.01 -9.21
N SER D 407 -17.63 -0.99 -8.33
CA SER D 407 -18.59 -1.42 -7.32
C SER D 407 -19.04 -0.28 -6.41
N GLY D 408 -18.09 0.55 -5.95
CA GLY D 408 -18.39 1.64 -5.03
C GLY D 408 -19.31 2.70 -5.66
N GLN D 409 -19.01 3.05 -6.93
CA GLN D 409 -19.80 4.03 -7.66
C GLN D 409 -21.20 3.48 -7.91
N PHE D 410 -21.26 2.21 -8.29
CA PHE D 410 -22.53 1.55 -8.61
C PHE D 410 -23.39 1.48 -7.35
N ALA D 411 -22.80 1.08 -6.20
CA ALA D 411 -23.56 1.02 -4.95
C ALA D 411 -24.14 2.40 -4.62
N PHE D 412 -23.36 3.45 -4.84
CA PHE D 412 -23.79 4.81 -4.48
C PHE D 412 -24.90 5.31 -5.42
N HIS D 413 -24.71 5.20 -6.73
CA HIS D 413 -25.66 5.80 -7.68
C HIS D 413 -26.84 4.85 -7.97
N VAL D 414 -26.58 3.55 -8.12
CA VAL D 414 -27.66 2.64 -8.51
C VAL D 414 -28.30 2.00 -7.26
N GLY D 415 -27.46 1.56 -6.32
CA GLY D 415 -27.97 1.05 -5.04
C GLY D 415 -28.75 -0.27 -5.15
N LEU D 416 -28.34 -1.15 -6.08
CA LEU D 416 -28.98 -2.45 -6.29
C LEU D 416 -27.89 -3.51 -6.29
N PRO D 417 -28.16 -4.72 -5.74
CA PRO D 417 -27.21 -5.83 -5.87
C PRO D 417 -27.11 -6.23 -7.35
N ALA D 418 -25.89 -6.24 -7.91
CA ALA D 418 -25.74 -6.64 -9.30
C ALA D 418 -24.42 -7.38 -9.44
N LYS D 419 -24.31 -8.20 -10.50
CA LYS D 419 -23.05 -8.88 -10.77
C LYS D 419 -22.79 -8.86 -12.28
N SER D 420 -21.62 -8.36 -12.70
CA SER D 420 -21.29 -8.30 -14.11
C SER D 420 -20.38 -9.48 -14.49
N GLY D 421 -20.23 -9.71 -15.80
CA GLY D 421 -19.36 -10.74 -16.36
C GLY D 421 -18.81 -10.34 -17.72
N VAL D 422 -17.70 -10.98 -18.14
CA VAL D 422 -16.94 -10.53 -19.30
C VAL D 422 -17.68 -10.81 -20.62
N ALA D 423 -18.69 -11.67 -20.60
CA ALA D 423 -19.48 -11.92 -21.81
C ALA D 423 -20.50 -10.78 -22.03
N GLY D 424 -20.61 -9.84 -21.06
CA GLY D 424 -21.46 -8.67 -21.22
C GLY D 424 -22.74 -8.76 -20.41
N GLY D 425 -22.82 -9.78 -19.53
CA GLY D 425 -24.03 -9.93 -18.72
C GLY D 425 -23.98 -9.06 -17.46
N ILE D 426 -25.14 -8.52 -17.07
CA ILE D 426 -25.32 -7.93 -15.74
C ILE D 426 -26.54 -8.58 -15.11
N LEU D 427 -26.31 -9.40 -14.08
CA LEU D 427 -27.37 -10.00 -13.29
C LEU D 427 -27.80 -8.96 -12.24
N LEU D 428 -29.08 -8.57 -12.23
CA LEU D 428 -29.53 -7.46 -11.40
C LEU D 428 -30.72 -7.91 -10.54
N VAL D 429 -30.67 -7.55 -9.24
CA VAL D 429 -31.74 -7.93 -8.33
C VAL D 429 -32.34 -6.65 -7.75
N VAL D 430 -33.67 -6.53 -7.81
CA VAL D 430 -34.41 -5.53 -7.04
C VAL D 430 -35.13 -6.30 -5.94
N PRO D 431 -34.58 -6.33 -4.69
CA PRO D 431 -35.13 -7.22 -3.66
C PRO D 431 -36.62 -6.94 -3.47
N ASN D 432 -37.40 -8.02 -3.29
CA ASN D 432 -38.84 -7.92 -3.07
C ASN D 432 -39.61 -7.53 -4.32
N VAL D 433 -38.93 -7.29 -5.46
CA VAL D 433 -39.62 -6.79 -6.64
C VAL D 433 -39.35 -7.69 -7.85
N MET D 434 -38.07 -7.80 -8.29
CA MET D 434 -37.86 -8.52 -9.54
C MET D 434 -36.39 -8.86 -9.71
N GLY D 435 -36.13 -9.82 -10.61
CA GLY D 435 -34.79 -10.01 -11.11
C GLY D 435 -34.72 -9.61 -12.58
N MET D 436 -33.52 -9.26 -13.03
CA MET D 436 -33.31 -8.95 -14.44
C MET D 436 -31.97 -9.53 -14.85
N MET D 437 -31.85 -9.76 -16.16
CA MET D 437 -30.56 -9.99 -16.77
C MET D 437 -30.48 -9.06 -17.97
N CYS D 438 -29.42 -8.23 -18.00
CA CYS D 438 -29.11 -7.34 -19.12
C CYS D 438 -27.89 -7.95 -19.82
N TRP D 439 -27.89 -7.99 -21.16
CA TRP D 439 -26.74 -8.54 -21.86
C TRP D 439 -26.40 -7.73 -23.11
N SER D 440 -25.17 -7.21 -23.14
CA SER D 440 -24.62 -6.62 -24.35
C SER D 440 -23.10 -6.80 -24.32
N PRO D 441 -22.49 -7.56 -25.26
CA PRO D 441 -21.05 -7.82 -25.24
C PRO D 441 -20.05 -6.66 -25.05
N PRO D 442 -20.19 -5.46 -25.67
CA PRO D 442 -19.16 -4.43 -25.53
C PRO D 442 -19.01 -3.91 -24.08
N LEU D 443 -17.77 -3.94 -23.55
CA LEU D 443 -17.48 -3.61 -22.16
C LEU D 443 -16.80 -2.25 -22.07
N ASP D 444 -17.02 -1.53 -20.96
CA ASP D 444 -16.30 -0.30 -20.69
C ASP D 444 -14.92 -0.65 -20.15
N LYS D 445 -14.17 0.40 -19.78
CA LYS D 445 -12.82 0.28 -19.27
C LYS D 445 -12.77 -0.49 -17.94
N MET D 446 -13.90 -0.59 -17.21
CA MET D 446 -13.92 -1.30 -15.92
C MET D 446 -14.23 -2.78 -16.14
N GLY D 447 -14.66 -3.16 -17.35
CA GLY D 447 -15.04 -4.55 -17.60
C GLY D 447 -16.56 -4.77 -17.60
N ASN D 448 -17.35 -3.69 -17.42
CA ASN D 448 -18.81 -3.80 -17.33
C ASN D 448 -19.47 -3.48 -18.68
N SER D 449 -20.52 -4.21 -19.05
CA SER D 449 -21.30 -3.92 -20.26
C SER D 449 -21.71 -2.44 -20.29
N VAL D 450 -21.38 -1.72 -21.38
CA VAL D 450 -21.70 -0.30 -21.50
C VAL D 450 -23.21 -0.11 -21.49
N LYS D 451 -23.94 -0.88 -22.31
CA LYS D 451 -25.39 -0.74 -22.37
C LYS D 451 -26.08 -1.11 -21.06
N GLY D 452 -25.65 -2.21 -20.43
CA GLY D 452 -26.21 -2.64 -19.15
C GLY D 452 -26.03 -1.57 -18.07
N ILE D 453 -24.82 -0.99 -17.96
CA ILE D 453 -24.54 0.06 -16.98
C ILE D 453 -25.46 1.25 -17.21
N HIS D 454 -25.59 1.69 -18.48
CA HIS D 454 -26.45 2.81 -18.81
C HIS D 454 -27.91 2.50 -18.41
N PHE D 455 -28.39 1.29 -18.75
CA PHE D 455 -29.74 0.86 -18.40
C PHE D 455 -29.96 0.86 -16.87
N CYS D 456 -29.03 0.30 -16.11
CA CYS D 456 -29.16 0.27 -14.65
C CYS D 456 -29.28 1.67 -14.03
N HIS D 457 -28.47 2.63 -14.48
CA HIS D 457 -28.59 4.01 -14.03
C HIS D 457 -29.95 4.61 -14.38
N ASP D 458 -30.41 4.44 -15.63
CA ASP D 458 -31.71 4.98 -16.02
C ASP D 458 -32.85 4.33 -15.24
N LEU D 459 -32.76 3.02 -14.99
CA LEU D 459 -33.81 2.34 -14.25
C LEU D 459 -34.00 2.98 -12.87
N VAL D 460 -32.90 3.29 -12.16
CA VAL D 460 -33.02 3.84 -10.83
C VAL D 460 -33.30 5.36 -10.87
N SER D 461 -32.89 6.05 -11.96
CA SER D 461 -33.32 7.44 -12.16
C SER D 461 -34.84 7.52 -12.25
N LEU D 462 -35.45 6.54 -12.92
CA LEU D 462 -36.89 6.57 -13.17
C LEU D 462 -37.69 6.12 -11.94
N CYS D 463 -37.30 4.98 -11.33
CA CYS D 463 -38.10 4.28 -10.32
C CYS D 463 -37.43 4.31 -8.95
N ASN D 464 -38.24 4.27 -7.87
CA ASN D 464 -37.76 4.37 -6.49
C ASN D 464 -37.26 2.99 -6.00
N PHE D 465 -36.29 2.41 -6.73
CA PHE D 465 -35.75 1.09 -6.47
C PHE D 465 -34.39 1.14 -5.78
N HIS D 466 -33.77 2.33 -5.65
CA HIS D 466 -32.48 2.38 -4.97
C HIS D 466 -32.69 1.83 -3.57
N ASN D 467 -31.73 1.03 -3.09
CA ASN D 467 -31.72 0.50 -1.72
C ASN D 467 -32.12 1.56 -0.67
N TYR D 468 -31.73 2.84 -0.86
CA TYR D 468 -31.98 3.86 0.14
C TYR D 468 -32.89 4.95 -0.41
N ASP D 469 -33.68 4.65 -1.47
CA ASP D 469 -34.85 5.45 -1.77
C ASP D 469 -35.91 5.19 -0.68
N ASN D 470 -36.76 6.19 -0.45
CA ASN D 470 -37.80 6.06 0.61
C ASN D 470 -39.15 5.79 -0.07
N LEU D 471 -39.69 4.58 0.13
CA LEU D 471 -40.97 4.20 -0.54
C LEU D 471 -42.05 5.23 -0.21
N ARG D 472 -41.95 5.89 0.94
CA ARG D 472 -42.93 6.95 1.32
C ARG D 472 -42.80 8.11 0.33
N HIS D 473 -41.83 9.00 0.56
CA HIS D 473 -41.63 10.17 -0.34
C HIS D 473 -40.41 9.89 -1.23
N PHE D 474 -40.58 10.07 -2.55
CA PHE D 474 -39.44 9.85 -3.48
C PHE D 474 -39.40 10.94 -4.55
N ALA D 475 -39.90 12.15 -4.27
CA ALA D 475 -39.73 13.24 -5.22
C ALA D 475 -40.47 12.90 -6.52
N LYS D 476 -39.72 12.87 -7.62
CA LYS D 476 -40.27 12.77 -8.96
C LYS D 476 -40.26 11.32 -9.49
N LYS D 477 -39.79 10.35 -8.69
CA LYS D 477 -39.65 9.01 -9.21
C LYS D 477 -41.03 8.38 -9.36
N LEU D 478 -41.16 7.39 -10.25
CA LEU D 478 -42.32 6.51 -10.33
C LEU D 478 -42.10 5.33 -9.39
N ASP D 479 -43.18 4.90 -8.70
CA ASP D 479 -43.17 3.68 -7.90
C ASP D 479 -44.08 2.65 -8.56
N PRO D 480 -43.51 1.68 -9.31
CA PRO D 480 -44.33 0.70 -10.06
C PRO D 480 -45.08 -0.31 -9.19
N ARG D 481 -44.83 -0.29 -7.87
CA ARG D 481 -45.57 -1.09 -6.92
C ARG D 481 -46.95 -0.49 -6.62
N ARG D 482 -47.20 0.76 -7.01
CA ARG D 482 -48.48 1.39 -6.74
C ARG D 482 -49.34 1.46 -8.01
N GLU D 483 -50.65 1.66 -7.81
CA GLU D 483 -51.55 2.15 -8.84
C GLU D 483 -51.44 3.68 -8.90
#